data_9FFT
#
_entry.id   9FFT
#
_cell.length_a   1.00
_cell.length_b   1.00
_cell.length_c   1.00
_cell.angle_alpha   90.00
_cell.angle_beta   90.00
_cell.angle_gamma   90.00
#
_symmetry.space_group_name_H-M   'P 1'
#
loop_
_entity.id
_entity.type
_entity.pdbx_description
1 polymer 'Gamma-aminobutyric acid receptor subunit alpha-1'
2 polymer 'Gamma-aminobutyric acid receptor subunit beta-3'
3 polymer 'Megabody25,Outer membrane protein'
4 branched alpha-D-mannopyranose-(1-3)-[alpha-D-mannopyranose-(1-6)]beta-D-mannopyranose-(1-4)-2-acetamido-2-deoxy-beta-D-glucopyranose-(1-4)-2-acetamido-2-deoxy-beta-D-glucopyranose
5 branched 2-acetamido-2-deoxy-beta-D-glucopyranose-(1-4)-2-acetamido-2-deoxy-beta-D-glucopyranose
6 non-polymer 'GAMMA-AMINO-BUTANOIC ACID'
#
loop_
_entity_poly.entity_id
_entity_poly.type
_entity_poly.pdbx_seq_one_letter_code
_entity_poly.pdbx_strand_id
1 'polypeptide(L)'
;MDEKTTGWRGGHVVEGLAGELEQLRARLEHHPQGQREPDYDIPTTENLYFQGTGQPSQDELKDNTTVFTRILDRLLDGYD
NRLRPGLGERVTEVKTDIFVTSFGPVSDHDMEYTIDVFFRQSWKDERLKFKGPMTVLRLNNLMASKIWTPDTFFHNGKKS
VAHNMTMPNKLLRITEDGTLLYTMRLTVRAECPMHLEDFPMDAHACPLKFGSYAYTRAEVVYEWTREPARSVVVAEDGSR
LNQYDLLGQTVDSGIVQSSTGEYVVMTTHFHLKRKIGYFVIQTYLPCIMTVILSQVSFWLNRESVPARTVFGVTTVLTMT
TLSISARNSLPKVAYATAMDWFIAVCYAFVFSALIEFATVNYFTKSQPARAAKIDRLSRIAFPLLFGIFNLVYWATYLNR
EPQLKAPTPHQ
;
D,A
2 'polypeptide(L)'
;MDEKTTGWRGGHVVEGLAGELEQLRARLEHHPQGQREPDYDIPTTENLYFQGTGQSVNDPGNMSFVKETVDKLLKGYDIR
LRPDFGGPPVCVGMNIDIASIDMVSEVNMDYTLTMYFQQYWRDKRLAYSGIPLNLTLDNRVADQLWVPDTYFLNDKKSFV
HGVTVKNRMIRLHPDGTVLYGLRITTTAACMMDLRRYPLDEQNCTLEIESYGYTTDDIEFYWRGGDKAVTGVERIELPQF
SIVEHRLVSRNVVFATGAYPRLSLSFRLKRNIGYFILQTYMPSILITILSWVSFWINYDASAARVALGITTVLTMTTINT
HLRETLPKIPYVKAIDMYLMGCFVFVFLALLEYAFVNYIFFSQPARAAAIDRWSRIVFPFTFSLFNLVYWLYYVN
;
E,B,C
3 'polypeptide(L)'
;QVQLVESGGGLVQTKTTTSVIDTTNDAQNLLTQAQTIVNTLKDYCPILIAKSSSSNGGTNNANTPSWQTAGGGKNSCATF
GAEFSAASDMINNAQKIVQETQQLSANQPKNITQPHNLNLNSPSSLTALAQKMLKNAQSQAEILKLANQVESDFNKLSSG
HLKDYIGKCDASAISSANMTMQNQKNNWGNGCAGVEETQSLLKTSAADFNNQTPQINQAQNLANTLIQELGNNTYEQLSR
LLTNDNGTNSKTSAQAINQAVNNLNERAKTLAGGTTNSPAYQATLLALRSVLGLWNSMGYAVICGGYTKSPGENNQKDFH
YTDENGNGTTINCGGSTNSNGTHSYNGTNTLKADKNVSLSIEQYEKIHEAYQILSKALKQAGLAPLNSKGEKLEAHVTTS
KYGSLRLSCAASGHTFNYPIMGWFRQAPGKEREFVGAISWSGGSTSYADSVKDRFTISRDNAKNTVYLEMNNLKPEDTAV
YYCAAKGRYSGGLYYPTNYDYWGQGTQVTVSSHHHHHHEPEA
;
F
#
loop_
_chem_comp.id
_chem_comp.type
_chem_comp.name
_chem_comp.formula
ABU non-polymer 'GAMMA-AMINO-BUTANOIC ACID' 'C4 H9 N O2'
BMA D-saccharide, beta linking beta-D-mannopyranose 'C6 H12 O6'
MAN D-saccharide, alpha linking alpha-D-mannopyranose 'C6 H12 O6'
NAG D-saccharide, beta linking 2-acetamido-2-deoxy-beta-D-glucopyranose 'C8 H15 N O6'
#
# COMPACT_ATOMS: atom_id res chain seq x y z
N THR A 65 -35.48 -4.48 -40.60
CA THR A 65 -34.66 -3.82 -39.59
C THR A 65 -35.20 -2.42 -39.30
N THR A 66 -35.79 -1.80 -40.32
CA THR A 66 -36.48 -0.53 -40.12
C THR A 66 -37.71 -0.69 -39.22
N VAL A 67 -38.37 -1.85 -39.29
CA VAL A 67 -39.53 -2.09 -38.44
C VAL A 67 -39.16 -2.02 -36.97
N PHE A 68 -38.04 -2.65 -36.61
CA PHE A 68 -37.62 -2.66 -35.21
C PHE A 68 -37.15 -1.27 -34.77
N THR A 69 -36.52 -0.51 -35.67
CA THR A 69 -36.14 0.85 -35.34
C THR A 69 -37.38 1.72 -35.08
N ARG A 70 -38.41 1.57 -35.92
CA ARG A 70 -39.65 2.31 -35.69
C ARG A 70 -40.32 1.88 -34.39
N ILE A 71 -40.27 0.58 -34.08
CA ILE A 71 -40.83 0.10 -32.82
C ILE A 71 -40.12 0.74 -31.63
N LEU A 72 -38.79 0.75 -31.66
CA LEU A 72 -38.03 1.33 -30.56
C LEU A 72 -38.29 2.82 -30.43
N ASP A 73 -38.35 3.53 -31.57
CA ASP A 73 -38.62 4.96 -31.55
C ASP A 73 -39.99 5.26 -30.98
N ARG A 74 -40.98 4.42 -31.29
CA ARG A 74 -42.31 4.63 -30.74
C ARG A 74 -42.35 4.29 -29.25
N LEU A 75 -41.62 3.26 -28.84
CA LEU A 75 -41.55 2.91 -27.42
C LEU A 75 -40.93 4.04 -26.60
N LEU A 76 -39.86 4.64 -27.11
CA LEU A 76 -39.18 5.70 -26.37
C LEU A 76 -39.81 7.07 -26.59
N ASP A 77 -40.80 7.19 -27.47
CA ASP A 77 -41.39 8.48 -27.78
C ASP A 77 -42.22 8.96 -26.59
N GLY A 78 -41.77 10.04 -25.95
CA GLY A 78 -42.45 10.54 -24.77
C GLY A 78 -42.19 9.77 -23.50
N TYR A 79 -41.30 8.78 -23.52
CA TYR A 79 -41.02 8.00 -22.33
C TYR A 79 -40.28 8.86 -21.30
N ASP A 80 -40.63 8.68 -20.03
CA ASP A 80 -40.01 9.41 -18.93
C ASP A 80 -39.37 8.41 -17.98
N ASN A 81 -38.05 8.31 -18.02
CA ASN A 81 -37.33 7.35 -17.20
C ASN A 81 -37.08 7.86 -15.79
N ARG A 82 -37.51 9.08 -15.47
CA ARG A 82 -37.49 9.57 -14.10
C ARG A 82 -38.60 8.99 -13.23
N LEU A 83 -39.53 8.26 -13.82
CA LEU A 83 -40.70 7.74 -13.10
C LEU A 83 -40.67 6.22 -13.13
N ARG A 84 -40.92 5.60 -11.99
CA ARG A 84 -41.03 4.15 -11.93
C ARG A 84 -42.34 3.70 -12.56
N PRO A 85 -42.39 2.48 -13.09
CA PRO A 85 -43.65 1.97 -13.65
C PRO A 85 -44.70 1.80 -12.56
N GLY A 86 -45.92 2.22 -12.87
CA GLY A 86 -46.99 2.16 -11.90
C GLY A 86 -46.95 3.21 -10.84
N LEU A 87 -46.25 4.32 -11.08
CA LEU A 87 -46.18 5.40 -10.10
C LEU A 87 -47.57 5.96 -9.82
N GLY A 88 -47.94 5.98 -8.54
CA GLY A 88 -49.23 6.47 -8.14
C GLY A 88 -50.40 5.52 -8.35
N GLU A 89 -50.14 4.31 -8.81
CA GLU A 89 -51.20 3.36 -9.09
C GLU A 89 -50.99 2.02 -8.42
N ARG A 90 -49.75 1.53 -8.35
CA ARG A 90 -49.48 0.22 -7.79
C ARG A 90 -48.01 0.14 -7.41
N VAL A 91 -47.67 -0.86 -6.60
CA VAL A 91 -46.30 -1.14 -6.24
C VAL A 91 -45.58 -1.80 -7.41
N THR A 92 -44.33 -1.43 -7.63
CA THR A 92 -43.49 -2.11 -8.60
C THR A 92 -42.85 -3.34 -7.96
N GLU A 93 -43.05 -4.50 -8.60
CA GLU A 93 -42.52 -5.76 -8.10
C GLU A 93 -41.32 -6.16 -8.93
N VAL A 94 -40.20 -6.43 -8.28
CA VAL A 94 -38.96 -6.81 -8.96
C VAL A 94 -38.61 -8.23 -8.50
N LYS A 95 -38.45 -9.14 -9.46
CA LYS A 95 -37.98 -10.47 -9.17
C LYS A 95 -36.47 -10.54 -9.38
N THR A 96 -35.76 -11.09 -8.40
CA THR A 96 -34.31 -11.02 -8.36
C THR A 96 -33.72 -12.42 -8.21
N ASP A 97 -32.55 -12.62 -8.80
CA ASP A 97 -31.84 -13.87 -8.60
C ASP A 97 -30.34 -13.68 -8.85
N ILE A 98 -29.54 -14.46 -8.14
CA ILE A 98 -28.10 -14.31 -8.11
C ILE A 98 -27.44 -15.61 -8.54
N PHE A 99 -26.50 -15.52 -9.49
CA PHE A 99 -25.66 -16.66 -9.88
C PHE A 99 -24.23 -16.34 -9.48
N VAL A 100 -23.70 -17.03 -8.50
CA VAL A 100 -22.32 -16.82 -8.06
C VAL A 100 -21.39 -17.58 -8.99
N THR A 101 -20.54 -16.85 -9.71
CA THR A 101 -19.55 -17.49 -10.56
C THR A 101 -18.24 -17.80 -9.85
N SER A 102 -17.96 -17.12 -8.74
CA SER A 102 -16.79 -17.42 -7.93
C SER A 102 -16.96 -16.78 -6.57
N PHE A 103 -16.77 -17.57 -5.51
CA PHE A 103 -16.81 -17.08 -4.14
C PHE A 103 -15.37 -16.84 -3.70
N GLY A 104 -14.93 -15.59 -3.78
CA GLY A 104 -13.53 -15.26 -3.70
C GLY A 104 -12.96 -15.35 -2.31
N PRO A 105 -11.73 -14.88 -2.13
CA PRO A 105 -11.05 -15.05 -0.84
C PRO A 105 -11.77 -14.34 0.30
N VAL A 106 -11.62 -14.91 1.49
CA VAL A 106 -12.07 -14.28 2.73
C VAL A 106 -10.86 -13.65 3.41
N SER A 107 -11.02 -12.41 3.88
CA SER A 107 -9.96 -11.69 4.58
C SER A 107 -10.33 -11.60 6.06
N ASP A 108 -9.61 -12.37 6.89
CA ASP A 108 -9.85 -12.32 8.33
C ASP A 108 -9.41 -11.00 8.92
N HIS A 109 -8.30 -10.44 8.42
CA HIS A 109 -7.77 -9.20 8.98
C HIS A 109 -8.73 -8.04 8.75
N ASP A 110 -9.37 -8.00 7.58
CA ASP A 110 -10.32 -6.94 7.25
C ASP A 110 -11.76 -7.30 7.56
N MET A 111 -12.03 -8.55 7.97
CA MET A 111 -13.39 -9.04 8.21
C MET A 111 -14.30 -8.76 7.02
N GLU A 112 -13.93 -9.33 5.86
CA GLU A 112 -14.65 -9.05 4.62
C GLU A 112 -14.41 -10.22 3.67
N TYR A 113 -15.24 -10.26 2.61
CA TYR A 113 -15.08 -11.27 1.58
C TYR A 113 -15.45 -10.68 0.23
N THR A 114 -15.05 -11.37 -0.83
CA THR A 114 -15.29 -10.95 -2.20
C THR A 114 -16.10 -12.00 -2.93
N ILE A 115 -17.10 -11.57 -3.70
CA ILE A 115 -17.97 -12.49 -4.43
C ILE A 115 -18.23 -11.92 -5.82
N ASP A 116 -18.18 -12.78 -6.83
CA ASP A 116 -18.46 -12.41 -8.21
C ASP A 116 -19.78 -13.03 -8.64
N VAL A 117 -20.72 -12.18 -9.09
CA VAL A 117 -22.07 -12.64 -9.35
C VAL A 117 -22.58 -12.11 -10.69
N PHE A 118 -23.48 -12.88 -11.29
CA PHE A 118 -24.49 -12.39 -12.23
C PHE A 118 -25.72 -12.02 -11.41
N PHE A 119 -26.05 -10.74 -11.40
CA PHE A 119 -27.20 -10.21 -10.68
C PHE A 119 -28.31 -9.97 -11.70
N ARG A 120 -29.46 -10.62 -11.51
CA ARG A 120 -30.55 -10.62 -12.49
C ARG A 120 -31.79 -10.03 -11.86
N GLN A 121 -32.39 -9.04 -12.53
CA GLN A 121 -33.63 -8.41 -12.09
C GLN A 121 -34.65 -8.47 -13.22
N SER A 122 -35.92 -8.56 -12.86
CA SER A 122 -36.98 -8.66 -13.85
C SER A 122 -38.22 -7.95 -13.31
N TRP A 123 -38.90 -7.23 -14.20
CA TRP A 123 -40.07 -6.47 -13.74
C TRP A 123 -40.95 -6.11 -14.93
N LYS A 124 -42.17 -5.67 -14.62
CA LYS A 124 -43.16 -5.32 -15.64
C LYS A 124 -43.23 -3.82 -15.82
N ASP A 125 -43.25 -3.37 -17.08
CA ASP A 125 -43.42 -1.96 -17.42
C ASP A 125 -44.38 -1.88 -18.60
N GLU A 126 -45.64 -1.54 -18.32
CA GLU A 126 -46.65 -1.51 -19.36
C GLU A 126 -46.36 -0.49 -20.45
N ARG A 127 -45.53 0.52 -20.17
CA ARG A 127 -45.18 1.52 -21.18
C ARG A 127 -44.35 0.94 -22.32
N LEU A 128 -43.84 -0.27 -22.19
CA LEU A 128 -42.93 -0.85 -23.19
C LEU A 128 -43.55 -2.01 -23.95
N LYS A 129 -44.86 -2.21 -23.84
CA LYS A 129 -45.54 -3.20 -24.67
C LYS A 129 -45.37 -2.86 -26.14
N PHE A 130 -45.19 -3.89 -26.97
CA PHE A 130 -45.08 -3.71 -28.41
C PHE A 130 -45.72 -4.90 -29.11
N LYS A 131 -45.74 -4.83 -30.44
CA LYS A 131 -46.21 -5.94 -31.26
C LYS A 131 -45.41 -5.95 -32.55
N GLY A 132 -44.75 -7.07 -32.84
CA GLY A 132 -43.89 -7.17 -33.99
C GLY A 132 -43.57 -8.60 -34.37
N PRO A 133 -42.72 -8.77 -35.39
CA PRO A 133 -42.40 -10.12 -35.87
C PRO A 133 -41.70 -10.99 -34.83
N MET A 134 -41.07 -10.42 -33.82
CA MET A 134 -40.47 -11.18 -32.75
C MET A 134 -41.18 -10.90 -31.43
N THR A 135 -41.04 -11.83 -30.48
CA THR A 135 -41.66 -11.69 -29.17
C THR A 135 -40.70 -11.20 -28.10
N VAL A 136 -39.39 -11.34 -28.29
CA VAL A 136 -38.40 -10.86 -27.34
C VAL A 136 -37.33 -10.08 -28.09
N LEU A 137 -37.13 -8.83 -27.70
CA LEU A 137 -36.05 -8.00 -28.21
C LEU A 137 -34.88 -8.08 -27.24
N ARG A 138 -33.76 -8.64 -27.70
CA ARG A 138 -32.53 -8.71 -26.91
C ARG A 138 -31.66 -7.53 -27.36
N LEU A 139 -31.68 -6.45 -26.59
CA LEU A 139 -31.14 -5.19 -27.09
C LEU A 139 -29.71 -4.96 -26.61
N ASN A 140 -29.04 -4.02 -27.26
CA ASN A 140 -27.77 -3.52 -26.76
C ASN A 140 -27.97 -2.82 -25.43
N ASN A 141 -26.99 -2.99 -24.53
CA ASN A 141 -27.18 -2.56 -23.14
C ASN A 141 -27.28 -1.05 -22.99
N LEU A 142 -26.93 -0.26 -24.02
CA LEU A 142 -27.12 1.18 -23.92
C LEU A 142 -28.59 1.54 -23.72
N MET A 143 -29.50 0.72 -24.25
CA MET A 143 -30.92 0.94 -24.02
C MET A 143 -31.26 0.95 -22.54
N ALA A 144 -30.47 0.22 -21.73
CA ALA A 144 -30.70 0.22 -20.29
C ALA A 144 -30.64 1.62 -19.71
N SER A 145 -29.77 2.48 -20.26
CA SER A 145 -29.67 3.84 -19.74
C SER A 145 -30.81 4.74 -20.21
N LYS A 146 -31.59 4.31 -21.21
CA LYS A 146 -32.69 5.12 -21.71
C LYS A 146 -34.00 4.86 -20.99
N ILE A 147 -34.11 3.76 -20.24
CA ILE A 147 -35.35 3.42 -19.56
C ILE A 147 -35.16 3.51 -18.05
N TRP A 148 -36.23 3.25 -17.30
CA TRP A 148 -36.14 3.17 -15.85
C TRP A 148 -35.62 1.81 -15.42
N THR A 149 -34.72 1.80 -14.43
CA THR A 149 -34.24 0.59 -13.82
C THR A 149 -34.28 0.71 -12.30
N PRO A 150 -34.38 -0.41 -11.58
CA PRO A 150 -34.31 -0.34 -10.12
C PRO A 150 -32.94 0.12 -9.65
N ASP A 151 -32.95 0.83 -8.52
CA ASP A 151 -31.71 1.35 -7.93
C ASP A 151 -31.26 0.47 -6.76
N THR A 152 -30.94 -0.78 -7.09
CA THR A 152 -30.57 -1.76 -6.07
C THR A 152 -29.15 -1.50 -5.59
N PHE A 153 -28.94 -1.62 -4.28
CA PHE A 153 -27.63 -1.50 -3.69
C PHE A 153 -27.47 -2.54 -2.60
N PHE A 154 -26.22 -2.89 -2.31
CA PHE A 154 -25.88 -3.85 -1.26
C PHE A 154 -25.60 -3.10 0.03
N HIS A 155 -26.36 -3.44 1.09
CA HIS A 155 -26.29 -2.67 2.33
C HIS A 155 -24.94 -2.82 3.02
N ASN A 156 -24.34 -4.01 2.97
CA ASN A 156 -23.05 -4.25 3.58
C ASN A 156 -21.90 -4.25 2.58
N GLY A 157 -22.12 -3.76 1.38
CA GLY A 157 -21.03 -3.62 0.42
C GLY A 157 -20.03 -2.57 0.87
N LYS A 158 -18.77 -2.79 0.49
CA LYS A 158 -17.67 -1.90 0.85
C LYS A 158 -17.11 -1.14 -0.34
N LYS A 159 -16.72 -1.86 -1.40
CA LYS A 159 -16.25 -1.21 -2.62
C LYS A 159 -16.42 -2.20 -3.77
N SER A 160 -17.51 -2.04 -4.52
CA SER A 160 -17.87 -2.97 -5.57
C SER A 160 -17.42 -2.45 -6.93
N VAL A 161 -17.39 -3.35 -7.90
CA VAL A 161 -16.97 -3.03 -9.26
C VAL A 161 -18.02 -3.56 -10.23
N ALA A 162 -18.48 -2.70 -11.14
CA ALA A 162 -19.27 -3.12 -12.29
C ALA A 162 -18.35 -3.18 -13.50
N HIS A 163 -18.16 -4.39 -14.03
CA HIS A 163 -17.15 -4.61 -15.05
C HIS A 163 -17.51 -3.92 -16.36
N ASN A 164 -16.51 -3.36 -17.03
CA ASN A 164 -16.70 -2.54 -18.21
C ASN A 164 -15.79 -2.96 -19.36
N MET A 165 -15.30 -4.20 -19.33
CA MET A 165 -14.40 -4.73 -20.34
C MET A 165 -15.03 -5.93 -21.01
N THR A 166 -15.07 -5.94 -22.33
CA THR A 166 -14.59 -4.84 -23.17
C THR A 166 -15.67 -3.77 -23.31
N MET A 167 -16.89 -4.15 -22.94
CA MET A 167 -18.05 -3.27 -22.92
C MET A 167 -18.73 -3.41 -21.56
N PRO A 168 -19.72 -2.58 -21.26
CA PRO A 168 -20.49 -2.79 -20.03
C PRO A 168 -21.08 -4.19 -19.99
N ASN A 169 -20.83 -4.89 -18.89
CA ASN A 169 -21.26 -6.29 -18.72
C ASN A 169 -22.72 -6.32 -18.28
N LYS A 170 -23.58 -5.88 -19.20
CA LYS A 170 -25.02 -5.78 -18.93
C LYS A 170 -25.78 -6.36 -20.12
N LEU A 171 -26.98 -6.85 -19.83
CA LEU A 171 -27.89 -7.34 -20.86
C LEU A 171 -29.30 -6.90 -20.53
N LEU A 172 -30.04 -6.50 -21.57
CA LEU A 172 -31.43 -6.09 -21.45
C LEU A 172 -32.28 -6.82 -22.49
N ARG A 173 -33.39 -7.40 -22.03
CA ARG A 173 -34.32 -8.09 -22.89
C ARG A 173 -35.74 -7.61 -22.59
N ILE A 174 -36.51 -7.37 -23.64
CA ILE A 174 -37.88 -6.86 -23.52
C ILE A 174 -38.82 -7.85 -24.18
N THR A 175 -39.78 -8.37 -23.42
CA THR A 175 -40.83 -9.22 -23.94
C THR A 175 -42.03 -8.37 -24.34
N GLU A 176 -42.79 -8.88 -25.31
CA GLU A 176 -43.84 -8.06 -25.95
C GLU A 176 -44.94 -7.66 -24.99
N ASP A 177 -45.08 -8.33 -23.85
CA ASP A 177 -46.04 -7.92 -22.85
C ASP A 177 -45.51 -6.83 -21.92
N GLY A 178 -44.29 -6.35 -22.14
CA GLY A 178 -43.71 -5.32 -21.32
C GLY A 178 -42.79 -5.80 -20.22
N THR A 179 -42.47 -7.08 -20.17
CA THR A 179 -41.55 -7.60 -19.16
C THR A 179 -40.11 -7.28 -19.55
N LEU A 180 -39.34 -6.82 -18.58
CA LEU A 180 -37.93 -6.48 -18.76
C LEU A 180 -37.08 -7.42 -17.92
N LEU A 181 -36.08 -8.02 -18.56
CA LEU A 181 -34.98 -8.71 -17.88
C LEU A 181 -33.72 -7.89 -18.01
N TYR A 182 -33.09 -7.61 -16.87
CA TYR A 182 -31.92 -6.73 -16.79
C TYR A 182 -30.87 -7.43 -15.93
N THR A 183 -29.74 -7.76 -16.54
CA THR A 183 -28.71 -8.55 -15.86
C THR A 183 -27.38 -7.84 -15.95
N MET A 184 -26.60 -7.92 -14.85
CA MET A 184 -25.29 -7.30 -14.80
C MET A 184 -24.31 -8.22 -14.09
N ARG A 185 -23.03 -8.01 -14.37
CA ARG A 185 -21.94 -8.78 -13.75
C ARG A 185 -21.23 -7.88 -12.75
N LEU A 186 -21.14 -8.33 -11.50
CA LEU A 186 -20.64 -7.51 -10.42
C LEU A 186 -19.60 -8.27 -9.61
N THR A 187 -18.65 -7.53 -9.05
CA THR A 187 -17.75 -8.03 -8.02
C THR A 187 -17.99 -7.21 -6.76
N VAL A 188 -18.53 -7.85 -5.73
CA VAL A 188 -18.93 -7.19 -4.49
C VAL A 188 -17.97 -7.59 -3.38
N ARG A 189 -17.40 -6.60 -2.72
CA ARG A 189 -16.71 -6.78 -1.45
C ARG A 189 -17.71 -6.48 -0.33
N ALA A 190 -17.90 -7.43 0.57
CA ALA A 190 -18.94 -7.33 1.59
C ALA A 190 -18.37 -7.61 2.97
N GLU A 191 -18.95 -6.95 3.97
CA GLU A 191 -18.54 -7.11 5.35
C GLU A 191 -19.05 -8.43 5.90
N CYS A 192 -18.15 -9.20 6.51
CA CYS A 192 -18.53 -10.40 7.26
C CYS A 192 -18.04 -10.28 8.69
N PRO A 193 -18.90 -9.82 9.62
CA PRO A 193 -18.50 -9.79 11.04
C PRO A 193 -18.28 -11.20 11.56
N MET A 194 -17.07 -11.43 12.07
CA MET A 194 -16.66 -12.75 12.55
C MET A 194 -16.40 -12.71 14.04
N HIS A 195 -16.88 -13.73 14.74
CA HIS A 195 -16.53 -13.97 16.13
C HIS A 195 -15.50 -15.11 16.17
N LEU A 196 -14.35 -14.85 16.80
CA LEU A 196 -13.20 -15.73 16.69
C LEU A 196 -12.87 -16.41 18.01
N GLU A 197 -13.88 -16.67 18.84
CA GLU A 197 -13.65 -17.38 20.09
C GLU A 197 -13.15 -18.80 19.84
N ASP A 198 -13.73 -19.48 18.86
CA ASP A 198 -13.37 -20.86 18.55
C ASP A 198 -12.21 -20.98 17.57
N PHE A 199 -11.56 -19.87 17.23
CA PHE A 199 -10.45 -19.90 16.29
C PHE A 199 -9.36 -20.84 16.81
N PRO A 200 -8.75 -21.67 15.94
CA PRO A 200 -8.96 -21.78 14.49
C PRO A 200 -9.98 -22.85 14.10
N MET A 201 -10.95 -23.16 14.96
CA MET A 201 -11.99 -24.13 14.68
C MET A 201 -13.34 -23.44 14.64
N ASP A 202 -13.39 -22.28 14.01
CA ASP A 202 -14.57 -21.42 13.98
C ASP A 202 -15.33 -21.56 12.67
N ALA A 203 -16.62 -21.28 12.73
CA ALA A 203 -17.49 -21.26 11.57
C ALA A 203 -18.22 -19.93 11.53
N HIS A 204 -18.51 -19.45 10.32
CA HIS A 204 -19.09 -18.14 10.13
C HIS A 204 -20.25 -18.19 9.14
N ALA A 205 -21.16 -17.23 9.29
CA ALA A 205 -22.27 -17.02 8.37
C ALA A 205 -22.09 -15.61 7.77
N CYS A 206 -21.45 -15.55 6.62
CA CYS A 206 -21.18 -14.27 5.98
C CYS A 206 -22.43 -13.80 5.24
N PRO A 207 -22.95 -12.62 5.53
CA PRO A 207 -24.19 -12.17 4.90
C PRO A 207 -23.97 -11.35 3.65
N LEU A 208 -25.03 -11.26 2.85
CA LEU A 208 -25.11 -10.38 1.69
C LEU A 208 -26.54 -9.86 1.64
N LYS A 209 -26.71 -8.57 1.90
CA LYS A 209 -28.02 -7.94 1.96
C LYS A 209 -28.12 -6.89 0.88
N PHE A 210 -29.23 -6.86 0.16
CA PHE A 210 -29.43 -5.84 -0.86
C PHE A 210 -30.88 -5.37 -0.87
N GLY A 211 -31.09 -4.21 -1.49
CA GLY A 211 -32.44 -3.67 -1.59
C GLY A 211 -32.42 -2.32 -2.28
N SER A 212 -33.61 -1.71 -2.36
CA SER A 212 -33.74 -0.42 -2.99
C SER A 212 -33.16 0.68 -2.10
N TYR A 213 -32.50 1.66 -2.73
CA TYR A 213 -31.95 2.77 -1.96
C TYR A 213 -32.98 3.87 -1.73
N ALA A 214 -33.77 4.23 -2.74
CA ALA A 214 -34.65 5.38 -2.66
C ALA A 214 -36.12 5.04 -2.49
N TYR A 215 -36.54 3.84 -2.86
CA TYR A 215 -37.95 3.50 -2.93
C TYR A 215 -38.33 2.67 -1.70
N THR A 216 -39.30 3.18 -0.93
CA THR A 216 -39.80 2.46 0.23
C THR A 216 -40.67 1.29 -0.22
N ARG A 217 -41.13 0.50 0.76
CA ARG A 217 -41.87 -0.71 0.45
C ARG A 217 -43.23 -0.42 -0.16
N ALA A 218 -43.76 0.79 0.03
CA ALA A 218 -45.01 1.18 -0.63
C ALA A 218 -44.82 1.45 -2.11
N GLU A 219 -43.58 1.49 -2.61
CA GLU A 219 -43.29 1.80 -4.00
C GLU A 219 -42.64 0.64 -4.73
N VAL A 220 -41.63 0.01 -4.14
CA VAL A 220 -40.92 -1.11 -4.76
C VAL A 220 -40.78 -2.21 -3.74
N VAL A 221 -41.10 -3.44 -4.14
CA VAL A 221 -40.86 -4.63 -3.35
C VAL A 221 -39.99 -5.58 -4.16
N TYR A 222 -39.25 -6.44 -3.47
CA TYR A 222 -38.40 -7.44 -4.10
C TYR A 222 -38.92 -8.83 -3.76
N GLU A 223 -38.85 -9.73 -4.74
CA GLU A 223 -39.18 -11.13 -4.57
C GLU A 223 -38.12 -11.99 -5.24
N TRP A 224 -37.88 -13.17 -4.70
CA TRP A 224 -37.02 -14.13 -5.37
C TRP A 224 -37.75 -14.74 -6.56
N THR A 225 -37.01 -14.95 -7.65
CA THR A 225 -37.62 -15.34 -8.92
C THR A 225 -38.32 -16.69 -8.79
N ARG A 226 -37.69 -17.64 -8.11
CA ARG A 226 -38.23 -18.96 -7.84
C ARG A 226 -38.16 -19.21 -6.34
N GLU A 227 -38.31 -20.48 -5.95
CA GLU A 227 -38.14 -20.88 -4.56
C GLU A 227 -36.89 -20.24 -3.98
N PRO A 228 -36.96 -19.66 -2.78
CA PRO A 228 -35.81 -18.91 -2.26
C PRO A 228 -34.52 -19.71 -2.21
N ALA A 229 -34.59 -21.00 -1.88
CA ALA A 229 -33.40 -21.82 -1.84
C ALA A 229 -32.79 -22.05 -3.22
N ARG A 230 -33.57 -21.90 -4.28
CA ARG A 230 -33.10 -22.09 -5.64
C ARG A 230 -32.89 -20.78 -6.40
N SER A 231 -33.00 -19.63 -5.73
CA SER A 231 -32.78 -18.35 -6.39
C SER A 231 -31.36 -17.82 -6.23
N VAL A 232 -30.53 -18.47 -5.41
CA VAL A 232 -29.12 -18.13 -5.28
C VAL A 232 -28.35 -19.39 -5.65
N VAL A 233 -27.77 -19.42 -6.85
CA VAL A 233 -27.13 -20.61 -7.38
C VAL A 233 -25.63 -20.38 -7.46
N VAL A 234 -24.86 -21.27 -6.83
CA VAL A 234 -23.41 -21.19 -6.82
C VAL A 234 -22.85 -22.13 -7.88
N ALA A 235 -21.93 -21.63 -8.70
CA ALA A 235 -21.32 -22.45 -9.73
C ALA A 235 -20.52 -23.58 -9.09
N GLU A 236 -20.47 -24.73 -9.79
CA GLU A 236 -19.87 -25.92 -9.22
C GLU A 236 -18.35 -25.81 -9.13
N ASP A 237 -17.71 -25.14 -10.10
CA ASP A 237 -16.27 -24.91 -10.06
C ASP A 237 -15.92 -23.51 -9.63
N GLY A 238 -16.87 -22.74 -9.12
CA GLY A 238 -16.62 -21.37 -8.73
C GLY A 238 -16.25 -21.20 -7.27
N SER A 239 -15.04 -21.65 -6.91
CA SER A 239 -14.57 -21.54 -5.54
C SER A 239 -13.12 -21.04 -5.56
N ARG A 240 -12.90 -19.85 -5.02
CA ARG A 240 -11.57 -19.28 -4.88
C ARG A 240 -11.12 -19.25 -3.41
N LEU A 241 -11.75 -20.05 -2.56
CA LEU A 241 -11.35 -20.14 -1.16
C LEU A 241 -10.11 -21.00 -1.01
N ASN A 242 -9.18 -20.55 -0.17
CA ASN A 242 -8.00 -21.32 0.17
C ASN A 242 -8.00 -21.82 1.61
N GLN A 243 -8.62 -21.09 2.53
CA GLN A 243 -8.57 -21.41 3.94
C GLN A 243 -9.89 -21.91 4.50
N TYR A 244 -11.00 -21.66 3.80
CA TYR A 244 -12.34 -21.97 4.27
C TYR A 244 -12.99 -23.01 3.37
N ASP A 245 -14.13 -23.53 3.84
CA ASP A 245 -14.94 -24.47 3.09
C ASP A 245 -16.38 -24.00 3.12
N LEU A 246 -16.98 -23.83 1.94
CA LEU A 246 -18.35 -23.36 1.83
C LEU A 246 -19.33 -24.52 1.98
N LEU A 247 -20.20 -24.45 2.98
CA LEU A 247 -21.11 -25.54 3.31
C LEU A 247 -22.50 -25.36 2.72
N GLY A 248 -22.89 -24.14 2.38
CA GLY A 248 -24.22 -23.90 1.85
C GLY A 248 -24.62 -22.45 2.07
N GLN A 249 -25.87 -22.16 1.71
CA GLN A 249 -26.42 -20.82 1.85
C GLN A 249 -27.87 -20.89 2.30
N THR A 250 -28.27 -19.84 3.02
CA THR A 250 -29.63 -19.68 3.50
C THR A 250 -30.17 -18.36 2.94
N VAL A 251 -31.38 -18.40 2.38
CA VAL A 251 -31.95 -17.27 1.65
C VAL A 251 -33.20 -16.79 2.38
N ASP A 252 -33.33 -15.48 2.54
CA ASP A 252 -34.42 -14.92 3.32
C ASP A 252 -34.71 -13.50 2.85
N SER A 253 -35.84 -12.96 3.30
CA SER A 253 -36.23 -11.59 2.99
C SER A 253 -36.91 -10.97 4.21
N GLY A 254 -36.86 -9.65 4.27
CA GLY A 254 -37.43 -8.97 5.42
C GLY A 254 -37.58 -7.48 5.17
N ILE A 255 -37.85 -6.76 6.25
CA ILE A 255 -38.10 -5.33 6.21
C ILE A 255 -37.13 -4.64 7.14
N VAL A 256 -36.43 -3.62 6.64
CA VAL A 256 -35.57 -2.76 7.44
C VAL A 256 -36.28 -1.42 7.60
N GLN A 257 -35.94 -0.71 8.67
CA GLN A 257 -36.53 0.59 8.97
C GLN A 257 -35.43 1.59 9.27
N SER A 258 -35.49 2.75 8.60
CA SER A 258 -34.51 3.81 8.74
C SER A 258 -35.25 5.14 8.81
N SER A 259 -34.47 6.20 9.02
CA SER A 259 -35.03 7.54 9.15
C SER A 259 -35.77 7.99 7.90
N THR A 260 -35.51 7.33 6.77
CA THR A 260 -36.20 7.67 5.53
C THR A 260 -37.38 6.75 5.22
N GLY A 261 -37.64 5.74 6.05
CA GLY A 261 -38.84 4.94 5.90
C GLY A 261 -38.55 3.46 6.03
N GLU A 262 -39.42 2.65 5.45
CA GLU A 262 -39.32 1.20 5.53
C GLU A 262 -38.98 0.64 4.16
N TYR A 263 -37.99 -0.26 4.10
CA TYR A 263 -37.50 -0.80 2.85
C TYR A 263 -37.47 -2.32 2.91
N VAL A 264 -37.57 -2.94 1.74
CA VAL A 264 -37.43 -4.39 1.62
C VAL A 264 -35.96 -4.74 1.51
N VAL A 265 -35.54 -5.80 2.20
CA VAL A 265 -34.15 -6.28 2.16
C VAL A 265 -34.16 -7.76 1.84
N MET A 266 -33.30 -8.16 0.91
CA MET A 266 -33.09 -9.56 0.57
C MET A 266 -31.72 -9.99 1.09
N THR A 267 -31.68 -11.12 1.78
CA THR A 267 -30.50 -11.56 2.51
C THR A 267 -30.11 -12.97 2.13
N THR A 268 -28.81 -13.19 1.94
CA THR A 268 -28.23 -14.51 1.71
C THR A 268 -27.08 -14.70 2.69
N HIS A 269 -27.09 -15.80 3.42
CA HIS A 269 -26.02 -16.15 4.35
C HIS A 269 -25.25 -17.34 3.80
N PHE A 270 -23.94 -17.16 3.60
CA PHE A 270 -23.05 -18.24 3.19
C PHE A 270 -22.35 -18.81 4.42
N HIS A 271 -22.34 -20.13 4.54
CA HIS A 271 -21.82 -20.80 5.72
C HIS A 271 -20.41 -21.33 5.43
N LEU A 272 -19.42 -20.79 6.14
CA LEU A 272 -18.02 -21.12 5.90
C LEU A 272 -17.43 -21.77 7.14
N LYS A 273 -16.58 -22.77 6.94
CA LYS A 273 -15.84 -23.41 8.03
C LYS A 273 -14.35 -23.37 7.73
N ARG A 274 -13.56 -22.93 8.70
CA ARG A 274 -12.11 -22.81 8.52
C ARG A 274 -11.45 -24.18 8.51
N LYS A 275 -10.56 -24.40 7.55
CA LYS A 275 -9.70 -25.58 7.57
C LYS A 275 -8.58 -25.39 8.58
N ILE A 276 -8.24 -26.47 9.29
CA ILE A 276 -7.34 -26.39 10.44
C ILE A 276 -5.91 -26.81 10.12
N GLY A 277 -5.68 -27.44 8.97
CA GLY A 277 -4.37 -28.04 8.70
C GLY A 277 -3.22 -27.07 8.80
N TYR A 278 -3.39 -25.86 8.26
CA TYR A 278 -2.33 -24.85 8.30
C TYR A 278 -1.91 -24.54 9.72
N PHE A 279 -2.87 -24.31 10.62
CA PHE A 279 -2.54 -23.99 12.00
C PHE A 279 -2.05 -25.21 12.75
N VAL A 280 -2.37 -26.41 12.26
CA VAL A 280 -1.80 -27.63 12.83
C VAL A 280 -0.31 -27.72 12.53
N ILE A 281 0.07 -27.51 11.27
CA ILE A 281 1.47 -27.65 10.89
C ILE A 281 2.24 -26.36 11.13
N GLN A 282 1.58 -25.33 11.66
CA GLN A 282 2.25 -24.07 11.92
C GLN A 282 2.42 -23.75 13.40
N THR A 283 1.45 -24.08 14.25
CA THR A 283 1.49 -23.73 15.65
C THR A 283 1.42 -24.92 16.60
N TYR A 284 0.53 -25.87 16.34
CA TYR A 284 0.29 -26.95 17.29
C TYR A 284 1.45 -27.92 17.37
N LEU A 285 1.98 -28.35 16.23
CA LEU A 285 3.10 -29.29 16.24
C LEU A 285 4.36 -28.73 16.89
N PRO A 286 4.81 -27.50 16.59
CA PRO A 286 5.97 -26.98 17.33
C PRO A 286 5.74 -26.88 18.83
N CYS A 287 4.52 -26.52 19.25
CA CYS A 287 4.22 -26.48 20.68
C CYS A 287 4.32 -27.87 21.31
N ILE A 288 3.76 -28.88 20.64
CA ILE A 288 3.84 -30.24 21.16
C ILE A 288 5.29 -30.70 21.26
N MET A 289 6.08 -30.41 20.23
CA MET A 289 7.47 -30.83 20.24
C MET A 289 8.25 -30.12 21.35
N THR A 290 7.96 -28.84 21.58
CA THR A 290 8.62 -28.12 22.66
C THR A 290 8.24 -28.69 24.02
N VAL A 291 6.98 -29.07 24.21
CA VAL A 291 6.57 -29.67 25.48
C VAL A 291 7.27 -31.00 25.69
N ILE A 292 7.35 -31.82 24.64
CA ILE A 292 8.05 -33.10 24.76
C ILE A 292 9.53 -32.88 25.06
N LEU A 293 10.15 -31.89 24.41
CA LEU A 293 11.55 -31.59 24.67
C LEU A 293 11.76 -31.18 26.13
N SER A 294 10.88 -30.32 26.65
CA SER A 294 10.99 -29.91 28.04
C SER A 294 10.80 -31.09 28.99
N GLN A 295 9.91 -32.03 28.65
CA GLN A 295 9.73 -33.19 29.52
C GLN A 295 10.84 -34.22 29.38
N VAL A 296 11.63 -34.16 28.31
CA VAL A 296 12.79 -35.04 28.18
C VAL A 296 13.79 -34.82 29.31
N SER A 297 13.84 -33.60 29.86
CA SER A 297 14.80 -33.27 30.91
C SER A 297 14.63 -34.10 32.17
N PHE A 298 13.44 -34.67 32.40
CA PHE A 298 13.17 -35.43 33.62
C PHE A 298 13.97 -36.72 33.73
N TRP A 299 14.61 -37.18 32.67
CA TRP A 299 15.33 -38.45 32.71
C TRP A 299 16.83 -38.30 32.89
N LEU A 300 17.37 -37.08 32.81
CA LEU A 300 18.77 -36.84 33.08
C LEU A 300 19.04 -36.84 34.59
N ASN A 301 20.19 -37.37 34.98
CA ASN A 301 20.50 -37.51 36.40
C ASN A 301 20.65 -36.13 37.04
N ARG A 302 20.39 -36.06 38.34
CA ARG A 302 20.34 -34.79 39.05
C ARG A 302 21.68 -34.08 39.13
N GLU A 303 22.79 -34.76 38.81
CA GLU A 303 24.08 -34.07 38.76
C GLU A 303 24.20 -33.17 37.54
N SER A 304 23.51 -33.48 36.44
CA SER A 304 23.67 -32.74 35.18
C SER A 304 22.89 -31.43 35.23
N VAL A 305 23.30 -30.57 36.16
CA VAL A 305 22.58 -29.31 36.37
C VAL A 305 22.64 -28.36 35.18
N PRO A 306 23.80 -28.07 34.58
CA PRO A 306 23.80 -27.17 33.42
C PRO A 306 22.99 -27.67 32.23
N ALA A 307 22.97 -28.98 31.99
CA ALA A 307 22.23 -29.50 30.84
C ALA A 307 20.72 -29.31 31.03
N ARG A 308 20.22 -29.66 32.21
CA ARG A 308 18.80 -29.52 32.48
C ARG A 308 18.38 -28.05 32.58
N THR A 309 19.26 -27.20 33.11
CA THR A 309 18.97 -25.77 33.10
C THR A 309 18.88 -25.23 31.68
N VAL A 310 19.80 -25.65 30.81
CA VAL A 310 19.76 -25.21 29.41
C VAL A 310 18.48 -25.68 28.75
N PHE A 311 18.12 -26.95 28.96
CA PHE A 311 16.85 -27.49 28.46
C PHE A 311 15.67 -26.62 28.88
N GLY A 312 15.56 -26.35 30.19
CA GLY A 312 14.41 -25.61 30.68
C GLY A 312 14.32 -24.21 30.11
N VAL A 313 15.43 -23.47 30.17
CA VAL A 313 15.39 -22.08 29.72
C VAL A 313 15.16 -21.99 28.23
N THR A 314 15.79 -22.89 27.45
CA THR A 314 15.62 -22.86 26.01
C THR A 314 14.19 -23.21 25.62
N THR A 315 13.58 -24.16 26.32
CA THR A 315 12.21 -24.53 26.02
C THR A 315 11.25 -23.40 26.39
N VAL A 316 11.54 -22.69 27.49
CA VAL A 316 10.69 -21.57 27.87
C VAL A 316 10.81 -20.44 26.84
N LEU A 317 12.03 -20.18 26.37
CA LEU A 317 12.22 -19.17 25.32
C LEU A 317 11.50 -19.54 24.04
N THR A 318 11.57 -20.82 23.64
CA THR A 318 10.86 -21.27 22.45
C THR A 318 9.36 -21.10 22.61
N MET A 319 8.85 -21.43 23.80
CA MET A 319 7.42 -21.26 24.05
C MET A 319 7.02 -19.79 23.97
N THR A 320 7.86 -18.90 24.51
CA THR A 320 7.56 -17.47 24.41
C THR A 320 7.54 -17.00 22.97
N THR A 321 8.52 -17.42 22.17
CA THR A 321 8.55 -17.05 20.76
C THR A 321 7.32 -17.55 20.02
N LEU A 322 6.91 -18.80 20.28
CA LEU A 322 5.74 -19.34 19.61
C LEU A 322 4.47 -18.61 20.03
N SER A 323 4.36 -18.28 21.32
CA SER A 323 3.20 -17.54 21.82
C SER A 323 3.10 -16.17 21.17
N ILE A 324 4.25 -15.49 21.04
CA ILE A 324 4.26 -14.15 20.44
C ILE A 324 3.91 -14.22 18.96
N SER A 325 4.45 -15.19 18.23
CA SER A 325 4.22 -15.23 16.79
C SER A 325 2.80 -15.68 16.45
N ALA A 326 2.07 -16.19 17.44
CA ALA A 326 0.76 -16.77 17.17
C ALA A 326 -0.24 -15.76 16.63
N ARG A 327 -0.23 -14.53 17.14
CA ARG A 327 -1.17 -13.52 16.65
C ARG A 327 -0.51 -12.56 15.67
N ASN A 328 0.69 -12.88 15.18
CA ASN A 328 1.37 -12.02 14.23
C ASN A 328 0.61 -11.92 12.91
N SER A 329 -0.22 -12.93 12.60
CA SER A 329 -1.03 -12.88 11.38
C SER A 329 -2.51 -12.75 11.69
N LEU A 330 -2.87 -12.35 12.91
CA LEU A 330 -4.26 -12.32 13.32
C LEU A 330 -4.70 -10.89 13.60
N PRO A 331 -6.00 -10.61 13.48
CA PRO A 331 -6.51 -9.31 13.94
C PRO A 331 -6.46 -9.19 15.45
N LYS A 332 -6.42 -7.95 15.91
CA LYS A 332 -6.28 -7.66 17.34
C LYS A 332 -7.60 -7.79 18.09
N VAL A 333 -8.13 -9.00 18.23
CA VAL A 333 -9.36 -9.19 18.99
C VAL A 333 -9.07 -8.95 20.46
N ALA A 334 -10.10 -8.56 21.22
CA ALA A 334 -9.89 -8.20 22.61
C ALA A 334 -10.06 -9.39 23.55
N TYR A 335 -10.50 -10.54 23.04
CA TYR A 335 -10.73 -11.75 23.82
C TYR A 335 -9.67 -12.79 23.46
N ALA A 336 -9.73 -13.92 24.16
CA ALA A 336 -8.79 -15.01 23.95
C ALA A 336 -9.40 -16.06 23.03
N THR A 337 -8.59 -16.56 22.10
CA THR A 337 -9.00 -17.65 21.23
C THR A 337 -8.58 -19.00 21.82
N ALA A 338 -9.04 -20.08 21.15
CA ALA A 338 -8.71 -21.42 21.61
C ALA A 338 -7.21 -21.68 21.49
N MET A 339 -6.59 -21.22 20.40
CA MET A 339 -5.16 -21.37 20.24
C MET A 339 -4.41 -20.68 21.37
N ASP A 340 -4.94 -19.55 21.86
CA ASP A 340 -4.31 -18.87 22.98
C ASP A 340 -4.35 -19.74 24.23
N TRP A 341 -5.47 -20.41 24.47
CA TRP A 341 -5.55 -21.33 25.62
C TRP A 341 -4.58 -22.49 25.47
N PHE A 342 -4.50 -23.08 24.28
CA PHE A 342 -3.56 -24.16 24.05
C PHE A 342 -2.12 -23.71 24.31
N ILE A 343 -1.75 -22.54 23.80
CA ILE A 343 -0.38 -22.07 23.97
C ILE A 343 -0.12 -21.72 25.43
N ALA A 344 -1.11 -21.15 26.12
CA ALA A 344 -0.95 -20.86 27.54
C ALA A 344 -0.73 -22.12 28.35
N VAL A 345 -1.47 -23.19 28.04
CA VAL A 345 -1.29 -24.43 28.78
C VAL A 345 0.07 -25.05 28.48
N CYS A 346 0.50 -25.02 27.21
CA CYS A 346 1.84 -25.55 26.90
C CYS A 346 2.92 -24.76 27.60
N TYR A 347 2.79 -23.43 27.64
CA TYR A 347 3.73 -22.60 28.38
C TYR A 347 3.74 -22.94 29.85
N ALA A 348 2.55 -23.16 30.42
CA ALA A 348 2.46 -23.54 31.83
C ALA A 348 3.16 -24.87 32.08
N PHE A 349 2.99 -25.83 31.17
CA PHE A 349 3.67 -27.12 31.33
C PHE A 349 5.18 -26.97 31.30
N VAL A 350 5.70 -26.19 30.34
CA VAL A 350 7.14 -26.01 30.23
C VAL A 350 7.69 -25.30 31.47
N PHE A 351 7.01 -24.23 31.89
CA PHE A 351 7.44 -23.48 33.06
C PHE A 351 7.39 -24.34 34.32
N SER A 352 6.34 -25.17 34.45
CA SER A 352 6.26 -26.06 35.60
C SER A 352 7.33 -27.14 35.57
N ALA A 353 7.75 -27.58 34.38
CA ALA A 353 8.87 -28.51 34.31
C ALA A 353 10.17 -27.85 34.77
N LEU A 354 10.38 -26.58 34.39
CA LEU A 354 11.56 -25.88 34.88
C LEU A 354 11.50 -25.66 36.39
N ILE A 355 10.32 -25.33 36.92
CA ILE A 355 10.17 -25.19 38.36
C ILE A 355 10.41 -26.52 39.06
N GLU A 356 9.98 -27.62 38.45
CA GLU A 356 10.25 -28.94 39.00
C GLU A 356 11.75 -29.19 39.08
N PHE A 357 12.48 -28.83 38.03
CA PHE A 357 13.93 -29.00 38.07
C PHE A 357 14.55 -28.14 39.17
N ALA A 358 14.07 -26.91 39.31
CA ALA A 358 14.59 -26.04 40.37
C ALA A 358 14.34 -26.64 41.74
N THR A 359 13.15 -27.19 41.96
CA THR A 359 12.82 -27.83 43.23
C THR A 359 13.69 -29.06 43.47
N VAL A 360 13.93 -29.84 42.42
CA VAL A 360 14.77 -31.03 42.56
C VAL A 360 16.19 -30.62 42.93
N ASN A 361 16.71 -29.57 42.28
CA ASN A 361 18.06 -29.12 42.58
C ASN A 361 18.16 -28.54 43.98
N TYR A 362 17.08 -27.94 44.48
CA TYR A 362 17.09 -27.39 45.83
C TYR A 362 17.30 -28.48 46.88
N PHE A 363 16.71 -29.65 46.69
CA PHE A 363 16.75 -30.73 47.66
C PHE A 363 17.85 -31.75 47.39
N THR A 364 18.71 -31.49 46.39
CA THR A 364 19.63 -32.53 45.93
C THR A 364 20.63 -32.94 47.02
N LYS A 365 21.19 -31.95 47.72
CA LYS A 365 22.29 -32.21 48.65
C LYS A 365 21.84 -32.28 50.10
N SER A 366 20.54 -32.28 50.36
CA SER A 366 20.04 -32.44 51.71
C SER A 366 19.08 -33.60 51.89
N GLN A 367 18.16 -33.80 50.94
CA GLN A 367 17.22 -34.92 50.97
C GLN A 367 17.20 -35.61 49.61
N PRO A 368 18.27 -36.34 49.27
CA PRO A 368 18.34 -36.95 47.92
C PRO A 368 17.20 -37.91 47.62
N ALA A 369 16.68 -38.61 48.64
CA ALA A 369 15.58 -39.53 48.40
C ALA A 369 14.33 -38.79 47.97
N ARG A 370 14.04 -37.65 48.60
CA ARG A 370 12.89 -36.85 48.20
C ARG A 370 13.07 -36.34 46.77
N ALA A 371 14.27 -35.93 46.40
CA ALA A 371 14.52 -35.48 45.04
C ALA A 371 14.31 -36.60 44.03
N ALA A 372 14.79 -37.81 44.34
CA ALA A 372 14.58 -38.95 43.45
C ALA A 372 13.10 -39.26 43.30
N LYS A 373 12.36 -39.21 44.41
CA LYS A 373 10.92 -39.47 44.36
C LYS A 373 10.22 -38.42 43.51
N ILE A 374 10.60 -37.15 43.68
CA ILE A 374 10.00 -36.06 42.90
C ILE A 374 10.29 -36.26 41.42
N ASP A 375 11.53 -36.65 41.08
CA ASP A 375 11.87 -36.86 39.68
C ASP A 375 11.04 -37.99 39.08
N ARG A 376 10.93 -39.13 39.78
CA ARG A 376 10.15 -40.23 39.23
C ARG A 376 8.68 -39.84 39.08
N LEU A 377 8.13 -39.21 40.11
CA LEU A 377 6.73 -38.81 40.08
C LEU A 377 6.46 -37.84 38.95
N SER A 378 7.39 -36.93 38.66
CA SER A 378 7.19 -36.05 37.52
C SER A 378 7.32 -36.82 36.22
N ARG A 379 8.28 -37.76 36.15
CA ARG A 379 8.49 -38.54 34.93
C ARG A 379 7.22 -39.27 34.53
N ILE A 380 6.37 -39.56 35.49
CA ILE A 380 5.10 -40.21 35.16
C ILE A 380 3.97 -39.19 35.04
N ALA A 381 3.90 -38.23 35.96
CA ALA A 381 2.76 -37.31 36.03
C ALA A 381 2.68 -36.39 34.83
N PHE A 382 3.82 -35.84 34.39
CA PHE A 382 3.79 -34.86 33.31
C PHE A 382 3.27 -35.39 31.98
N PRO A 383 3.78 -36.50 31.44
CA PRO A 383 3.23 -36.97 30.15
C PRO A 383 1.78 -37.37 30.23
N LEU A 384 1.37 -38.00 31.33
CA LEU A 384 -0.02 -38.42 31.48
C LEU A 384 -0.95 -37.21 31.53
N LEU A 385 -0.58 -36.18 32.28
CA LEU A 385 -1.40 -34.98 32.36
C LEU A 385 -1.44 -34.25 31.02
N PHE A 386 -0.30 -34.21 30.30
CA PHE A 386 -0.32 -33.56 28.99
C PHE A 386 -1.22 -34.30 28.02
N GLY A 387 -1.17 -35.64 28.04
CA GLY A 387 -2.06 -36.42 27.19
C GLY A 387 -3.53 -36.20 27.53
N ILE A 388 -3.84 -36.17 28.83
CA ILE A 388 -5.22 -35.93 29.25
C ILE A 388 -5.69 -34.55 28.80
N PHE A 389 -4.83 -33.54 28.97
CA PHE A 389 -5.20 -32.20 28.52
C PHE A 389 -5.45 -32.17 27.02
N ASN A 390 -4.60 -32.84 26.24
CA ASN A 390 -4.77 -32.85 24.80
C ASN A 390 -6.07 -33.52 24.41
N LEU A 391 -6.37 -34.67 25.03
CA LEU A 391 -7.61 -35.37 24.73
C LEU A 391 -8.82 -34.50 25.06
N VAL A 392 -8.82 -33.89 26.25
CA VAL A 392 -9.95 -33.05 26.65
C VAL A 392 -10.12 -31.88 25.69
N TYR A 393 -9.01 -31.22 25.34
CA TYR A 393 -9.07 -30.04 24.50
C TYR A 393 -9.61 -30.39 23.11
N TRP A 394 -9.07 -31.44 22.49
CA TRP A 394 -9.47 -31.77 21.13
C TRP A 394 -10.88 -32.34 21.11
N ALA A 395 -11.27 -33.12 22.13
CA ALA A 395 -12.66 -33.57 22.20
C ALA A 395 -13.60 -32.40 22.35
N THR A 396 -13.23 -31.40 23.17
CA THR A 396 -14.09 -30.25 23.38
C THR A 396 -14.27 -29.44 22.10
N TYR A 397 -13.18 -29.18 21.38
CA TYR A 397 -13.24 -28.23 20.27
C TYR A 397 -13.54 -28.87 18.92
N LEU A 398 -13.14 -30.12 18.68
CA LEU A 398 -13.46 -30.76 17.41
C LEU A 398 -14.87 -31.33 17.34
N ASN A 399 -15.56 -31.44 18.48
CA ASN A 399 -16.94 -31.91 18.50
C ASN A 399 -17.96 -30.79 18.67
N ARG A 400 -17.53 -29.54 18.50
CA ARG A 400 -18.46 -28.41 18.60
C ARG A 400 -18.90 -27.95 17.22
N ASN B 62 -9.45 13.30 -52.37
CA ASN B 62 -10.78 13.89 -52.45
C ASN B 62 -11.55 13.68 -51.15
N MET B 63 -11.14 14.39 -50.10
CA MET B 63 -11.70 14.16 -48.78
C MET B 63 -13.19 14.51 -48.71
N SER B 64 -13.69 15.32 -49.63
CA SER B 64 -15.11 15.67 -49.65
C SER B 64 -15.96 14.44 -49.95
N PHE B 65 -15.57 13.66 -50.96
CA PHE B 65 -16.36 12.48 -51.32
C PHE B 65 -16.30 11.43 -50.23
N VAL B 66 -15.13 11.23 -49.63
CA VAL B 66 -15.00 10.27 -48.53
C VAL B 66 -15.85 10.71 -47.35
N LYS B 67 -15.85 12.01 -47.03
CA LYS B 67 -16.70 12.51 -45.95
C LYS B 67 -18.17 12.31 -46.25
N GLU B 68 -18.58 12.55 -47.50
CA GLU B 68 -19.96 12.31 -47.90
C GLU B 68 -20.32 10.84 -47.71
N THR B 69 -19.45 9.93 -48.14
CA THR B 69 -19.74 8.50 -48.01
C THR B 69 -19.86 8.10 -46.54
N VAL B 70 -18.92 8.57 -45.71
CA VAL B 70 -18.94 8.20 -44.30
C VAL B 70 -20.19 8.76 -43.62
N ASP B 71 -20.55 10.01 -43.91
CA ASP B 71 -21.78 10.55 -43.34
C ASP B 71 -23.00 9.81 -43.83
N LYS B 72 -22.99 9.33 -45.08
CA LYS B 72 -24.09 8.52 -45.58
C LYS B 72 -24.20 7.21 -44.82
N LEU B 73 -23.06 6.60 -44.49
CA LEU B 73 -23.08 5.31 -43.81
C LEU B 73 -23.75 5.41 -42.44
N LEU B 74 -23.45 6.48 -41.71
CA LEU B 74 -23.94 6.65 -40.34
C LEU B 74 -25.27 7.38 -40.27
N LYS B 75 -25.93 7.59 -41.41
CA LYS B 75 -27.14 8.43 -41.42
C LYS B 75 -28.29 7.72 -40.72
N GLY B 76 -28.69 6.56 -41.21
CA GLY B 76 -29.77 5.80 -40.61
C GLY B 76 -29.32 4.66 -39.73
N TYR B 77 -28.07 4.69 -39.30
CA TYR B 77 -27.51 3.59 -38.52
C TYR B 77 -28.14 3.54 -37.14
N ASP B 78 -28.59 2.35 -36.73
CA ASP B 78 -29.18 2.13 -35.42
C ASP B 78 -28.19 1.30 -34.61
N ILE B 79 -27.50 1.96 -33.67
CA ILE B 79 -26.49 1.28 -32.87
C ILE B 79 -27.11 0.32 -31.86
N ARG B 80 -28.42 0.42 -31.63
CA ARG B 80 -29.10 -0.45 -30.69
C ARG B 80 -29.37 -1.84 -31.24
N LEU B 81 -29.26 -2.04 -32.54
CA LEU B 81 -29.54 -3.32 -33.17
C LEU B 81 -28.27 -3.93 -33.72
N ARG B 82 -28.07 -5.22 -33.47
CA ARG B 82 -26.94 -5.95 -34.03
C ARG B 82 -27.13 -6.14 -35.53
N PRO B 83 -26.04 -6.32 -36.27
CA PRO B 83 -26.17 -6.70 -37.68
C PRO B 83 -26.95 -7.99 -37.85
N ASP B 84 -27.82 -8.01 -38.87
CA ASP B 84 -28.73 -9.13 -39.11
C ASP B 84 -29.67 -9.34 -37.93
N PHE B 85 -30.08 -8.25 -37.30
CA PHE B 85 -31.08 -8.34 -36.24
C PHE B 85 -32.37 -8.94 -36.80
N GLY B 86 -32.90 -9.93 -36.10
CA GLY B 86 -34.05 -10.66 -36.59
C GLY B 86 -33.74 -11.77 -37.56
N GLY B 87 -32.46 -12.08 -37.78
CA GLY B 87 -32.07 -13.08 -38.74
C GLY B 87 -31.05 -14.06 -38.20
N PRO B 88 -30.21 -14.59 -39.08
CA PRO B 88 -29.17 -15.53 -38.65
C PRO B 88 -28.14 -14.87 -37.77
N PRO B 89 -27.45 -15.63 -36.93
CA PRO B 89 -26.44 -15.05 -36.04
C PRO B 89 -25.28 -14.45 -36.84
N VAL B 90 -24.75 -13.35 -36.33
CA VAL B 90 -23.55 -12.73 -36.88
C VAL B 90 -22.33 -13.49 -36.38
N CYS B 91 -21.36 -13.72 -37.27
CA CYS B 91 -20.16 -14.49 -36.94
C CYS B 91 -19.03 -13.52 -36.60
N VAL B 92 -18.36 -13.77 -35.49
CA VAL B 92 -17.27 -12.93 -35.00
C VAL B 92 -16.02 -13.77 -34.88
N GLY B 93 -15.01 -13.48 -35.70
CA GLY B 93 -13.72 -14.13 -35.58
C GLY B 93 -12.81 -13.32 -34.66
N MET B 94 -11.92 -14.01 -33.96
CA MET B 94 -11.09 -13.38 -32.95
C MET B 94 -9.64 -13.78 -33.13
N ASN B 95 -8.73 -12.82 -32.91
CA ASN B 95 -7.30 -13.05 -32.91
C ASN B 95 -6.68 -12.36 -31.70
N ILE B 96 -5.64 -12.96 -31.15
CA ILE B 96 -4.91 -12.37 -30.03
C ILE B 96 -3.42 -12.39 -30.37
N ASP B 97 -2.76 -11.26 -30.15
CA ASP B 97 -1.30 -11.17 -30.17
C ASP B 97 -0.83 -10.88 -28.75
N ILE B 98 -0.23 -11.87 -28.09
CA ILE B 98 0.17 -11.73 -26.69
C ILE B 98 1.50 -11.00 -26.65
N ALA B 99 1.55 -9.85 -25.97
CA ALA B 99 2.76 -9.07 -25.89
C ALA B 99 3.63 -9.47 -24.69
N SER B 100 3.02 -9.72 -23.54
CA SER B 100 3.77 -10.12 -22.35
C SER B 100 2.83 -10.79 -21.36
N ILE B 101 3.41 -11.58 -20.47
CA ILE B 101 2.73 -12.13 -19.30
C ILE B 101 3.52 -11.69 -18.08
N ASP B 102 2.96 -10.79 -17.29
CA ASP B 102 3.64 -10.27 -16.11
C ASP B 102 3.45 -11.19 -14.92
N MET B 103 3.64 -10.65 -13.71
CA MET B 103 3.72 -11.39 -12.46
C MET B 103 2.66 -12.49 -12.38
N VAL B 104 3.12 -13.72 -12.20
CA VAL B 104 2.24 -14.85 -11.92
C VAL B 104 2.30 -15.08 -10.41
N SER B 105 1.28 -14.60 -9.71
CA SER B 105 1.28 -14.55 -8.25
C SER B 105 0.53 -15.75 -7.69
N GLU B 106 1.19 -16.46 -6.75
CA GLU B 106 0.51 -17.50 -5.99
C GLU B 106 -0.25 -16.95 -4.78
N VAL B 107 0.20 -15.83 -4.22
CA VAL B 107 -0.50 -15.23 -3.09
C VAL B 107 -1.88 -14.75 -3.52
N ASN B 108 -1.96 -14.08 -4.67
CA ASN B 108 -3.23 -13.59 -5.17
C ASN B 108 -3.95 -14.58 -6.07
N MET B 109 -3.30 -15.68 -6.44
CA MET B 109 -3.89 -16.71 -7.29
C MET B 109 -4.43 -16.11 -8.59
N ASP B 110 -3.54 -15.44 -9.32
CA ASP B 110 -3.90 -14.78 -10.56
C ASP B 110 -2.65 -14.54 -11.39
N TYR B 111 -2.86 -14.12 -12.63
CA TYR B 111 -1.76 -13.76 -13.53
C TYR B 111 -2.19 -12.57 -14.39
N THR B 112 -1.21 -11.83 -14.89
CA THR B 112 -1.47 -10.64 -15.66
C THR B 112 -1.02 -10.84 -17.10
N LEU B 113 -1.88 -10.41 -18.04
CA LEU B 113 -1.68 -10.63 -19.46
C LEU B 113 -1.88 -9.31 -20.20
N THR B 114 -0.98 -9.02 -21.13
CA THR B 114 -1.13 -7.90 -22.05
C THR B 114 -1.23 -8.43 -23.48
N MET B 115 -2.22 -7.95 -24.23
CA MET B 115 -2.48 -8.53 -25.53
C MET B 115 -3.13 -7.50 -26.45
N TYR B 116 -3.02 -7.78 -27.74
CA TYR B 116 -3.79 -7.11 -28.79
C TYR B 116 -4.94 -8.04 -29.17
N PHE B 117 -6.16 -7.58 -28.94
CA PHE B 117 -7.37 -8.35 -29.13
C PHE B 117 -8.10 -7.79 -30.34
N GLN B 118 -8.18 -8.57 -31.42
CA GLN B 118 -8.80 -8.14 -32.67
C GLN B 118 -10.04 -8.97 -32.94
N GLN B 119 -11.14 -8.27 -33.25
CA GLN B 119 -12.39 -8.90 -33.62
C GLN B 119 -12.72 -8.56 -35.07
N TYR B 120 -13.29 -9.53 -35.78
CA TYR B 120 -13.58 -9.43 -37.21
CA TYR B 120 -13.57 -9.44 -37.20
C TYR B 120 -15.03 -9.83 -37.43
N TRP B 121 -15.80 -8.96 -38.07
CA TRP B 121 -17.17 -9.32 -38.40
C TRP B 121 -17.63 -8.55 -39.64
N ARG B 122 -18.86 -8.80 -40.06
CA ARG B 122 -19.45 -8.15 -41.22
C ARG B 122 -20.74 -7.46 -40.84
N ASP B 123 -20.85 -6.18 -41.20
CA ASP B 123 -22.07 -5.40 -41.03
C ASP B 123 -22.44 -4.84 -42.39
N LYS B 124 -23.49 -5.40 -43.02
CA LYS B 124 -23.87 -4.96 -44.35
C LYS B 124 -24.35 -3.52 -44.38
N ARG B 125 -24.76 -2.96 -43.24
CA ARG B 125 -25.14 -1.55 -43.20
C ARG B 125 -23.97 -0.62 -43.46
N LEU B 126 -22.74 -1.10 -43.35
CA LEU B 126 -21.55 -0.28 -43.51
C LEU B 126 -20.84 -0.49 -44.84
N ALA B 127 -21.47 -1.18 -45.79
CA ALA B 127 -20.86 -1.38 -47.09
C ALA B 127 -20.88 -0.07 -47.90
N TYR B 128 -19.84 0.12 -48.70
CA TYR B 128 -19.72 1.32 -49.51
C TYR B 128 -19.07 0.96 -50.83
N SER B 129 -19.27 1.82 -51.83
CA SER B 129 -18.79 1.58 -53.18
C SER B 129 -18.14 2.85 -53.72
N GLY B 130 -17.25 2.66 -54.69
CA GLY B 130 -16.57 3.76 -55.34
C GLY B 130 -15.28 4.20 -54.68
N ILE B 131 -14.90 3.60 -53.56
CA ILE B 131 -13.67 3.94 -52.86
C ILE B 131 -12.84 2.67 -52.73
N PRO B 132 -11.86 2.47 -53.62
CA PRO B 132 -11.03 1.25 -53.58
C PRO B 132 -9.96 1.27 -52.49
N LEU B 133 -10.37 1.58 -51.27
CA LEU B 133 -9.46 1.60 -50.12
C LEU B 133 -10.16 1.03 -48.90
N ASN B 134 -9.37 0.46 -48.00
CA ASN B 134 -9.84 0.11 -46.67
C ASN B 134 -9.72 1.35 -45.78
N LEU B 135 -10.81 1.72 -45.12
CA LEU B 135 -10.87 2.99 -44.39
C LEU B 135 -10.52 2.75 -42.93
N THR B 136 -9.32 3.15 -42.53
CA THR B 136 -9.00 3.23 -41.11
C THR B 136 -9.55 4.54 -40.56
N LEU B 137 -10.38 4.46 -39.53
CA LEU B 137 -11.02 5.65 -39.01
C LEU B 137 -10.50 6.00 -37.62
N ASP B 138 -10.76 7.24 -37.21
CA ASP B 138 -10.47 7.66 -35.85
C ASP B 138 -11.19 6.75 -34.86
N ASN B 139 -10.48 6.36 -33.80
CA ASN B 139 -11.00 5.34 -32.90
C ASN B 139 -12.33 5.74 -32.27
N ARG B 140 -12.58 7.05 -32.15
CA ARG B 140 -13.82 7.51 -31.55
C ARG B 140 -15.05 7.13 -32.36
N VAL B 141 -14.89 6.82 -33.65
CA VAL B 141 -16.00 6.33 -34.44
C VAL B 141 -16.52 5.00 -33.92
N ALA B 142 -15.71 4.31 -33.10
CA ALA B 142 -16.18 3.10 -32.45
C ALA B 142 -17.36 3.38 -31.51
N ASP B 143 -17.52 4.61 -31.05
CA ASP B 143 -18.63 4.95 -30.18
C ASP B 143 -19.94 5.12 -30.92
N GLN B 144 -19.94 5.08 -32.25
CA GLN B 144 -21.15 5.20 -33.04
C GLN B 144 -21.51 3.93 -33.78
N LEU B 145 -20.67 2.91 -33.78
CA LEU B 145 -20.95 1.63 -34.41
C LEU B 145 -21.33 0.59 -33.37
N TRP B 146 -21.98 -0.48 -33.85
CA TRP B 146 -22.24 -1.64 -33.02
C TRP B 146 -20.97 -2.47 -32.92
N VAL B 147 -20.64 -2.91 -31.71
CA VAL B 147 -19.54 -3.85 -31.49
C VAL B 147 -20.02 -5.00 -30.62
N PRO B 148 -19.40 -6.17 -30.71
CA PRO B 148 -19.78 -7.27 -29.84
C PRO B 148 -19.52 -6.95 -28.37
N ASP B 149 -20.37 -7.49 -27.50
CA ASP B 149 -20.26 -7.27 -26.07
C ASP B 149 -19.37 -8.33 -25.42
N THR B 150 -18.16 -8.47 -25.95
CA THR B 150 -17.25 -9.51 -25.50
C THR B 150 -16.69 -9.18 -24.12
N TYR B 151 -16.63 -10.19 -23.25
CA TYR B 151 -16.07 -10.02 -21.92
C TYR B 151 -15.27 -11.26 -21.55
N PHE B 152 -14.49 -11.13 -20.48
CA PHE B 152 -13.66 -12.20 -19.96
C PHE B 152 -14.26 -12.65 -18.63
N LEU B 153 -14.59 -13.94 -18.53
CA LEU B 153 -15.33 -14.42 -17.36
C LEU B 153 -14.46 -14.44 -16.12
N ASN B 154 -13.20 -14.85 -16.25
CA ASN B 154 -12.32 -15.06 -15.11
C ASN B 154 -11.39 -13.88 -14.86
N ASP B 155 -11.75 -12.69 -15.32
CA ASP B 155 -10.93 -11.50 -15.11
C ASP B 155 -11.38 -10.76 -13.86
N LYS B 156 -10.40 -10.27 -13.10
CA LYS B 156 -10.62 -9.53 -11.86
C LYS B 156 -10.51 -8.03 -12.05
N LYS B 157 -9.52 -7.58 -12.82
CA LYS B 157 -9.33 -6.15 -13.07
C LYS B 157 -8.69 -5.99 -14.45
N SER B 158 -9.30 -5.13 -15.27
CA SER B 158 -8.86 -4.95 -16.64
C SER B 158 -8.96 -3.48 -17.01
N PHE B 159 -8.22 -3.09 -18.05
CA PHE B 159 -8.31 -1.74 -18.57
C PHE B 159 -7.77 -1.72 -20.00
N VAL B 160 -8.26 -0.76 -20.79
CA VAL B 160 -7.70 -0.44 -22.09
C VAL B 160 -6.70 0.69 -21.91
N HIS B 161 -5.52 0.54 -22.50
CA HIS B 161 -4.50 1.57 -22.43
C HIS B 161 -4.98 2.85 -23.11
N GLY B 162 -4.66 3.98 -22.50
CA GLY B 162 -5.20 5.24 -22.97
C GLY B 162 -4.17 6.34 -23.21
N VAL B 163 -2.92 5.95 -23.44
CA VAL B 163 -1.84 6.88 -23.75
C VAL B 163 -1.25 6.47 -25.09
N THR B 164 -1.10 7.44 -26.00
CA THR B 164 -1.53 8.82 -25.81
C THR B 164 -3.04 8.99 -25.97
N VAL B 165 -3.64 8.15 -26.79
CA VAL B 165 -5.09 8.09 -26.91
C VAL B 165 -5.56 6.69 -26.50
N LYS B 166 -6.86 6.47 -26.50
CA LYS B 166 -7.37 5.12 -26.27
C LYS B 166 -6.87 4.17 -27.34
N ASN B 167 -6.24 3.08 -26.90
CA ASN B 167 -5.59 2.16 -27.82
C ASN B 167 -6.61 1.32 -28.57
N ARG B 168 -7.29 1.95 -29.53
CA ARG B 168 -8.41 1.33 -30.22
C ARG B 168 -8.28 1.57 -31.72
N MET B 169 -8.64 0.58 -32.51
CA MET B 169 -8.56 0.66 -33.96
C MET B 169 -9.88 0.22 -34.58
N ILE B 170 -10.40 1.03 -35.50
CA ILE B 170 -11.56 0.68 -36.33
C ILE B 170 -11.14 0.75 -37.79
N ARG B 171 -11.27 -0.37 -38.50
CA ARG B 171 -10.93 -0.44 -39.91
C ARG B 171 -12.09 -1.03 -40.68
N LEU B 172 -12.68 -0.25 -41.59
CA LEU B 172 -13.77 -0.67 -42.44
C LEU B 172 -13.25 -1.16 -43.78
N HIS B 173 -14.01 -2.05 -44.40
CA HIS B 173 -13.70 -2.64 -45.68
C HIS B 173 -14.88 -2.43 -46.63
N PRO B 174 -14.63 -2.44 -47.95
CA PRO B 174 -15.69 -2.07 -48.89
C PRO B 174 -16.94 -2.92 -48.80
N ASP B 175 -16.81 -4.21 -48.44
CA ASP B 175 -17.97 -5.09 -48.39
C ASP B 175 -18.72 -5.01 -47.07
N GLY B 176 -18.33 -4.12 -46.17
CA GLY B 176 -18.97 -4.00 -44.88
C GLY B 176 -18.28 -4.70 -43.74
N THR B 177 -17.09 -5.24 -43.96
CA THR B 177 -16.35 -5.92 -42.90
C THR B 177 -15.72 -4.91 -41.96
N VAL B 178 -15.88 -5.15 -40.66
CA VAL B 178 -15.29 -4.33 -39.61
C VAL B 178 -14.20 -5.14 -38.91
N LEU B 179 -13.02 -4.53 -38.79
CA LEU B 179 -11.95 -4.98 -37.91
C LEU B 179 -11.85 -4.02 -36.72
N TYR B 180 -11.96 -4.57 -35.52
CA TYR B 180 -12.02 -3.78 -34.29
C TYR B 180 -10.94 -4.30 -33.34
N GLY B 181 -9.93 -3.48 -33.08
CA GLY B 181 -8.78 -3.89 -32.29
C GLY B 181 -8.65 -3.08 -31.01
N LEU B 182 -8.25 -3.76 -29.94
CA LEU B 182 -8.01 -3.12 -28.65
C LEU B 182 -6.71 -3.67 -28.07
N ARG B 183 -6.03 -2.84 -27.28
CA ARG B 183 -4.86 -3.30 -26.53
C ARG B 183 -5.24 -3.35 -25.06
N ILE B 184 -5.20 -4.54 -24.47
CA ILE B 184 -5.81 -4.78 -23.17
C ILE B 184 -4.79 -5.41 -22.25
N THR B 185 -4.76 -4.93 -21.00
CA THR B 185 -4.07 -5.60 -19.91
C THR B 185 -5.12 -6.09 -18.92
N THR B 186 -5.08 -7.38 -18.59
CA THR B 186 -6.07 -8.00 -17.72
C THR B 186 -5.38 -8.88 -16.69
N THR B 187 -5.81 -8.76 -15.43
CA THR B 187 -5.48 -9.74 -14.41
C THR B 187 -6.58 -10.78 -14.36
N ALA B 188 -6.21 -12.05 -14.54
CA ALA B 188 -7.17 -13.14 -14.59
C ALA B 188 -6.88 -14.13 -13.48
N ALA B 189 -7.94 -14.64 -12.86
CA ALA B 189 -7.80 -15.59 -11.76
C ALA B 189 -7.33 -16.94 -12.28
N CYS B 190 -6.42 -17.55 -11.52
CA CYS B 190 -5.91 -18.89 -11.86
C CYS B 190 -5.65 -19.61 -10.54
N MET B 191 -6.57 -20.50 -10.15
CA MET B 191 -6.38 -21.28 -8.95
C MET B 191 -5.26 -22.29 -9.16
N MET B 192 -4.31 -22.34 -8.23
CA MET B 192 -3.12 -23.16 -8.38
C MET B 192 -3.08 -24.23 -7.32
N ASP B 193 -2.67 -25.43 -7.72
CA ASP B 193 -2.45 -26.55 -6.80
C ASP B 193 -0.98 -26.55 -6.41
N LEU B 194 -0.69 -26.19 -5.16
CA LEU B 194 0.68 -25.97 -4.70
C LEU B 194 1.19 -27.15 -3.88
N ARG B 195 0.57 -28.33 -4.04
CA ARG B 195 0.99 -29.50 -3.27
C ARG B 195 2.38 -29.96 -3.68
N ARG B 196 2.74 -29.78 -4.95
CA ARG B 196 4.04 -30.16 -5.47
C ARG B 196 4.98 -28.96 -5.61
N TYR B 197 4.60 -27.81 -5.07
CA TYR B 197 5.46 -26.63 -5.14
C TYR B 197 6.77 -26.92 -4.41
N PRO B 198 7.92 -26.51 -4.96
CA PRO B 198 8.11 -25.70 -6.17
C PRO B 198 8.31 -26.53 -7.45
N LEU B 199 8.01 -27.83 -7.42
CA LEU B 199 8.08 -28.66 -8.61
C LEU B 199 6.71 -28.83 -9.27
N ASP B 200 5.86 -27.82 -9.18
CA ASP B 200 4.47 -27.92 -9.61
C ASP B 200 4.33 -27.49 -11.06
N GLU B 201 3.24 -27.93 -11.68
CA GLU B 201 2.87 -27.52 -13.03
C GLU B 201 1.44 -27.01 -13.00
N GLN B 202 1.24 -25.79 -13.51
CA GLN B 202 -0.07 -25.14 -13.46
C GLN B 202 -0.68 -25.03 -14.86
N ASN B 203 -1.99 -24.80 -14.88
CA ASN B 203 -2.75 -24.60 -16.11
C ASN B 203 -3.60 -23.36 -15.91
N CYS B 204 -3.29 -22.29 -16.63
CA CYS B 204 -4.02 -21.03 -16.49
C CYS B 204 -4.75 -20.69 -17.78
N THR B 205 -5.99 -20.23 -17.67
CA THR B 205 -6.85 -20.05 -18.82
C THR B 205 -7.35 -18.61 -18.92
N LEU B 206 -7.83 -18.27 -20.11
CA LEU B 206 -8.60 -17.07 -20.36
C LEU B 206 -9.89 -17.47 -21.05
N GLU B 207 -11.02 -17.09 -20.47
CA GLU B 207 -12.35 -17.45 -20.95
C GLU B 207 -13.00 -16.23 -21.58
N ILE B 208 -13.26 -16.31 -22.89
CA ILE B 208 -13.80 -15.21 -23.69
C ILE B 208 -15.23 -15.56 -24.04
N GLU B 209 -16.17 -14.68 -23.69
CA GLU B 209 -17.58 -15.02 -23.89
C GLU B 209 -18.35 -13.78 -24.30
N SER B 210 -19.54 -14.01 -24.86
CA SER B 210 -20.51 -12.95 -25.12
C SER B 210 -21.45 -12.85 -23.94
N TYR B 211 -21.68 -11.63 -23.47
CA TYR B 211 -22.53 -11.46 -22.28
C TYR B 211 -24.01 -11.57 -22.62
N GLY B 212 -24.52 -10.72 -23.51
CA GLY B 212 -25.95 -10.64 -23.70
C GLY B 212 -26.49 -11.47 -24.85
N TYR B 213 -25.68 -11.71 -25.87
CA TYR B 213 -26.14 -12.39 -27.07
C TYR B 213 -25.95 -13.89 -26.93
N THR B 214 -27.03 -14.63 -27.11
CA THR B 214 -26.98 -16.09 -27.09
C THR B 214 -26.55 -16.62 -28.45
N THR B 215 -26.47 -17.95 -28.56
CA THR B 215 -26.03 -18.57 -29.80
C THR B 215 -26.98 -18.35 -30.96
N ASP B 216 -28.20 -17.90 -30.68
CA ASP B 216 -29.13 -17.53 -31.75
C ASP B 216 -28.86 -16.14 -32.31
N ASP B 217 -27.97 -15.36 -31.68
CA ASP B 217 -27.62 -14.04 -32.16
C ASP B 217 -26.18 -13.91 -32.62
N ILE B 218 -25.27 -14.77 -32.15
CA ILE B 218 -23.84 -14.57 -32.36
C ILE B 218 -23.16 -15.92 -32.22
N GLU B 219 -22.03 -16.08 -32.91
CA GLU B 219 -21.21 -17.28 -32.76
C GLU B 219 -19.74 -16.90 -32.93
N PHE B 220 -18.91 -17.36 -32.00
CA PHE B 220 -17.49 -17.05 -32.00
C PHE B 220 -16.72 -18.15 -32.74
N TYR B 221 -15.55 -17.78 -33.25
CA TYR B 221 -14.61 -18.75 -33.77
C TYR B 221 -13.21 -18.15 -33.77
N TRP B 222 -12.22 -19.03 -33.71
CA TRP B 222 -10.82 -18.63 -33.77
C TRP B 222 -10.41 -18.40 -35.22
N ARG B 223 -10.08 -17.16 -35.57
CA ARG B 223 -9.78 -16.78 -36.94
C ARG B 223 -8.35 -17.20 -37.26
N GLY B 224 -8.21 -18.19 -38.14
CA GLY B 224 -6.94 -18.78 -38.46
C GLY B 224 -6.67 -20.14 -37.82
N GLY B 225 -7.68 -20.79 -37.28
CA GLY B 225 -7.48 -22.12 -36.70
C GLY B 225 -6.59 -22.07 -35.47
N ASP B 226 -5.50 -22.83 -35.51
CA ASP B 226 -4.55 -22.90 -34.41
C ASP B 226 -3.50 -21.81 -34.46
N LYS B 227 -3.56 -20.92 -35.45
CA LYS B 227 -2.64 -19.80 -35.56
C LYS B 227 -3.31 -18.47 -35.20
N ALA B 228 -4.43 -18.53 -34.48
CA ALA B 228 -5.15 -17.34 -34.07
C ALA B 228 -4.50 -16.60 -32.91
N VAL B 229 -3.59 -17.26 -32.18
CA VAL B 229 -2.86 -16.64 -31.07
C VAL B 229 -1.38 -16.63 -31.43
N THR B 230 -0.77 -15.45 -31.40
CA THR B 230 0.63 -15.26 -31.73
C THR B 230 1.36 -14.65 -30.54
N GLY B 231 2.68 -14.82 -30.53
CA GLY B 231 3.52 -14.22 -29.51
C GLY B 231 3.76 -15.08 -28.29
N VAL B 232 3.24 -16.30 -28.26
CA VAL B 232 3.43 -17.17 -27.10
C VAL B 232 4.88 -17.61 -27.02
N GLU B 233 5.51 -17.90 -28.16
CA GLU B 233 6.86 -18.44 -28.18
C GLU B 233 7.93 -17.42 -27.80
N ARG B 234 7.58 -16.13 -27.74
CA ARG B 234 8.54 -15.09 -27.38
C ARG B 234 8.37 -14.59 -25.95
N ILE B 235 7.43 -15.15 -25.19
CA ILE B 235 7.26 -14.75 -23.81
C ILE B 235 8.43 -15.23 -22.97
N GLU B 236 8.93 -14.37 -22.10
CA GLU B 236 10.00 -14.71 -21.17
C GLU B 236 9.48 -14.58 -19.75
N LEU B 237 9.48 -15.68 -19.00
CA LEU B 237 9.07 -15.67 -17.61
C LEU B 237 10.24 -16.07 -16.74
N PRO B 238 10.56 -15.32 -15.68
CA PRO B 238 11.71 -15.69 -14.84
C PRO B 238 11.51 -17.02 -14.12
N GLN B 239 10.31 -17.28 -13.62
CA GLN B 239 10.07 -18.43 -12.76
C GLN B 239 9.40 -19.60 -13.48
N PHE B 240 8.82 -19.37 -14.66
CA PHE B 240 8.08 -20.41 -15.36
C PHE B 240 8.58 -20.52 -16.80
N SER B 241 8.19 -21.62 -17.44
CA SER B 241 8.32 -21.80 -18.87
C SER B 241 6.99 -22.28 -19.43
N ILE B 242 6.58 -21.72 -20.56
CA ILE B 242 5.29 -22.07 -21.17
C ILE B 242 5.50 -23.33 -22.00
N VAL B 243 5.03 -24.47 -21.47
CA VAL B 243 5.21 -25.75 -22.18
C VAL B 243 4.31 -25.79 -23.41
N GLU B 244 3.06 -25.40 -23.26
CA GLU B 244 2.09 -25.57 -24.33
C GLU B 244 0.98 -24.53 -24.17
N HIS B 245 0.31 -24.23 -25.28
CA HIS B 245 -0.89 -23.43 -25.29
C HIS B 245 -1.95 -24.10 -26.15
N ARG B 246 -3.20 -23.92 -25.75
CA ARG B 246 -4.33 -24.62 -26.35
C ARG B 246 -5.47 -23.65 -26.60
N LEU B 247 -6.22 -23.91 -27.67
CA LEU B 247 -7.38 -23.12 -28.05
C LEU B 247 -8.60 -24.03 -28.12
N VAL B 248 -9.70 -23.60 -27.49
CA VAL B 248 -10.92 -24.39 -27.43
C VAL B 248 -12.09 -23.50 -27.80
N SER B 249 -13.09 -24.07 -28.47
CA SER B 249 -14.35 -23.41 -28.77
C SER B 249 -15.49 -24.31 -28.33
N ARG B 250 -16.46 -23.76 -27.60
CA ARG B 250 -17.55 -24.57 -27.06
C ARG B 250 -18.73 -23.65 -26.76
N ASN B 251 -19.75 -24.22 -26.12
CA ASN B 251 -20.92 -23.49 -25.68
C ASN B 251 -21.11 -23.69 -24.19
N VAL B 252 -21.59 -22.65 -23.51
CA VAL B 252 -21.89 -22.70 -22.09
C VAL B 252 -23.36 -22.34 -21.91
N VAL B 253 -24.07 -23.12 -21.10
CA VAL B 253 -25.49 -22.90 -20.82
C VAL B 253 -25.63 -22.26 -19.45
N PHE B 254 -26.31 -21.13 -19.38
CA PHE B 254 -26.79 -20.52 -18.15
C PHE B 254 -28.32 -20.49 -18.21
N ALA B 255 -28.92 -20.05 -17.10
CA ALA B 255 -30.37 -20.01 -17.01
C ALA B 255 -31.00 -19.10 -18.06
N THR B 256 -30.23 -18.17 -18.64
CA THR B 256 -30.75 -17.25 -19.64
C THR B 256 -30.42 -17.69 -21.07
N GLY B 257 -29.83 -18.87 -21.25
CA GLY B 257 -29.64 -19.41 -22.58
C GLY B 257 -28.25 -19.97 -22.77
N ALA B 258 -27.94 -20.28 -24.03
CA ALA B 258 -26.65 -20.86 -24.41
C ALA B 258 -25.80 -19.80 -25.11
N TYR B 259 -24.53 -19.72 -24.74
CA TYR B 259 -23.63 -18.68 -25.20
C TYR B 259 -22.35 -19.30 -25.75
N PRO B 260 -21.72 -18.66 -26.73
CA PRO B 260 -20.45 -19.17 -27.25
C PRO B 260 -19.29 -18.82 -26.31
N ARG B 261 -18.33 -19.74 -26.24
CA ARG B 261 -17.20 -19.61 -25.34
C ARG B 261 -15.92 -19.98 -26.09
N LEU B 262 -14.91 -19.12 -25.99
CA LEU B 262 -13.56 -19.43 -26.43
C LEU B 262 -12.64 -19.53 -25.22
N SER B 263 -11.72 -20.48 -25.27
CA SER B 263 -10.80 -20.71 -24.16
C SER B 263 -9.37 -20.71 -24.69
N LEU B 264 -8.51 -19.91 -24.09
CA LEU B 264 -7.08 -19.93 -24.39
C LEU B 264 -6.34 -20.34 -23.12
N SER B 265 -5.68 -21.50 -23.15
CA SER B 265 -5.04 -22.03 -21.96
C SER B 265 -3.54 -22.19 -22.17
N PHE B 266 -2.77 -21.94 -21.11
CA PHE B 266 -1.34 -22.16 -21.09
C PHE B 266 -1.00 -23.15 -19.97
N ARG B 267 -0.01 -24.00 -20.24
CA ARG B 267 0.54 -24.89 -19.22
C ARG B 267 1.91 -24.39 -18.82
N LEU B 268 2.05 -24.00 -17.55
CA LEU B 268 3.27 -23.40 -17.03
C LEU B 268 4.01 -24.40 -16.15
N LYS B 269 5.31 -24.54 -16.39
CA LYS B 269 6.18 -25.39 -15.58
C LYS B 269 7.17 -24.53 -14.82
N ARG B 270 7.22 -24.67 -13.51
CA ARG B 270 8.09 -23.83 -12.69
C ARG B 270 9.54 -24.27 -12.85
N ASN B 271 10.45 -23.30 -12.86
CA ASN B 271 11.88 -23.58 -12.86
C ASN B 271 12.40 -23.75 -11.44
N ILE B 272 13.28 -24.75 -11.26
CA ILE B 272 13.73 -25.14 -9.93
C ILE B 272 15.08 -24.56 -9.57
N GLY B 273 15.79 -23.96 -10.54
CA GLY B 273 17.16 -23.50 -10.28
C GLY B 273 17.24 -22.48 -9.15
N TYR B 274 16.29 -21.54 -9.11
CA TYR B 274 16.28 -20.57 -8.02
C TYR B 274 16.15 -21.24 -6.66
N PHE B 275 15.30 -22.26 -6.56
CA PHE B 275 15.09 -22.91 -5.27
C PHE B 275 16.25 -23.82 -4.91
N ILE B 276 16.93 -24.40 -5.90
CA ILE B 276 18.17 -25.12 -5.64
C ILE B 276 19.22 -24.18 -5.09
N LEU B 277 19.36 -22.99 -5.70
CA LEU B 277 20.35 -22.02 -5.21
C LEU B 277 19.99 -21.48 -3.84
N GLN B 278 18.70 -21.30 -3.55
CA GLN B 278 18.28 -20.51 -2.40
C GLN B 278 17.94 -21.34 -1.17
N THR B 279 17.26 -22.47 -1.32
CA THR B 279 16.75 -23.20 -0.17
C THR B 279 17.35 -24.59 0.00
N TYR B 280 17.39 -25.38 -1.07
CA TYR B 280 17.84 -26.77 -0.93
C TYR B 280 19.33 -26.84 -0.62
N MET B 281 20.15 -26.13 -1.38
CA MET B 281 21.59 -26.21 -1.18
C MET B 281 22.04 -25.72 0.19
N PRO B 282 21.60 -24.55 0.70
CA PRO B 282 22.00 -24.17 2.06
C PRO B 282 21.56 -25.17 3.11
N SER B 283 20.36 -25.73 2.98
CA SER B 283 19.90 -26.72 3.95
C SER B 283 20.76 -27.98 3.92
N ILE B 284 21.11 -28.45 2.72
CA ILE B 284 21.99 -29.61 2.62
C ILE B 284 23.35 -29.31 3.22
N LEU B 285 23.90 -28.13 2.95
CA LEU B 285 25.22 -27.79 3.47
C LEU B 285 25.22 -27.70 4.99
N ILE B 286 24.16 -27.12 5.57
CA ILE B 286 24.07 -27.03 7.02
C ILE B 286 23.86 -28.41 7.64
N THR B 287 23.09 -29.27 6.98
CA THR B 287 22.91 -30.62 7.49
C THR B 287 24.22 -31.39 7.49
N ILE B 288 25.01 -31.27 6.42
CA ILE B 288 26.31 -31.91 6.38
C ILE B 288 27.25 -31.30 7.43
N LEU B 289 27.19 -29.98 7.61
CA LEU B 289 27.99 -29.32 8.62
C LEU B 289 27.69 -29.84 10.01
N SER B 290 26.41 -30.14 10.28
CA SER B 290 26.04 -30.66 11.60
C SER B 290 26.70 -32.00 11.88
N TRP B 291 27.07 -32.74 10.83
CA TRP B 291 27.69 -34.05 11.04
C TRP B 291 29.16 -33.95 11.37
N VAL B 292 29.75 -32.76 11.20
CA VAL B 292 31.17 -32.60 11.54
C VAL B 292 31.41 -32.84 13.03
N SER B 293 30.40 -32.60 13.85
CA SER B 293 30.57 -32.77 15.30
C SER B 293 30.91 -34.21 15.66
N PHE B 294 30.34 -35.18 14.92
CA PHE B 294 30.56 -36.59 15.25
C PHE B 294 32.02 -36.99 15.06
N TRP B 295 32.79 -36.22 14.30
CA TRP B 295 34.20 -36.55 14.10
C TRP B 295 35.09 -35.81 15.08
N ILE B 296 34.52 -34.95 15.91
CA ILE B 296 35.30 -34.29 16.95
C ILE B 296 35.14 -35.03 18.26
N ASN B 297 36.25 -35.23 18.97
CA ASN B 297 36.25 -36.02 20.19
C ASN B 297 35.29 -35.45 21.23
N TYR B 298 34.63 -36.34 21.97
CA TYR B 298 33.55 -35.93 22.86
C TYR B 298 34.04 -35.08 24.02
N ASP B 299 35.35 -35.10 24.31
CA ASP B 299 35.85 -34.30 25.42
C ASP B 299 35.93 -32.84 25.04
N ALA B 300 35.90 -32.53 23.74
CA ALA B 300 35.92 -31.15 23.26
C ALA B 300 34.50 -30.63 23.28
N SER B 301 34.09 -30.15 24.46
CA SER B 301 32.71 -29.74 24.66
C SER B 301 32.38 -28.45 23.91
N ALA B 302 33.27 -27.47 24.00
CA ALA B 302 32.99 -26.16 23.41
C ALA B 302 32.83 -26.24 21.90
N ALA B 303 33.70 -27.01 21.24
CA ALA B 303 33.63 -27.12 19.79
C ALA B 303 32.31 -27.72 19.33
N ARG B 304 31.92 -28.84 19.94
CA ARG B 304 30.71 -29.53 19.51
C ARG B 304 29.46 -28.72 19.85
N VAL B 305 29.46 -28.06 21.01
CA VAL B 305 28.32 -27.22 21.38
C VAL B 305 28.21 -26.04 20.42
N ALA B 306 29.35 -25.43 20.05
CA ALA B 306 29.31 -24.34 19.08
C ALA B 306 28.75 -24.81 17.74
N LEU B 307 29.20 -25.97 17.28
CA LEU B 307 28.71 -26.51 16.01
C LEU B 307 27.20 -26.74 16.06
N GLY B 308 26.74 -27.43 17.10
CA GLY B 308 25.32 -27.74 17.18
C GLY B 308 24.45 -26.49 17.30
N ILE B 309 24.85 -25.56 18.18
CA ILE B 309 24.07 -24.33 18.34
C ILE B 309 24.03 -23.54 17.05
N THR B 310 25.17 -23.43 16.36
CA THR B 310 25.21 -22.70 15.10
C THR B 310 24.30 -23.34 14.07
N THR B 311 24.35 -24.66 13.93
CA THR B 311 23.51 -25.35 12.95
C THR B 311 22.04 -25.16 13.27
N VAL B 312 21.68 -25.30 14.55
CA VAL B 312 20.27 -25.20 14.94
C VAL B 312 19.74 -23.80 14.68
N LEU B 313 20.48 -22.78 15.13
CA LEU B 313 19.99 -21.42 14.95
C LEU B 313 19.96 -21.04 13.48
N THR B 314 20.91 -21.51 12.68
CA THR B 314 20.88 -21.18 11.26
C THR B 314 19.70 -21.85 10.57
N MET B 315 19.40 -23.10 10.92
CA MET B 315 18.22 -23.76 10.35
C MET B 315 16.95 -23.03 10.73
N THR B 316 16.84 -22.62 11.99
CA THR B 316 15.66 -21.87 12.41
C THR B 316 15.55 -20.56 11.65
N THR B 317 16.67 -19.86 11.45
CA THR B 317 16.62 -18.61 10.69
C THR B 317 16.15 -18.85 9.26
N ILE B 318 16.65 -19.91 8.63
CA ILE B 318 16.23 -20.23 7.26
C ILE B 318 14.74 -20.51 7.23
N ASN B 319 14.26 -21.31 8.18
CA ASN B 319 12.85 -21.67 8.21
C ASN B 319 11.98 -20.44 8.40
N THR B 320 12.32 -19.59 9.37
CA THR B 320 11.50 -18.42 9.66
C THR B 320 11.53 -17.43 8.51
N HIS B 321 12.65 -17.38 7.78
CA HIS B 321 12.70 -16.57 6.57
C HIS B 321 11.75 -17.10 5.51
N LEU B 322 11.66 -18.42 5.37
CA LEU B 322 10.88 -19.01 4.29
C LEU B 322 9.42 -19.32 4.67
N ARG B 323 9.01 -19.12 5.92
CA ARG B 323 7.68 -19.58 6.31
C ARG B 323 6.55 -18.80 5.63
N GLU B 324 6.42 -17.49 5.93
CA GLU B 324 5.32 -16.70 5.38
C GLU B 324 5.68 -15.93 4.11
N THR B 325 6.31 -16.60 3.14
CA THR B 325 6.50 -15.98 1.83
C THR B 325 5.48 -16.51 0.82
N LEU B 326 4.49 -17.26 1.28
CA LEU B 326 3.50 -17.93 0.45
C LEU B 326 2.08 -17.71 0.98
N PRO B 327 1.04 -17.91 0.16
CA PRO B 327 -0.33 -17.79 0.67
C PRO B 327 -0.63 -18.85 1.71
N LYS B 328 -1.57 -18.53 2.60
CA LYS B 328 -1.94 -19.41 3.71
C LYS B 328 -2.73 -20.63 3.27
N ILE B 329 -2.11 -21.52 2.49
CA ILE B 329 -2.76 -22.75 2.07
C ILE B 329 -2.77 -23.72 3.24
N PRO B 330 -3.79 -24.57 3.37
CA PRO B 330 -3.89 -25.45 4.55
C PRO B 330 -3.09 -26.75 4.47
N TYR B 331 -2.55 -27.10 3.30
CA TYR B 331 -1.90 -28.40 3.13
C TYR B 331 -0.39 -28.26 3.21
N VAL B 332 0.33 -29.37 3.15
CA VAL B 332 1.78 -29.38 3.29
C VAL B 332 2.40 -29.41 1.89
N LYS B 333 3.34 -28.51 1.64
CA LYS B 333 4.05 -28.51 0.37
C LYS B 333 5.36 -29.28 0.47
N ALA B 334 5.96 -29.53 -0.70
CA ALA B 334 7.20 -30.32 -0.76
C ALA B 334 8.36 -29.63 -0.06
N ILE B 335 8.51 -28.32 -0.28
CA ILE B 335 9.60 -27.60 0.37
C ILE B 335 9.43 -27.54 1.88
N ASP B 336 8.17 -27.48 2.36
CA ASP B 336 7.95 -27.55 3.80
C ASP B 336 8.41 -28.89 4.37
N MET B 337 8.10 -29.99 3.67
CA MET B 337 8.55 -31.29 4.13
C MET B 337 10.08 -31.41 4.12
N TYR B 338 10.72 -30.90 3.08
CA TYR B 338 12.18 -30.97 3.01
C TYR B 338 12.83 -30.17 4.14
N LEU B 339 12.34 -28.95 4.37
CA LEU B 339 12.93 -28.13 5.43
C LEU B 339 12.67 -28.70 6.81
N MET B 340 11.46 -29.25 7.03
CA MET B 340 11.18 -29.87 8.33
C MET B 340 12.04 -31.11 8.55
N GLY B 341 12.26 -31.91 7.50
CA GLY B 341 13.17 -33.03 7.64
C GLY B 341 14.60 -32.64 7.94
N CYS B 342 15.10 -31.61 7.26
CA CYS B 342 16.46 -31.14 7.56
C CYS B 342 16.57 -30.62 8.98
N PHE B 343 15.56 -29.88 9.44
CA PHE B 343 15.56 -29.43 10.83
C PHE B 343 15.55 -30.61 11.79
N VAL B 344 14.72 -31.62 11.50
CA VAL B 344 14.68 -32.81 12.36
C VAL B 344 16.05 -33.48 12.43
N PHE B 345 16.73 -33.59 11.28
CA PHE B 345 18.05 -34.21 11.27
C PHE B 345 19.05 -33.44 12.11
N VAL B 346 19.13 -32.12 11.94
CA VAL B 346 20.13 -31.37 12.70
C VAL B 346 19.78 -31.36 14.19
N PHE B 347 18.49 -31.28 14.52
CA PHE B 347 18.06 -31.34 15.91
C PHE B 347 18.41 -32.68 16.53
N LEU B 348 18.23 -33.77 15.78
CA LEU B 348 18.56 -35.10 16.30
C LEU B 348 20.07 -35.24 16.47
N ALA B 349 20.85 -34.61 15.61
CA ALA B 349 22.30 -34.59 15.81
C ALA B 349 22.66 -33.89 17.11
N LEU B 350 22.01 -32.75 17.38
CA LEU B 350 22.25 -32.05 18.64
C LEU B 350 21.85 -32.91 19.84
N LEU B 351 20.70 -33.61 19.73
CA LEU B 351 20.27 -34.49 20.81
C LEU B 351 21.24 -35.65 21.00
N GLU B 352 21.78 -36.17 19.90
CA GLU B 352 22.80 -37.21 19.99
C GLU B 352 24.01 -36.72 20.76
N TYR B 353 24.44 -35.48 20.46
CA TYR B 353 25.58 -34.94 21.22
C TYR B 353 25.23 -34.77 22.68
N ALA B 354 24.01 -34.31 22.98
CA ALA B 354 23.63 -34.14 24.37
C ALA B 354 23.67 -35.48 25.11
N PHE B 355 23.17 -36.53 24.46
CA PHE B 355 23.19 -37.86 25.07
C PHE B 355 24.62 -38.37 25.25
N VAL B 356 25.48 -38.15 24.25
CA VAL B 356 26.88 -38.58 24.37
C VAL B 356 27.56 -37.86 25.51
N ASN B 357 27.31 -36.56 25.64
CA ASN B 357 27.87 -35.78 26.74
C ASN B 357 27.31 -36.27 28.07
N TYR B 358 26.09 -36.82 28.04
CA TYR B 358 25.47 -37.28 29.28
C TYR B 358 26.07 -38.57 29.80
N ILE B 359 26.61 -39.42 28.93
CA ILE B 359 27.05 -40.75 29.36
C ILE B 359 28.49 -41.05 28.96
N PHE B 360 29.33 -40.02 28.83
CA PHE B 360 30.71 -40.26 28.45
C PHE B 360 31.66 -40.32 29.64
N PHE B 361 31.17 -40.16 30.87
CA PHE B 361 32.00 -40.29 32.04
C PHE B 361 32.13 -41.74 32.51
N SER B 362 30.99 -42.37 32.82
CA SER B 362 30.99 -43.76 33.25
C SER B 362 31.21 -44.73 32.09
N GLN B 363 30.75 -44.38 30.89
CA GLN B 363 30.78 -45.28 29.74
C GLN B 363 31.42 -44.58 28.54
N PRO B 364 32.75 -44.43 28.54
CA PRO B 364 33.38 -43.77 27.39
C PRO B 364 33.34 -44.63 26.13
N ALA B 365 33.50 -45.95 26.27
CA ALA B 365 33.48 -46.83 25.11
C ALA B 365 32.13 -46.79 24.43
N ARG B 366 31.06 -46.79 25.23
CA ARG B 366 29.71 -46.69 24.67
C ARG B 366 29.54 -45.36 23.93
N ALA B 367 30.10 -44.28 24.47
CA ALA B 367 30.01 -42.99 23.79
C ALA B 367 30.75 -43.02 22.45
N ALA B 368 31.95 -43.61 22.43
CA ALA B 368 32.68 -43.72 21.17
C ALA B 368 31.91 -44.55 20.15
N ALA B 369 31.29 -45.65 20.60
CA ALA B 369 30.49 -46.46 19.69
C ALA B 369 29.29 -45.69 19.16
N ILE B 370 28.65 -44.91 20.04
CA ILE B 370 27.50 -44.13 19.63
C ILE B 370 27.91 -43.08 18.61
N ASP B 371 29.05 -42.44 18.82
CA ASP B 371 29.55 -41.49 17.82
C ASP B 371 29.82 -42.19 16.48
N ARG B 372 30.47 -43.35 16.51
CA ARG B 372 30.79 -44.06 15.27
C ARG B 372 29.52 -44.46 14.52
N TRP B 373 28.51 -44.89 15.27
CA TRP B 373 27.27 -45.26 14.62
C TRP B 373 26.56 -44.02 14.09
N SER B 374 26.62 -42.89 14.79
CA SER B 374 26.02 -41.70 14.23
C SER B 374 26.74 -41.34 12.93
N ARG B 375 28.07 -41.47 12.93
CA ARG B 375 28.91 -41.18 11.77
C ARG B 375 28.49 -41.96 10.55
N ILE B 376 27.93 -43.15 10.74
CA ILE B 376 27.52 -43.97 9.61
C ILE B 376 26.02 -43.85 9.35
N VAL B 377 25.21 -43.77 10.39
CA VAL B 377 23.76 -43.78 10.25
C VAL B 377 23.24 -42.48 9.64
N PHE B 378 23.77 -41.33 10.09
CA PHE B 378 23.24 -40.06 9.61
C PHE B 378 23.44 -39.84 8.11
N PRO B 379 24.62 -40.03 7.52
CA PRO B 379 24.71 -39.88 6.06
C PRO B 379 23.82 -40.85 5.30
N PHE B 380 23.74 -42.10 5.76
CA PHE B 380 22.93 -43.10 5.08
C PHE B 380 21.45 -42.76 5.14
N THR B 381 20.95 -42.39 6.32
CA THR B 381 19.54 -42.04 6.44
C THR B 381 19.21 -40.76 5.70
N PHE B 382 20.12 -39.78 5.68
CA PHE B 382 19.86 -38.59 4.89
C PHE B 382 19.83 -38.90 3.40
N SER B 383 20.72 -39.78 2.93
CA SER B 383 20.69 -40.19 1.54
C SER B 383 19.39 -40.90 1.19
N LEU B 384 18.92 -41.79 2.08
CA LEU B 384 17.67 -42.48 1.83
C LEU B 384 16.50 -41.51 1.80
N PHE B 385 16.48 -40.54 2.73
CA PHE B 385 15.42 -39.54 2.74
C PHE B 385 15.41 -38.73 1.46
N ASN B 386 16.59 -38.31 0.99
CA ASN B 386 16.67 -37.56 -0.26
C ASN B 386 16.20 -38.41 -1.44
N LEU B 387 16.59 -39.69 -1.46
CA LEU B 387 16.17 -40.57 -2.54
C LEU B 387 14.65 -40.69 -2.57
N VAL B 388 14.04 -40.94 -1.41
CA VAL B 388 12.59 -41.08 -1.34
C VAL B 388 11.91 -39.79 -1.75
N TYR B 389 12.40 -38.65 -1.26
CA TYR B 389 11.80 -37.36 -1.59
C TYR B 389 11.84 -37.10 -3.09
N TRP B 390 13.03 -37.23 -3.70
CA TRP B 390 13.16 -36.87 -5.11
C TRP B 390 12.55 -37.92 -6.03
N LEU B 391 12.35 -39.16 -5.57
CA LEU B 391 11.57 -40.10 -6.36
C LEU B 391 10.07 -39.83 -6.23
N TYR B 392 9.61 -39.36 -5.08
CA TYR B 392 8.19 -39.08 -4.90
C TYR B 392 7.77 -37.83 -5.66
N TYR B 393 8.60 -36.77 -5.63
CA TYR B 393 8.21 -35.49 -6.19
C TYR B 393 8.68 -35.28 -7.63
N VAL B 394 9.36 -36.24 -8.22
CA VAL B 394 9.78 -36.11 -9.61
C VAL B 394 9.28 -37.30 -10.42
N ASN C 62 -34.28 40.08 -7.42
CA ASN C 62 -34.98 39.25 -8.39
C ASN C 62 -34.06 38.19 -8.96
N MET C 63 -34.50 36.93 -8.93
CA MET C 63 -33.68 35.85 -9.45
C MET C 63 -33.66 35.83 -10.98
N SER C 64 -34.74 36.26 -11.62
CA SER C 64 -34.77 36.27 -13.07
C SER C 64 -33.83 37.32 -13.66
N PHE C 65 -33.68 38.45 -12.97
CA PHE C 65 -32.77 39.48 -13.45
C PHE C 65 -31.32 38.99 -13.43
N VAL C 66 -30.92 38.36 -12.33
CA VAL C 66 -29.58 37.76 -12.27
C VAL C 66 -29.45 36.64 -13.29
N LYS C 67 -30.52 35.86 -13.49
CA LYS C 67 -30.47 34.78 -14.46
C LYS C 67 -30.20 35.31 -15.87
N GLU C 68 -30.88 36.38 -16.25
CA GLU C 68 -30.67 36.96 -17.58
C GLU C 68 -29.34 37.69 -17.66
N THR C 69 -28.86 38.25 -16.55
CA THR C 69 -27.53 38.87 -16.54
C THR C 69 -26.46 37.82 -16.82
N VAL C 70 -26.56 36.67 -16.16
CA VAL C 70 -25.57 35.61 -16.38
C VAL C 70 -25.71 35.01 -17.78
N ASP C 71 -26.94 34.88 -18.27
CA ASP C 71 -27.14 34.40 -19.64
C ASP C 71 -26.51 35.35 -20.65
N LYS C 72 -26.62 36.67 -20.40
CA LYS C 72 -25.98 37.63 -21.28
C LYS C 72 -24.45 37.55 -21.16
N LEU C 73 -23.95 37.33 -19.93
CA LEU C 73 -22.52 37.19 -19.74
C LEU C 73 -21.96 36.02 -20.54
N LEU C 74 -22.65 34.87 -20.50
CA LEU C 74 -22.15 33.69 -21.19
C LEU C 74 -22.54 33.64 -22.66
N LYS C 75 -23.39 34.57 -23.11
CA LYS C 75 -23.74 34.62 -24.52
C LYS C 75 -22.59 35.19 -25.34
N GLY C 76 -22.17 34.46 -26.37
CA GLY C 76 -21.05 34.89 -27.18
C GLY C 76 -19.70 34.73 -26.54
N TYR C 77 -19.60 33.92 -25.49
CA TYR C 77 -18.34 33.72 -24.78
C TYR C 77 -17.57 32.58 -25.43
N ASP C 78 -16.33 32.84 -25.83
CA ASP C 78 -15.48 31.84 -26.46
C ASP C 78 -14.52 31.29 -25.42
N ILE C 79 -14.76 30.05 -24.98
CA ILE C 79 -13.91 29.45 -23.96
C ILE C 79 -12.56 29.06 -24.53
N ARG C 80 -12.42 29.01 -25.85
CA ARG C 80 -11.16 28.64 -26.50
C ARG C 80 -10.13 29.76 -26.49
N LEU C 81 -10.50 30.96 -26.01
CA LEU C 81 -9.62 32.11 -26.05
C LEU C 81 -9.37 32.64 -24.64
N ARG C 82 -8.12 32.95 -24.35
CA ARG C 82 -7.76 33.56 -23.08
C ARG C 82 -8.26 34.99 -23.02
N PRO C 83 -8.43 35.53 -21.81
CA PRO C 83 -8.71 36.98 -21.69
C PRO C 83 -7.62 37.81 -22.35
N ASP C 84 -8.04 38.84 -23.08
CA ASP C 84 -7.13 39.70 -23.84
C ASP C 84 -6.29 38.88 -24.81
N PHE C 85 -6.91 37.89 -25.43
CA PHE C 85 -6.25 37.11 -26.47
C PHE C 85 -5.81 38.02 -27.61
N GLY C 86 -4.55 37.89 -28.01
CA GLY C 86 -3.98 38.78 -29.01
C GLY C 86 -3.47 40.09 -28.47
N GLY C 87 -3.48 40.29 -27.16
CA GLY C 87 -3.01 41.52 -26.58
C GLY C 87 -2.00 41.30 -25.46
N PRO C 88 -2.00 42.17 -24.46
CA PRO C 88 -1.05 42.04 -23.36
C PRO C 88 -1.33 40.78 -22.56
N PRO C 89 -0.32 40.23 -21.88
CA PRO C 89 -0.54 39.02 -21.10
C PRO C 89 -1.46 39.26 -19.91
N VAL C 90 -2.21 38.23 -19.56
CA VAL C 90 -3.11 38.26 -18.42
C VAL C 90 -2.33 37.85 -17.18
N CYS C 91 -2.53 38.59 -16.08
CA CYS C 91 -1.80 38.35 -14.84
C CYS C 91 -2.65 37.49 -13.91
N VAL C 92 -2.05 36.43 -13.39
CA VAL C 92 -2.73 35.50 -12.49
C VAL C 92 -2.02 35.50 -11.16
N GLY C 93 -2.75 35.84 -10.10
CA GLY C 93 -2.21 35.78 -8.74
C GLY C 93 -2.62 34.49 -8.07
N MET C 94 -1.75 33.96 -7.22
CA MET C 94 -1.95 32.65 -6.62
C MET C 94 -1.84 32.73 -5.11
N ASN C 95 -2.68 31.95 -4.43
CA ASN C 95 -2.64 31.77 -2.98
C ASN C 95 -2.75 30.29 -2.66
N ILE C 96 -2.05 29.85 -1.63
CA ILE C 96 -2.09 28.47 -1.19
C ILE C 96 -2.33 28.43 0.31
N ASP C 97 -3.32 27.65 0.72
CA ASP C 97 -3.63 27.42 2.14
C ASP C 97 -3.38 25.95 2.43
N ILE C 98 -2.31 25.65 3.16
CA ILE C 98 -1.89 24.28 3.37
C ILE C 98 -2.73 23.67 4.49
N ALA C 99 -3.37 22.54 4.20
CA ALA C 99 -4.15 21.85 5.22
C ALA C 99 -3.31 20.84 6.01
N SER C 100 -2.48 20.05 5.32
CA SER C 100 -1.64 19.07 5.98
C SER C 100 -0.61 18.57 4.98
N ILE C 101 0.42 17.91 5.51
CA ILE C 101 1.33 17.07 4.75
C ILE C 101 1.19 15.67 5.32
N ASP C 102 0.44 14.81 4.62
CA ASP C 102 0.08 13.51 5.17
C ASP C 102 1.31 12.67 5.48
N MET C 103 2.24 12.56 4.53
CA MET C 103 3.38 11.68 4.73
C MET C 103 4.55 12.14 3.87
N VAL C 104 5.75 11.77 4.33
CA VAL C 104 6.99 11.98 3.59
C VAL C 104 7.69 10.64 3.51
N SER C 105 7.92 10.15 2.30
CA SER C 105 8.42 8.80 2.08
C SER C 105 9.79 8.86 1.42
N GLU C 106 10.79 8.28 2.10
CA GLU C 106 12.12 8.12 1.53
C GLU C 106 12.19 6.95 0.56
N VAL C 107 11.41 5.89 0.80
CA VAL C 107 11.42 4.74 -0.09
C VAL C 107 10.93 5.14 -1.48
N ASN C 108 9.85 5.92 -1.54
CA ASN C 108 9.34 6.43 -2.79
C ASN C 108 9.90 7.80 -3.15
N MET C 109 10.63 8.43 -2.23
CA MET C 109 11.25 9.75 -2.47
C MET C 109 10.23 10.79 -2.89
N ASP C 110 9.21 10.97 -2.05
CA ASP C 110 8.15 11.95 -2.34
C ASP C 110 7.47 12.37 -1.05
N TYR C 111 6.45 13.20 -1.19
CA TYR C 111 5.65 13.64 -0.05
C TYR C 111 4.27 14.02 -0.53
N THR C 112 3.28 13.86 0.35
CA THR C 112 1.89 14.13 0.01
C THR C 112 1.42 15.40 0.69
N LEU C 113 0.88 16.33 -0.10
CA LEU C 113 0.45 17.64 0.38
C LEU C 113 -1.00 17.89 -0.01
N THR C 114 -1.77 18.44 0.92
CA THR C 114 -3.15 18.83 0.68
C THR C 114 -3.31 20.33 0.90
N MET C 115 -4.02 20.99 -0.01
CA MET C 115 -4.03 22.44 0.02
C MET C 115 -5.26 23.00 -0.70
N TYR C 116 -5.64 24.20 -0.30
CA TYR C 116 -6.55 25.04 -1.06
C TYR C 116 -5.74 25.93 -1.99
N PHE C 117 -5.96 25.78 -3.29
CA PHE C 117 -5.23 26.52 -4.32
C PHE C 117 -6.19 27.53 -4.94
N GLN C 118 -5.87 28.82 -4.79
CA GLN C 118 -6.73 29.92 -5.20
C GLN C 118 -6.04 30.71 -6.30
N GLN C 119 -6.77 30.98 -7.38
CA GLN C 119 -6.26 31.76 -8.50
C GLN C 119 -7.15 32.98 -8.72
N TYR C 120 -6.50 34.10 -9.00
CA TYR C 120 -7.15 35.40 -9.13
CA TYR C 120 -7.14 35.41 -9.11
C TYR C 120 -6.76 36.02 -10.46
N TRP C 121 -7.76 36.37 -11.27
CA TRP C 121 -7.44 37.05 -12.52
C TRP C 121 -8.61 37.95 -12.91
N ARG C 122 -8.44 38.66 -14.03
CA ARG C 122 -9.45 39.58 -14.54
C ARG C 122 -9.80 39.20 -15.97
N ASP C 123 -11.08 38.96 -16.23
CA ASP C 123 -11.59 38.67 -17.57
C ASP C 123 -12.64 39.72 -17.89
N LYS C 124 -12.31 40.64 -18.81
CA LYS C 124 -13.21 41.74 -19.12
C LYS C 124 -14.52 41.28 -19.76
N ARG C 125 -14.54 40.09 -20.37
CA ARG C 125 -15.77 39.57 -20.96
C ARG C 125 -16.82 39.23 -19.90
N LEU C 126 -16.43 39.11 -18.64
CA LEU C 126 -17.33 38.72 -17.57
C LEU C 126 -17.78 39.89 -16.71
N ALA C 127 -17.46 41.11 -17.09
CA ALA C 127 -17.88 42.27 -16.32
C ALA C 127 -19.38 42.48 -16.45
N TYR C 128 -20.01 42.85 -15.34
CA TYR C 128 -21.45 43.09 -15.29
C TYR C 128 -21.72 44.33 -14.45
N SER C 129 -22.90 44.91 -14.66
CA SER C 129 -23.29 46.13 -13.98
C SER C 129 -24.72 46.00 -13.47
N GLY C 130 -25.09 46.90 -12.57
CA GLY C 130 -26.42 46.91 -11.99
C GLY C 130 -26.61 46.05 -10.76
N ILE C 131 -25.65 45.19 -10.45
CA ILE C 131 -25.67 44.35 -9.25
C ILE C 131 -24.44 44.66 -8.43
N PRO C 132 -24.58 45.42 -7.34
CA PRO C 132 -23.44 45.75 -6.46
C PRO C 132 -23.05 44.62 -5.51
N LEU C 133 -22.92 43.40 -6.05
CA LEU C 133 -22.64 42.23 -5.25
C LEU C 133 -21.67 41.32 -6.00
N ASN C 134 -21.00 40.46 -5.25
CA ASN C 134 -20.10 39.46 -5.83
C ASN C 134 -20.84 38.14 -5.95
N LEU C 135 -20.85 37.58 -7.16
CA LEU C 135 -21.65 36.40 -7.46
C LEU C 135 -20.86 35.15 -7.15
N THR C 136 -21.25 34.43 -6.10
CA THR C 136 -20.71 33.11 -5.81
C THR C 136 -21.54 32.09 -6.58
N LEU C 137 -20.94 31.45 -7.58
CA LEU C 137 -21.71 30.60 -8.47
C LEU C 137 -21.45 29.13 -8.18
N ASP C 138 -22.42 28.30 -8.57
CA ASP C 138 -22.25 26.86 -8.51
C ASP C 138 -21.05 26.46 -9.35
N ASN C 139 -20.23 25.54 -8.80
CA ASN C 139 -18.92 25.29 -9.38
C ASN C 139 -19.00 24.69 -10.77
N ARG C 140 -20.15 24.14 -11.17
CA ARG C 140 -20.29 23.58 -12.51
C ARG C 140 -20.12 24.64 -13.57
N VAL C 141 -20.41 25.91 -13.26
CA VAL C 141 -20.21 26.99 -14.21
C VAL C 141 -18.74 27.12 -14.60
N ALA C 142 -17.83 26.57 -13.79
CA ALA C 142 -16.42 26.57 -14.15
C ALA C 142 -16.16 25.79 -15.43
N ASP C 143 -17.06 24.89 -15.82
CA ASP C 143 -16.90 24.19 -17.08
C ASP C 143 -17.18 25.08 -18.28
N GLN C 144 -17.77 26.26 -18.08
CA GLN C 144 -18.08 27.16 -19.16
C GLN C 144 -17.17 28.38 -19.24
N LEU C 145 -16.27 28.55 -18.27
CA LEU C 145 -15.36 29.69 -18.23
C LEU C 145 -13.96 29.27 -18.65
N TRP C 146 -13.18 30.25 -19.11
CA TRP C 146 -11.76 30.05 -19.28
C TRP C 146 -11.07 30.02 -17.92
N VAL C 147 -10.17 29.08 -17.74
CA VAL C 147 -9.32 29.04 -16.55
C VAL C 147 -7.88 28.82 -17.00
N PRO C 148 -6.91 29.23 -16.18
CA PRO C 148 -5.51 28.98 -16.52
C PRO C 148 -5.19 27.50 -16.54
N ASP C 149 -4.25 27.14 -17.42
CA ASP C 149 -3.82 25.74 -17.54
C ASP C 149 -2.66 25.43 -16.60
N THR C 150 -2.87 25.71 -15.32
CA THR C 150 -1.83 25.55 -14.32
C THR C 150 -1.58 24.09 -14.01
N TYR C 151 -0.30 23.72 -13.92
CA TYR C 151 0.07 22.36 -13.56
C TYR C 151 1.27 22.39 -12.61
N PHE C 152 1.53 21.24 -11.99
CA PHE C 152 2.65 21.06 -11.09
C PHE C 152 3.67 20.15 -11.75
N LEU C 153 4.90 20.62 -11.88
CA LEU C 153 5.90 19.91 -12.67
C LEU C 153 6.35 18.62 -11.99
N ASN C 154 6.63 18.68 -10.70
CA ASN C 154 7.23 17.55 -9.99
C ASN C 154 6.19 16.63 -9.35
N ASP C 155 4.90 16.83 -9.63
CA ASP C 155 3.87 15.97 -9.07
C ASP C 155 3.78 14.65 -9.84
N LYS C 156 3.35 13.61 -9.14
CA LYS C 156 3.25 12.27 -9.70
C LYS C 156 1.82 11.75 -9.75
N LYS C 157 0.97 12.13 -8.79
CA LYS C 157 -0.43 11.73 -8.80
C LYS C 157 -1.20 12.76 -7.98
N SER C 158 -2.23 13.35 -8.61
CA SER C 158 -3.03 14.38 -7.96
C SER C 158 -4.50 14.16 -8.29
N PHE C 159 -5.36 14.58 -7.37
CA PHE C 159 -6.79 14.57 -7.63
C PHE C 159 -7.44 15.75 -6.92
N VAL C 160 -8.56 16.20 -7.48
CA VAL C 160 -9.46 17.13 -6.80
C VAL C 160 -10.50 16.32 -6.03
N HIS C 161 -10.71 16.67 -4.76
CA HIS C 161 -11.71 15.97 -3.97
C HIS C 161 -13.10 16.20 -4.55
N GLY C 162 -13.92 15.16 -4.52
CA GLY C 162 -15.20 15.20 -5.19
C GLY C 162 -16.39 14.75 -4.37
N VAL C 163 -16.28 14.83 -3.04
CA VAL C 163 -17.35 14.49 -2.14
C VAL C 163 -17.62 15.69 -1.25
N THR C 164 -18.88 16.10 -1.14
CA THR C 164 -20.01 15.45 -1.82
C THR C 164 -20.08 15.84 -3.30
N VAL C 165 -19.60 17.03 -3.61
CA VAL C 165 -19.40 17.46 -4.99
C VAL C 165 -17.93 17.79 -5.18
N LYS C 166 -17.57 18.10 -6.43
CA LYS C 166 -16.21 18.51 -6.73
C LYS C 166 -15.85 19.76 -5.93
N ASN C 167 -14.75 19.69 -5.18
CA ASN C 167 -14.36 20.76 -4.28
C ASN C 167 -13.80 21.92 -5.09
N ARG C 168 -14.71 22.72 -5.63
CA ARG C 168 -14.35 23.79 -6.55
C ARG C 168 -15.22 25.00 -6.26
N MET C 169 -14.64 26.19 -6.45
CA MET C 169 -15.32 27.44 -6.11
C MET C 169 -15.10 28.47 -7.21
N ILE C 170 -16.17 29.17 -7.60
CA ILE C 170 -16.12 30.23 -8.59
C ILE C 170 -16.81 31.45 -8.01
N ARG C 171 -16.09 32.58 -7.96
CA ARG C 171 -16.65 33.84 -7.48
C ARG C 171 -16.32 34.93 -8.48
N LEU C 172 -17.37 35.59 -8.97
CA LEU C 172 -17.24 36.70 -9.91
C LEU C 172 -17.44 38.03 -9.19
N HIS C 173 -16.79 39.07 -9.70
CA HIS C 173 -16.85 40.41 -9.17
C HIS C 173 -17.31 41.39 -10.26
N PRO C 174 -17.90 42.52 -9.86
CA PRO C 174 -18.55 43.38 -10.87
C PRO C 174 -17.63 43.85 -11.98
N ASP C 175 -16.36 44.08 -11.69
CA ASP C 175 -15.43 44.61 -12.68
C ASP C 175 -14.86 43.52 -13.59
N GLY C 176 -15.22 42.26 -13.37
CA GLY C 176 -14.74 41.17 -14.20
C GLY C 176 -13.71 40.28 -13.54
N THR C 177 -13.41 40.50 -12.26
CA THR C 177 -12.44 39.66 -11.56
C THR C 177 -13.03 38.29 -11.26
N VAL C 178 -12.26 37.25 -11.57
CA VAL C 178 -12.62 35.86 -11.28
C VAL C 178 -11.70 35.35 -10.19
N LEU C 179 -12.30 34.76 -9.16
CA LEU C 179 -11.61 33.98 -8.14
C LEU C 179 -12.00 32.51 -8.28
N TYR C 180 -11.00 31.64 -8.42
CA TYR C 180 -11.20 30.24 -8.74
C TYR C 180 -10.44 29.41 -7.73
N GLY C 181 -11.14 28.60 -6.95
CA GLY C 181 -10.53 27.83 -5.87
C GLY C 181 -10.70 26.34 -6.07
N LEU C 182 -9.67 25.58 -5.71
CA LEU C 182 -9.68 24.12 -5.78
C LEU C 182 -9.10 23.56 -4.50
N ARG C 183 -9.60 22.40 -4.08
CA ARG C 183 -9.01 21.65 -2.99
C ARG C 183 -8.29 20.44 -3.58
N ILE C 184 -6.96 20.40 -3.44
CA ILE C 184 -6.13 19.47 -4.18
C ILE C 184 -5.25 18.70 -3.21
N THR C 185 -5.12 17.40 -3.44
CA THR C 185 -4.12 16.57 -2.79
C THR C 185 -3.16 16.07 -3.88
N THR C 186 -1.88 16.33 -3.69
CA THR C 186 -0.86 15.96 -4.66
C THR C 186 0.30 15.26 -3.98
N THR C 187 0.77 14.18 -4.60
CA THR C 187 2.00 13.52 -4.18
C THR C 187 3.13 14.02 -5.07
N ALA C 188 4.02 14.82 -4.51
CA ALA C 188 5.07 15.48 -5.27
C ALA C 188 6.42 14.87 -4.95
N ALA C 189 7.25 14.76 -5.99
CA ALA C 189 8.58 14.18 -5.86
C ALA C 189 9.50 15.09 -5.05
N CYS C 190 10.38 14.46 -4.27
CA CYS C 190 11.38 15.18 -3.48
C CYS C 190 12.60 14.27 -3.35
N MET C 191 13.61 14.52 -4.18
CA MET C 191 14.84 13.75 -4.10
C MET C 191 15.60 14.11 -2.82
N MET C 192 16.02 13.08 -2.10
CA MET C 192 16.59 13.25 -0.77
C MET C 192 18.03 12.74 -0.74
N ASP C 193 18.91 13.50 -0.10
CA ASP C 193 20.27 13.06 0.17
C ASP C 193 20.30 12.44 1.56
N LEU C 194 20.53 11.13 1.62
CA LEU C 194 20.45 10.37 2.86
C LEU C 194 21.83 10.04 3.43
N ARG C 195 22.84 10.81 3.04
CA ARG C 195 24.20 10.52 3.51
C ARG C 195 24.32 10.78 5.02
N ARG C 196 23.54 11.71 5.55
CA ARG C 196 23.54 12.01 6.97
C ARG C 196 22.35 11.40 7.69
N TYR C 197 21.59 10.55 7.01
CA TYR C 197 20.43 9.91 7.61
C TYR C 197 20.85 9.07 8.82
N PRO C 198 20.10 9.12 9.92
CA PRO C 198 18.83 9.82 10.15
C PRO C 198 19.01 11.25 10.69
N LEU C 199 20.22 11.79 10.66
CA LEU C 199 20.48 13.15 11.12
C LEU C 199 20.47 14.15 9.97
N ASP C 200 19.69 13.89 8.92
CA ASP C 200 19.73 14.64 7.68
C ASP C 200 18.70 15.76 7.69
N GLU C 201 18.87 16.69 6.76
CA GLU C 201 17.97 17.82 6.58
C GLU C 201 17.60 17.92 5.10
N GLN C 202 16.31 17.98 4.81
CA GLN C 202 15.81 17.92 3.46
C GLN C 202 15.18 19.23 3.03
N ASN C 203 15.08 19.41 1.71
CA ASN C 203 14.47 20.59 1.09
C ASN C 203 13.50 20.05 0.04
N CYS C 204 12.20 20.24 0.27
CA CYS C 204 11.18 19.73 -0.64
C CYS C 204 10.40 20.88 -1.24
N THR C 205 10.18 20.82 -2.56
CA THR C 205 9.62 21.95 -3.29
C THR C 205 8.36 21.54 -4.03
N LEU C 206 7.57 22.56 -4.39
CA LEU C 206 6.45 22.43 -5.30
C LEU C 206 6.62 23.46 -6.40
N GLU C 207 6.61 23.00 -7.65
CA GLU C 207 6.82 23.84 -8.83
C GLU C 207 5.50 24.04 -9.55
N ILE C 208 5.07 25.29 -9.65
CA ILE C 208 3.80 25.65 -10.27
C ILE C 208 4.09 26.37 -11.58
N GLU C 209 3.52 25.88 -12.68
CA GLU C 209 3.86 26.42 -13.99
C GLU C 209 2.63 26.43 -14.87
N SER C 210 2.71 27.21 -15.95
CA SER C 210 1.71 27.22 -17.00
C SER C 210 2.18 26.30 -18.12
N TYR C 211 1.29 25.42 -18.58
CA TYR C 211 1.70 24.46 -19.60
C TYR C 211 1.75 25.08 -21.00
N GLY C 212 0.62 25.64 -21.46
CA GLY C 212 0.52 26.05 -22.85
C GLY C 212 0.88 27.49 -23.14
N TYR C 213 0.67 28.38 -22.16
CA TYR C 213 0.83 29.81 -22.38
C TYR C 213 2.23 30.25 -21.93
N THR C 214 2.94 30.91 -22.83
CA THR C 214 4.26 31.46 -22.53
C THR C 214 4.13 32.77 -21.76
N THR C 215 5.29 33.36 -21.45
CA THR C 215 5.29 34.62 -20.71
C THR C 215 4.65 35.76 -21.50
N ASP C 216 4.56 35.64 -22.82
CA ASP C 216 3.87 36.63 -23.63
C ASP C 216 2.35 36.52 -23.52
N ASP C 217 1.85 35.42 -22.97
CA ASP C 217 0.42 35.22 -22.80
C ASP C 217 -0.05 35.34 -21.36
N ILE C 218 0.79 34.97 -20.39
CA ILE C 218 0.35 34.80 -19.01
C ILE C 218 1.50 35.17 -18.09
N GLU C 219 1.16 35.68 -16.91
CA GLU C 219 2.12 35.97 -15.87
C GLU C 219 1.62 35.42 -14.54
N PHE C 220 2.55 34.91 -13.73
CA PHE C 220 2.24 34.41 -12.40
C PHE C 220 2.90 35.31 -11.37
N TYR C 221 2.22 35.53 -10.24
CA TYR C 221 2.79 36.23 -9.11
C TYR C 221 2.12 35.75 -7.82
N TRP C 222 2.89 35.73 -6.74
CA TRP C 222 2.33 35.44 -5.43
C TRP C 222 1.51 36.61 -4.94
N ARG C 223 0.21 36.38 -4.72
CA ARG C 223 -0.71 37.44 -4.34
C ARG C 223 -0.55 37.70 -2.84
N GLY C 224 -0.01 38.87 -2.50
CA GLY C 224 0.30 39.20 -1.12
C GLY C 224 1.76 39.08 -0.76
N GLY C 225 2.63 38.71 -1.69
CA GLY C 225 4.05 38.62 -1.42
C GLY C 225 4.42 37.49 -0.48
N ASP C 226 4.93 37.84 0.69
CA ASP C 226 5.36 36.82 1.65
C ASP C 226 4.18 36.14 2.33
N LYS C 227 2.98 36.71 2.25
CA LYS C 227 1.80 36.18 2.92
C LYS C 227 0.92 35.36 1.98
N ALA C 228 1.44 34.98 0.82
CA ALA C 228 0.61 34.27 -0.16
C ALA C 228 0.36 32.83 0.23
N VAL C 229 1.16 32.26 1.13
CA VAL C 229 1.00 30.89 1.59
C VAL C 229 0.79 30.90 3.08
N THR C 230 -0.33 30.32 3.52
CA THR C 230 -0.69 30.25 4.93
C THR C 230 -0.84 28.79 5.34
N GLY C 231 -1.05 28.58 6.63
CA GLY C 231 -1.28 27.24 7.13
C GLY C 231 -0.04 26.41 7.36
N VAL C 232 1.14 27.04 7.35
CA VAL C 232 2.38 26.29 7.56
C VAL C 232 2.43 25.70 8.97
N GLU C 233 1.83 26.39 9.94
CA GLU C 233 1.80 25.88 11.31
C GLU C 233 0.85 24.70 11.48
N ARG C 234 0.01 24.39 10.49
CA ARG C 234 -0.83 23.21 10.56
C ARG C 234 -0.10 21.93 10.23
N ILE C 235 1.14 22.02 9.73
CA ILE C 235 1.89 20.84 9.30
C ILE C 235 2.40 20.12 10.53
N GLU C 236 1.88 18.92 10.80
CA GLU C 236 2.28 18.10 11.94
C GLU C 236 2.84 16.78 11.42
N LEU C 237 4.15 16.69 11.32
CA LEU C 237 4.80 15.44 10.94
C LEU C 237 5.48 14.83 12.15
N PRO C 238 5.25 13.54 12.44
CA PRO C 238 5.93 12.92 13.58
C PRO C 238 7.44 12.87 13.42
N GLN C 239 7.94 12.63 12.20
CA GLN C 239 9.35 12.40 11.97
C GLN C 239 10.09 13.67 11.54
N PHE C 240 9.40 14.78 11.36
CA PHE C 240 10.01 16.00 10.85
C PHE C 240 9.45 17.21 11.59
N SER C 241 10.19 18.31 11.50
CA SER C 241 9.69 19.62 11.88
C SER C 241 10.01 20.61 10.76
N ILE C 242 9.13 21.58 10.58
CA ILE C 242 9.31 22.60 9.54
C ILE C 242 10.19 23.71 10.10
N VAL C 243 11.30 23.98 9.42
CA VAL C 243 12.20 25.03 9.87
C VAL C 243 11.91 26.35 9.16
N GLU C 244 11.64 26.29 7.85
CA GLU C 244 11.47 27.48 7.05
C GLU C 244 10.71 27.12 5.79
N HIS C 245 10.01 28.11 5.23
CA HIS C 245 9.43 27.99 3.90
C HIS C 245 9.78 29.23 3.09
N ARG C 246 9.84 29.05 1.77
CA ARG C 246 10.34 30.09 0.89
C ARG C 246 9.51 30.12 -0.40
N LEU C 247 9.28 31.32 -0.90
CA LEU C 247 8.54 31.56 -2.14
C LEU C 247 9.47 32.15 -3.19
N VAL C 248 9.40 31.64 -4.41
CA VAL C 248 10.29 32.05 -5.49
C VAL C 248 9.45 32.25 -6.76
N SER C 249 9.78 33.27 -7.53
CA SER C 249 9.17 33.50 -8.84
C SER C 249 10.26 33.67 -9.87
N ARG C 250 10.12 33.01 -11.02
CA ARG C 250 11.16 33.04 -12.03
C ARG C 250 10.57 32.61 -13.37
N ASN C 251 11.44 32.46 -14.37
CA ASN C 251 11.05 31.99 -15.70
C ASN C 251 11.90 30.78 -16.06
N VAL C 252 11.30 29.86 -16.80
CA VAL C 252 11.98 28.65 -17.24
C VAL C 252 11.88 28.57 -18.76
N VAL C 253 13.00 28.28 -19.41
CA VAL C 253 13.06 28.25 -20.87
C VAL C 253 13.08 26.80 -21.32
N PHE C 254 12.07 26.42 -22.09
CA PHE C 254 12.03 25.16 -22.83
C PHE C 254 12.13 25.45 -24.31
N ALA C 255 12.25 24.39 -25.11
CA ALA C 255 12.40 24.56 -26.54
C ALA C 255 11.19 25.21 -27.19
N THR C 256 10.04 25.25 -26.50
CA THR C 256 8.85 25.89 -27.02
C THR C 256 8.65 27.31 -26.51
N GLY C 257 9.57 27.82 -25.69
CA GLY C 257 9.48 29.20 -25.25
C GLY C 257 9.78 29.33 -23.77
N ALA C 258 9.47 30.51 -23.24
CA ALA C 258 9.71 30.83 -21.83
C ALA C 258 8.39 30.85 -21.08
N TYR C 259 8.39 30.25 -19.89
CA TYR C 259 7.18 30.07 -19.11
C TYR C 259 7.38 30.57 -17.69
N PRO C 260 6.36 31.17 -17.09
CA PRO C 260 6.47 31.58 -15.68
C PRO C 260 6.48 30.38 -14.75
N ARG C 261 7.15 30.55 -13.61
CA ARG C 261 7.33 29.46 -12.67
C ARG C 261 7.31 30.03 -11.25
N LEU C 262 6.37 29.54 -10.44
CA LEU C 262 6.38 29.78 -9.00
C LEU C 262 6.92 28.56 -8.29
N SER C 263 7.58 28.77 -7.16
CA SER C 263 8.20 27.69 -6.40
C SER C 263 7.93 27.91 -4.92
N LEU C 264 7.46 26.86 -4.25
CA LEU C 264 7.24 26.89 -2.80
C LEU C 264 8.07 25.79 -2.19
N SER C 265 9.02 26.16 -1.34
CA SER C 265 9.94 25.18 -0.75
C SER C 265 9.84 25.17 0.77
N PHE C 266 9.99 23.98 1.34
CA PHE C 266 10.04 23.76 2.78
C PHE C 266 11.36 23.10 3.14
N ARG C 267 11.89 23.47 4.30
CA ARG C 267 13.08 22.80 4.85
C ARG C 267 12.67 21.94 6.03
N LEU C 268 12.88 20.64 5.90
CA LEU C 268 12.49 19.65 6.91
C LEU C 268 13.70 19.19 7.71
N LYS C 269 13.59 19.23 9.03
CA LYS C 269 14.59 18.69 9.94
C LYS C 269 14.04 17.43 10.59
N ARG C 270 14.80 16.33 10.51
CA ARG C 270 14.34 15.05 11.02
C ARG C 270 14.59 14.93 12.53
N ASN C 271 13.61 14.41 13.24
CA ASN C 271 13.72 14.21 14.68
C ASN C 271 14.45 12.91 14.99
N ILE C 272 15.44 12.98 15.88
CA ILE C 272 16.32 11.84 16.13
C ILE C 272 15.78 10.90 17.21
N GLY C 273 14.70 11.26 17.90
CA GLY C 273 14.30 10.51 19.09
C GLY C 273 13.91 9.07 18.80
N TYR C 274 13.18 8.85 17.71
CA TYR C 274 12.71 7.50 17.37
C TYR C 274 13.89 6.57 17.08
N PHE C 275 14.91 7.07 16.39
CA PHE C 275 16.04 6.21 16.02
C PHE C 275 16.92 5.88 17.22
N ILE C 276 17.07 6.82 18.14
CA ILE C 276 17.75 6.50 19.40
C ILE C 276 17.02 5.37 20.12
N LEU C 277 15.69 5.44 20.15
CA LEU C 277 14.89 4.48 20.90
C LEU C 277 14.84 3.10 20.24
N GLN C 278 14.80 3.03 18.91
CA GLN C 278 14.50 1.78 18.24
C GLN C 278 15.68 1.17 17.49
N THR C 279 16.72 1.95 17.18
CA THR C 279 17.86 1.41 16.45
C THR C 279 19.16 1.45 17.25
N TYR C 280 19.54 2.60 17.78
CA TYR C 280 20.86 2.73 18.41
C TYR C 280 20.93 1.93 19.71
N MET C 281 19.86 1.97 20.51
CA MET C 281 19.86 1.34 21.82
C MET C 281 20.06 -0.18 21.77
N PRO C 282 19.39 -0.95 20.91
CA PRO C 282 19.65 -2.39 20.88
C PRO C 282 21.10 -2.73 20.56
N SER C 283 21.71 -1.98 19.62
CA SER C 283 23.11 -2.22 19.28
C SER C 283 24.03 -1.88 20.44
N ILE C 284 23.76 -0.76 21.12
CA ILE C 284 24.57 -0.38 22.27
C ILE C 284 24.46 -1.41 23.38
N LEU C 285 23.24 -1.89 23.64
CA LEU C 285 23.03 -2.87 24.69
C LEU C 285 23.68 -4.21 24.37
N ILE C 286 23.65 -4.63 23.10
CA ILE C 286 24.31 -5.87 22.73
C ILE C 286 25.83 -5.72 22.81
N THR C 287 26.35 -4.56 22.42
CA THR C 287 27.79 -4.32 22.56
C THR C 287 28.20 -4.37 24.02
N ILE C 288 27.40 -3.78 24.92
CA ILE C 288 27.73 -3.84 26.35
C ILE C 288 27.65 -5.27 26.85
N LEU C 289 26.61 -6.01 26.43
CA LEU C 289 26.48 -7.42 26.80
C LEU C 289 27.68 -8.25 26.34
N SER C 290 28.27 -7.90 25.20
CA SER C 290 29.44 -8.61 24.70
C SER C 290 30.65 -8.45 25.62
N TRP C 291 30.66 -7.44 26.48
CA TRP C 291 31.78 -7.24 27.39
C TRP C 291 31.72 -8.14 28.62
N VAL C 292 30.58 -8.79 28.87
CA VAL C 292 30.48 -9.70 30.02
C VAL C 292 31.43 -10.87 29.90
N SER C 293 31.85 -11.21 28.67
CA SER C 293 32.80 -12.32 28.49
C SER C 293 34.13 -12.02 29.17
N PHE C 294 34.52 -10.75 29.24
CA PHE C 294 35.80 -10.38 29.83
C PHE C 294 35.89 -10.70 31.32
N TRP C 295 34.76 -10.80 32.01
CA TRP C 295 34.73 -11.04 33.45
C TRP C 295 34.58 -12.52 33.79
N ILE C 296 34.49 -13.37 32.77
CA ILE C 296 34.34 -14.81 32.97
C ILE C 296 35.70 -15.47 32.81
N ASN C 297 35.99 -16.42 33.69
CA ASN C 297 37.27 -17.11 33.65
C ASN C 297 37.44 -17.89 32.35
N TYR C 298 38.69 -18.02 31.91
CA TYR C 298 38.99 -18.56 30.59
C TYR C 298 38.90 -20.08 30.54
N ASP C 299 38.53 -20.74 31.64
CA ASP C 299 38.26 -22.18 31.56
C ASP C 299 36.87 -22.45 30.97
N ALA C 300 35.97 -21.46 31.02
CA ALA C 300 34.61 -21.65 30.53
C ALA C 300 34.56 -21.37 29.02
N SER C 301 35.14 -22.31 28.25
CA SER C 301 35.19 -22.15 26.80
C SER C 301 33.80 -22.21 26.17
N ALA C 302 32.97 -23.14 26.62
CA ALA C 302 31.63 -23.29 26.06
C ALA C 302 30.77 -22.05 26.28
N ALA C 303 30.80 -21.51 27.50
CA ALA C 303 29.95 -20.36 27.82
C ALA C 303 30.35 -19.13 27.02
N ARG C 304 31.65 -18.85 26.94
CA ARG C 304 32.10 -17.66 26.23
C ARG C 304 31.90 -17.82 24.72
N VAL C 305 32.12 -19.03 24.19
CA VAL C 305 31.87 -19.24 22.76
C VAL C 305 30.38 -19.07 22.45
N ALA C 306 29.51 -19.56 23.35
CA ALA C 306 28.08 -19.38 23.18
C ALA C 306 27.70 -17.92 23.21
N LEU C 307 28.32 -17.17 24.13
CA LEU C 307 28.09 -15.73 24.25
C LEU C 307 28.45 -15.02 22.96
N GLY C 308 29.65 -15.32 22.42
CA GLY C 308 30.08 -14.65 21.21
C GLY C 308 29.19 -14.98 20.01
N ILE C 309 28.87 -16.26 19.84
CA ILE C 309 28.02 -16.66 18.72
C ILE C 309 26.64 -16.00 18.82
N THR C 310 26.06 -16.02 20.02
CA THR C 310 24.73 -15.42 20.21
C THR C 310 24.76 -13.93 19.91
N THR C 311 25.79 -13.22 20.39
CA THR C 311 25.89 -11.78 20.13
C THR C 311 26.04 -11.51 18.64
N VAL C 312 26.85 -12.33 17.96
CA VAL C 312 27.06 -12.13 16.53
C VAL C 312 25.74 -12.29 15.78
N LEU C 313 25.01 -13.37 16.06
CA LEU C 313 23.77 -13.60 15.33
C LEU C 313 22.73 -12.54 15.63
N THR C 314 22.68 -12.06 16.88
CA THR C 314 21.70 -11.01 17.18
C THR C 314 22.06 -9.71 16.45
N MET C 315 23.36 -9.41 16.36
CA MET C 315 23.80 -8.23 15.61
C MET C 315 23.46 -8.36 14.13
N THR C 316 23.72 -9.52 13.55
CA THR C 316 23.39 -9.71 12.15
C THR C 316 21.90 -9.58 11.89
N THR C 317 21.06 -10.13 12.77
CA THR C 317 19.62 -10.00 12.56
C THR C 317 19.18 -8.55 12.63
N ILE C 318 19.70 -7.80 13.63
CA ILE C 318 19.38 -6.38 13.73
C ILE C 318 19.78 -5.64 12.46
N ASN C 319 21.01 -5.88 12.00
CA ASN C 319 21.53 -5.16 10.84
C ASN C 319 20.70 -5.47 9.59
N THR C 320 20.40 -6.75 9.36
CA THR C 320 19.66 -7.12 8.16
C THR C 320 18.26 -6.53 8.19
N HIS C 321 17.56 -6.62 9.33
CA HIS C 321 16.23 -6.02 9.41
C HIS C 321 16.28 -4.52 9.17
N LEU C 322 17.14 -3.81 9.91
CA LEU C 322 17.16 -2.37 9.80
C LEU C 322 17.47 -1.94 8.38
N ARG C 323 18.47 -2.55 7.73
CA ARG C 323 18.77 -2.11 6.39
C ARG C 323 17.68 -2.55 5.43
N GLU C 324 16.95 -3.62 5.79
CA GLU C 324 15.88 -4.12 4.93
C GLU C 324 14.72 -3.15 4.93
N THR C 325 14.71 -2.23 5.89
CA THR C 325 13.53 -1.36 6.03
C THR C 325 13.72 -0.03 5.31
N LEU C 326 14.79 0.10 4.53
CA LEU C 326 15.12 1.38 3.90
C LEU C 326 15.30 1.20 2.40
N PRO C 327 15.30 2.29 1.63
CA PRO C 327 15.59 2.18 0.20
C PRO C 327 17.01 1.71 -0.08
N LYS C 328 17.18 1.05 -1.23
CA LYS C 328 18.45 0.44 -1.57
C LYS C 328 19.40 1.48 -2.17
N ILE C 329 19.76 2.49 -1.39
CA ILE C 329 20.72 3.49 -1.87
C ILE C 329 22.11 2.88 -1.90
N PRO C 330 23.01 3.34 -2.77
CA PRO C 330 24.33 2.70 -2.83
C PRO C 330 25.31 3.24 -1.80
N TYR C 331 25.07 4.44 -1.29
CA TYR C 331 26.05 5.07 -0.42
C TYR C 331 25.82 4.64 1.02
N VAL C 332 26.74 5.02 1.90
CA VAL C 332 26.69 4.61 3.30
C VAL C 332 26.07 5.73 4.13
N LYS C 333 25.12 5.37 4.98
CA LYS C 333 24.47 6.33 5.87
C LYS C 333 25.16 6.30 7.23
N ALA C 334 24.79 7.27 8.07
CA ALA C 334 25.38 7.35 9.40
C ALA C 334 25.03 6.12 10.23
N ILE C 335 23.76 5.68 10.16
CA ILE C 335 23.33 4.51 10.91
C ILE C 335 24.04 3.25 10.43
N ASP C 336 24.33 3.16 9.13
CA ASP C 336 25.08 2.01 8.64
C ASP C 336 26.49 1.98 9.22
N MET C 337 27.14 3.14 9.27
CA MET C 337 28.49 3.20 9.84
C MET C 337 28.48 2.87 11.32
N TYR C 338 27.46 3.35 12.04
CA TYR C 338 27.34 3.02 13.46
C TYR C 338 27.15 1.52 13.67
N LEU C 339 26.24 0.90 12.91
CA LEU C 339 26.00 -0.52 13.06
C LEU C 339 27.23 -1.33 12.71
N MET C 340 27.97 -0.91 11.69
CA MET C 340 29.19 -1.63 11.32
C MET C 340 30.27 -1.47 12.38
N GLY C 341 30.36 -0.29 12.99
CA GLY C 341 31.28 -0.12 14.11
C GLY C 341 30.94 -1.01 15.30
N CYS C 342 29.65 -1.10 15.65
CA CYS C 342 29.26 -1.98 16.74
C CYS C 342 29.55 -3.44 16.42
N PHE C 343 29.31 -3.84 15.17
CA PHE C 343 29.66 -5.20 14.75
C PHE C 343 31.15 -5.43 14.88
N VAL C 344 31.96 -4.45 14.47
CA VAL C 344 33.40 -4.57 14.58
C VAL C 344 33.82 -4.73 16.04
N PHE C 345 33.21 -3.96 16.93
CA PHE C 345 33.55 -4.05 18.35
C PHE C 345 33.25 -5.43 18.92
N VAL C 346 32.06 -5.96 18.63
CA VAL C 346 31.72 -7.26 19.21
C VAL C 346 32.57 -8.37 18.59
N PHE C 347 32.85 -8.27 17.28
CA PHE C 347 33.70 -9.25 16.63
C PHE C 347 35.12 -9.19 17.17
N LEU C 348 35.60 -7.99 17.48
CA LEU C 348 36.94 -7.84 18.05
C LEU C 348 36.99 -8.40 19.46
N ALA C 349 35.91 -8.26 20.23
CA ALA C 349 35.88 -8.89 21.54
C ALA C 349 35.97 -10.41 21.42
N LEU C 350 35.23 -10.98 20.46
CA LEU C 350 35.32 -12.43 20.25
C LEU C 350 36.72 -12.85 19.81
N LEU C 351 37.36 -12.06 18.93
CA LEU C 351 38.73 -12.38 18.52
C LEU C 351 39.72 -12.21 19.67
N GLU C 352 39.45 -11.25 20.58
CA GLU C 352 40.26 -11.12 21.78
C GLU C 352 40.19 -12.41 22.61
N TYR C 353 38.99 -12.96 22.76
CA TYR C 353 38.89 -14.24 23.48
C TYR C 353 39.62 -15.34 22.72
N ALA C 354 39.53 -15.34 21.39
CA ALA C 354 40.24 -16.35 20.61
C ALA C 354 41.74 -16.29 20.87
N PHE C 355 42.30 -15.07 20.89
CA PHE C 355 43.73 -14.88 21.16
C PHE C 355 44.08 -15.33 22.57
N VAL C 356 43.24 -14.96 23.56
CA VAL C 356 43.52 -15.33 24.94
C VAL C 356 43.53 -16.85 25.07
N ASN C 357 42.55 -17.53 24.47
CA ASN C 357 42.55 -18.99 24.46
C ASN C 357 43.79 -19.53 23.76
N TYR C 358 44.29 -18.82 22.75
CA TYR C 358 45.47 -19.28 22.03
C TYR C 358 46.73 -19.21 22.89
N ILE C 359 46.86 -18.20 23.75
CA ILE C 359 48.14 -17.98 24.42
C ILE C 359 48.16 -18.43 25.88
N PHE C 360 47.02 -18.80 26.47
CA PHE C 360 46.96 -18.93 27.92
C PHE C 360 47.61 -20.21 28.42
N PHE C 361 47.86 -21.19 27.54
CA PHE C 361 48.47 -22.44 27.97
C PHE C 361 49.98 -22.34 28.17
N SER C 362 50.65 -21.33 27.60
CA SER C 362 52.07 -21.15 27.85
C SER C 362 52.39 -19.87 28.61
N GLN C 363 51.50 -18.89 28.60
CA GLN C 363 51.70 -17.64 29.33
C GLN C 363 50.40 -17.26 30.02
N PRO C 364 50.02 -18.00 31.08
CA PRO C 364 48.74 -17.69 31.74
C PRO C 364 48.71 -16.32 32.37
N ALA C 365 49.84 -15.84 32.90
CA ALA C 365 49.86 -14.52 33.52
C ALA C 365 49.60 -13.43 32.49
N ARG C 366 50.20 -13.57 31.30
CA ARG C 366 49.97 -12.61 30.24
C ARG C 366 48.52 -12.63 29.79
N ALA C 367 47.91 -13.81 29.70
CA ALA C 367 46.51 -13.89 29.31
C ALA C 367 45.61 -13.23 30.34
N ALA C 368 45.88 -13.45 31.63
CA ALA C 368 45.11 -12.80 32.68
C ALA C 368 45.26 -11.29 32.61
N ALA C 369 46.49 -10.82 32.35
CA ALA C 369 46.71 -9.38 32.21
C ALA C 369 45.96 -8.84 31.00
N ILE C 370 45.92 -9.60 29.91
CA ILE C 370 45.22 -9.16 28.71
C ILE C 370 43.73 -9.03 28.98
N ASP C 371 43.14 -10.02 29.65
CA ASP C 371 41.72 -9.90 30.00
C ASP C 371 41.48 -8.71 30.91
N ARG C 372 42.35 -8.52 31.90
CA ARG C 372 42.21 -7.40 32.83
C ARG C 372 42.27 -6.07 32.12
N TRP C 373 43.17 -5.95 31.14
CA TRP C 373 43.27 -4.70 30.38
C TRP C 373 42.14 -4.53 29.38
N SER C 374 41.65 -5.64 28.81
CA SER C 374 40.52 -5.56 27.88
C SER C 374 39.28 -5.04 28.60
N ARG C 375 39.07 -5.47 29.85
CA ARG C 375 37.94 -5.00 30.65
C ARG C 375 37.86 -3.48 30.65
N ILE C 376 39.00 -2.81 30.73
CA ILE C 376 39.05 -1.36 30.77
C ILE C 376 39.07 -0.77 29.36
N VAL C 377 39.81 -1.40 28.44
CA VAL C 377 40.07 -0.81 27.14
C VAL C 377 38.81 -0.79 26.28
N PHE C 378 38.05 -1.89 26.26
CA PHE C 378 36.91 -1.95 25.34
C PHE C 378 35.87 -0.87 25.63
N PRO C 379 35.41 -0.66 26.87
CA PRO C 379 34.47 0.45 27.09
C PRO C 379 35.06 1.81 26.74
N PHE C 380 36.36 1.99 26.98
CA PHE C 380 37.00 3.28 26.70
C PHE C 380 37.02 3.56 25.21
N THR C 381 37.44 2.58 24.40
CA THR C 381 37.46 2.79 22.96
C THR C 381 36.05 2.89 22.39
N PHE C 382 35.08 2.19 22.96
CA PHE C 382 33.70 2.34 22.50
C PHE C 382 33.18 3.75 22.82
N SER C 383 33.53 4.28 23.99
CA SER C 383 33.13 5.64 24.33
C SER C 383 33.78 6.66 23.41
N LEU C 384 35.07 6.45 23.07
CA LEU C 384 35.73 7.34 22.13
C LEU C 384 35.07 7.29 20.76
N PHE C 385 34.74 6.08 20.28
CA PHE C 385 34.07 5.93 19.01
C PHE C 385 32.73 6.66 19.00
N ASN C 386 31.95 6.50 20.08
CA ASN C 386 30.66 7.17 20.15
C ASN C 386 30.82 8.69 20.20
N LEU C 387 31.82 9.16 20.96
CA LEU C 387 32.06 10.60 21.03
C LEU C 387 32.39 11.16 19.65
N VAL C 388 33.29 10.49 18.93
CA VAL C 388 33.68 10.97 17.60
C VAL C 388 32.48 10.94 16.65
N TYR C 389 31.72 9.85 16.67
CA TYR C 389 30.58 9.73 15.78
C TYR C 389 29.55 10.83 16.03
N TRP C 390 29.19 11.03 17.30
CA TRP C 390 28.15 12.01 17.62
C TRP C 390 28.66 13.45 17.51
N LEU C 391 29.96 13.67 17.57
CA LEU C 391 30.49 15.00 17.27
C LEU C 391 30.48 15.26 15.77
N TYR C 392 30.85 14.26 14.97
CA TYR C 392 30.87 14.44 13.52
C TYR C 392 29.47 14.64 12.96
N TYR C 393 28.49 13.88 13.45
CA TYR C 393 27.15 13.95 12.88
C TYR C 393 26.23 14.94 13.58
N VAL C 394 26.67 15.55 14.68
CA VAL C 394 25.89 16.61 15.31
C VAL C 394 26.74 17.87 15.42
N THR D 65 -11.11 40.41 -30.87
CA THR D 65 -11.39 39.07 -30.34
C THR D 65 -12.36 38.33 -31.24
N THR D 66 -13.39 39.05 -31.71
CA THR D 66 -14.40 38.43 -32.57
C THR D 66 -13.81 37.95 -33.89
N VAL D 67 -12.74 38.60 -34.36
CA VAL D 67 -12.05 38.14 -35.56
C VAL D 67 -11.51 36.73 -35.36
N PHE D 68 -10.89 36.48 -34.20
CA PHE D 68 -10.34 35.16 -33.94
C PHE D 68 -11.45 34.13 -33.76
N THR D 69 -12.55 34.52 -33.11
CA THR D 69 -13.69 33.62 -33.00
C THR D 69 -14.23 33.22 -34.37
N ARG D 70 -14.35 34.19 -35.28
CA ARG D 70 -14.82 33.88 -36.63
C ARG D 70 -13.83 32.99 -37.38
N ILE D 71 -12.53 33.26 -37.21
CA ILE D 71 -11.52 32.41 -37.84
C ILE D 71 -11.63 30.98 -37.34
N LEU D 72 -11.73 30.80 -36.03
CA LEU D 72 -11.84 29.46 -35.46
C LEU D 72 -13.12 28.76 -35.93
N ASP D 73 -14.22 29.49 -35.98
CA ASP D 73 -15.48 28.89 -36.44
C ASP D 73 -15.42 28.52 -37.91
N ARG D 74 -14.67 29.28 -38.72
CA ARG D 74 -14.52 28.92 -40.13
C ARG D 74 -13.60 27.72 -40.31
N LEU D 75 -12.56 27.61 -39.48
CA LEU D 75 -11.69 26.44 -39.56
C LEU D 75 -12.45 25.16 -39.24
N LEU D 76 -13.33 25.20 -38.24
CA LEU D 76 -14.05 24.02 -37.79
C LEU D 76 -15.36 23.79 -38.54
N ASP D 77 -15.65 24.61 -39.54
CA ASP D 77 -16.86 24.46 -40.32
C ASP D 77 -16.64 23.43 -41.42
N GLY D 78 -17.38 22.32 -41.36
CA GLY D 78 -17.19 21.26 -42.32
C GLY D 78 -15.93 20.45 -42.16
N TYR D 79 -15.35 20.43 -40.97
CA TYR D 79 -14.11 19.70 -40.70
C TYR D 79 -14.46 18.34 -40.09
N ASP D 80 -14.04 17.27 -40.75
CA ASP D 80 -14.28 15.91 -40.28
C ASP D 80 -13.02 15.39 -39.60
N ASN D 81 -13.09 15.20 -38.29
CA ASN D 81 -11.94 14.74 -37.51
C ASN D 81 -11.77 13.22 -37.54
N ARG D 82 -12.63 12.49 -38.25
CA ARG D 82 -12.41 11.07 -38.45
C ARG D 82 -11.37 10.78 -39.53
N LEU D 83 -11.04 11.76 -40.35
CA LEU D 83 -10.17 11.58 -41.50
C LEU D 83 -8.81 12.21 -41.23
N ARG D 84 -7.74 11.45 -41.46
CA ARG D 84 -6.40 11.99 -41.35
C ARG D 84 -6.13 12.99 -42.46
N PRO D 85 -5.23 13.95 -42.24
CA PRO D 85 -4.87 14.88 -43.31
C PRO D 85 -4.22 14.16 -44.48
N GLY D 86 -4.65 14.50 -45.69
CA GLY D 86 -4.13 13.86 -46.88
C GLY D 86 -4.63 12.46 -47.11
N LEU D 87 -5.78 12.10 -46.55
CA LEU D 87 -6.30 10.75 -46.72
C LEU D 87 -6.61 10.49 -48.19
N GLY D 88 -6.06 9.39 -48.71
CA GLY D 88 -6.25 9.03 -50.09
C GLY D 88 -5.39 9.76 -51.08
N GLU D 89 -4.53 10.68 -50.63
CA GLU D 89 -3.69 11.47 -51.53
C GLU D 89 -2.22 11.29 -51.27
N ARG D 90 -1.77 11.37 -50.02
CA ARG D 90 -0.36 11.18 -49.69
C ARG D 90 -0.25 10.73 -48.25
N VAL D 91 0.99 10.62 -47.78
CA VAL D 91 1.28 10.09 -46.45
C VAL D 91 1.41 11.25 -45.47
N THR D 92 0.76 11.11 -44.31
CA THR D 92 0.90 12.08 -43.23
C THR D 92 2.24 11.88 -42.54
N GLU D 93 3.05 12.93 -42.48
CA GLU D 93 4.36 12.88 -41.85
C GLU D 93 4.31 13.59 -40.50
N VAL D 94 4.63 12.86 -39.44
CA VAL D 94 4.62 13.38 -38.08
C VAL D 94 6.06 13.48 -37.60
N LYS D 95 6.46 14.68 -37.18
CA LYS D 95 7.78 14.92 -36.60
C LYS D 95 7.64 14.89 -35.08
N THR D 96 8.48 14.10 -34.43
CA THR D 96 8.32 13.81 -33.01
C THR D 96 9.61 14.12 -32.26
N ASP D 97 9.45 14.56 -31.01
CA ASP D 97 10.60 14.72 -30.12
C ASP D 97 10.17 14.55 -28.67
N ILE D 98 11.15 14.24 -27.83
CA ILE D 98 10.92 13.91 -26.43
C ILE D 98 11.86 14.73 -25.56
N PHE D 99 11.30 15.37 -24.52
CA PHE D 99 12.09 16.01 -23.48
C PHE D 99 11.84 15.27 -22.17
N VAL D 100 12.86 14.58 -21.67
CA VAL D 100 12.74 13.81 -20.44
C VAL D 100 12.98 14.76 -19.26
N THR D 101 11.92 15.03 -18.50
CA THR D 101 12.07 15.89 -17.33
C THR D 101 12.56 15.12 -16.11
N SER D 102 12.30 13.81 -16.05
CA SER D 102 12.82 12.99 -14.97
C SER D 102 12.86 11.54 -15.43
N PHE D 103 14.01 10.89 -15.26
CA PHE D 103 14.16 9.48 -15.54
C PHE D 103 14.01 8.72 -14.23
N GLY D 104 12.82 8.20 -13.99
CA GLY D 104 12.43 7.74 -12.67
C GLY D 104 13.12 6.46 -12.26
N PRO D 105 12.69 5.87 -11.15
CA PRO D 105 13.38 4.69 -10.62
C PRO D 105 13.26 3.50 -11.55
N VAL D 106 14.27 2.64 -11.50
CA VAL D 106 14.27 1.35 -12.19
C VAL D 106 13.98 0.26 -11.17
N SER D 107 13.09 -0.66 -11.50
CA SER D 107 12.73 -1.77 -10.63
C SER D 107 13.21 -3.07 -11.26
N ASP D 108 14.14 -3.75 -10.57
CA ASP D 108 14.62 -5.03 -11.04
C ASP D 108 13.63 -6.16 -10.78
N HIS D 109 12.90 -6.09 -9.66
CA HIS D 109 11.94 -7.14 -9.33
C HIS D 109 10.82 -7.19 -10.37
N ASP D 110 10.31 -6.03 -10.78
CA ASP D 110 9.24 -5.98 -11.78
C ASP D 110 9.76 -5.87 -13.21
N MET D 111 11.06 -5.67 -13.39
CA MET D 111 11.67 -5.50 -14.71
C MET D 111 11.00 -4.38 -15.50
N GLU D 112 11.02 -3.18 -14.91
CA GLU D 112 10.36 -2.03 -15.49
C GLU D 112 11.07 -0.76 -15.05
N TYR D 113 10.75 0.35 -15.72
CA TYR D 113 11.25 1.65 -15.33
C TYR D 113 10.17 2.69 -15.58
N THR D 114 10.36 3.88 -14.98
CA THR D 114 9.41 4.98 -15.09
C THR D 114 10.12 6.19 -15.68
N ILE D 115 9.43 6.90 -16.58
CA ILE D 115 10.01 8.08 -17.23
C ILE D 115 8.93 9.15 -17.36
N ASP D 116 9.32 10.40 -17.13
CA ASP D 116 8.43 11.54 -17.26
C ASP D 116 8.89 12.37 -18.45
N VAL D 117 7.99 12.60 -19.40
CA VAL D 117 8.38 13.26 -20.65
C VAL D 117 7.37 14.35 -21.01
N PHE D 118 7.89 15.36 -21.71
CA PHE D 118 7.14 16.19 -22.63
C PHE D 118 7.25 15.54 -24.01
N PHE D 119 6.13 15.05 -24.51
CA PHE D 119 6.05 14.41 -25.82
C PHE D 119 5.50 15.41 -26.82
N ARG D 120 6.28 15.72 -27.86
CA ARG D 120 5.95 16.77 -28.82
C ARG D 120 5.80 16.16 -30.20
N GLN D 121 4.66 16.44 -30.85
CA GLN D 121 4.38 16.00 -32.20
C GLN D 121 4.03 17.20 -33.06
N SER D 122 4.36 17.12 -34.35
CA SER D 122 4.13 18.23 -35.26
C SER D 122 3.77 17.66 -36.63
N TRP D 123 2.75 18.20 -37.25
CA TRP D 123 2.37 17.75 -38.59
C TRP D 123 1.73 18.90 -39.35
N LYS D 124 1.26 18.59 -40.56
CA LYS D 124 0.68 19.57 -41.46
C LYS D 124 -0.74 19.16 -41.82
N ASP D 125 -1.68 20.10 -41.69
CA ASP D 125 -3.08 19.88 -42.07
C ASP D 125 -3.52 21.04 -42.94
N GLU D 126 -3.70 20.78 -44.24
CA GLU D 126 -4.08 21.83 -45.17
C GLU D 126 -5.44 22.44 -44.82
N ARG D 127 -6.32 21.67 -44.17
CA ARG D 127 -7.65 22.16 -43.83
C ARG D 127 -7.64 23.28 -42.78
N LEU D 128 -6.50 23.53 -42.14
CA LEU D 128 -6.42 24.51 -41.06
C LEU D 128 -5.62 25.75 -41.45
N LYS D 129 -5.46 26.02 -42.74
CA LYS D 129 -4.85 27.28 -43.14
C LYS D 129 -5.76 28.45 -42.82
N PHE D 130 -5.15 29.58 -42.44
CA PHE D 130 -5.90 30.79 -42.13
C PHE D 130 -5.03 31.99 -42.46
N LYS D 131 -5.67 33.16 -42.47
CA LYS D 131 -4.98 34.43 -42.67
C LYS D 131 -5.58 35.44 -41.69
N GLY D 132 -4.75 35.96 -40.79
CA GLY D 132 -5.21 36.89 -39.78
C GLY D 132 -4.11 37.78 -39.25
N PRO D 133 -4.46 38.63 -38.28
CA PRO D 133 -3.44 39.50 -37.67
C PRO D 133 -2.31 38.75 -36.99
N MET D 134 -2.58 37.60 -36.41
CA MET D 134 -1.55 36.80 -35.76
C MET D 134 -1.06 35.69 -36.69
N THR D 135 0.21 35.31 -36.49
CA THR D 135 0.79 34.23 -37.29
C THR D 135 0.56 32.86 -36.65
N VAL D 136 0.60 32.77 -35.32
CA VAL D 136 0.44 31.52 -34.61
C VAL D 136 -0.69 31.68 -33.60
N LEU D 137 -1.66 30.77 -33.66
CA LEU D 137 -2.72 30.68 -32.66
C LEU D 137 -2.31 29.65 -31.61
N ARG D 138 -2.15 30.10 -30.36
CA ARG D 138 -1.80 29.23 -29.24
C ARG D 138 -3.09 28.95 -28.49
N LEU D 139 -3.73 27.83 -28.78
CA LEU D 139 -5.11 27.65 -28.40
C LEU D 139 -5.25 26.79 -27.15
N ASN D 140 -6.42 26.91 -26.52
CA ASN D 140 -6.78 26.03 -25.42
C ASN D 140 -6.88 24.59 -25.89
N ASN D 141 -6.36 23.67 -25.07
CA ASN D 141 -6.21 22.29 -25.50
C ASN D 141 -7.53 21.60 -25.76
N LEU D 142 -8.66 22.19 -25.35
CA LEU D 142 -9.97 21.70 -25.75
C LEU D 142 -10.07 21.58 -27.26
N MET D 143 -9.49 22.55 -27.98
CA MET D 143 -9.49 22.49 -29.44
C MET D 143 -8.87 21.20 -29.95
N ALA D 144 -7.91 20.64 -29.22
CA ALA D 144 -7.27 19.40 -29.67
C ALA D 144 -8.27 18.25 -29.74
N SER D 145 -9.34 18.31 -28.96
CA SER D 145 -10.36 17.26 -29.03
C SER D 145 -11.32 17.43 -30.19
N LYS D 146 -11.23 18.53 -30.93
CA LYS D 146 -12.12 18.80 -32.05
C LYS D 146 -11.43 18.65 -33.40
N ILE D 147 -10.14 18.31 -33.42
CA ILE D 147 -9.41 18.10 -34.66
C ILE D 147 -8.81 16.69 -34.65
N TRP D 148 -8.30 16.28 -35.80
CA TRP D 148 -7.57 15.02 -35.89
C TRP D 148 -6.22 15.14 -35.20
N THR D 149 -5.83 14.08 -34.51
CA THR D 149 -4.49 13.94 -33.94
C THR D 149 -4.01 12.52 -34.19
N PRO D 150 -2.70 12.29 -34.18
CA PRO D 150 -2.20 10.93 -34.34
C PRO D 150 -2.54 10.06 -33.14
N ASP D 151 -2.65 8.76 -33.40
CA ASP D 151 -2.97 7.79 -32.35
C ASP D 151 -1.70 7.09 -31.85
N THR D 152 -0.75 7.88 -31.36
CA THR D 152 0.54 7.34 -30.98
C THR D 152 0.41 6.60 -29.65
N PHE D 153 1.05 5.43 -29.58
CA PHE D 153 1.08 4.64 -28.36
C PHE D 153 2.49 4.06 -28.19
N PHE D 154 2.78 3.68 -26.95
CA PHE D 154 4.07 3.11 -26.58
C PHE D 154 3.97 1.59 -26.55
N HIS D 155 4.73 0.92 -27.42
CA HIS D 155 4.55 -0.51 -27.63
C HIS D 155 4.84 -1.32 -26.36
N ASN D 156 5.85 -0.92 -25.60
CA ASN D 156 6.24 -1.61 -24.37
C ASN D 156 5.78 -0.90 -23.11
N GLY D 157 4.74 -0.07 -23.19
CA GLY D 157 4.21 0.57 -22.01
C GLY D 157 3.32 -0.37 -21.20
N LYS D 158 3.37 -0.22 -19.88
CA LYS D 158 2.62 -1.06 -18.96
C LYS D 158 1.36 -0.36 -18.46
N LYS D 159 1.51 0.83 -17.87
CA LYS D 159 0.37 1.63 -17.47
C LYS D 159 0.83 3.07 -17.34
N SER D 160 0.42 3.92 -18.27
CA SER D 160 0.88 5.29 -18.32
C SER D 160 -0.23 6.23 -17.86
N VAL D 161 0.15 7.46 -17.55
CA VAL D 161 -0.77 8.48 -17.06
C VAL D 161 -0.60 9.74 -17.89
N ALA D 162 -1.69 10.22 -18.46
CA ALA D 162 -1.73 11.58 -19.00
C ALA D 162 -2.20 12.51 -17.91
N HIS D 163 -1.31 13.38 -17.45
CA HIS D 163 -1.60 14.20 -16.28
C HIS D 163 -2.72 15.19 -16.57
N ASN D 164 -3.60 15.39 -15.57
CA ASN D 164 -4.84 16.11 -15.80
C ASN D 164 -5.05 17.23 -14.78
N MET D 165 -4.06 17.49 -13.93
CA MET D 165 -4.16 18.49 -12.87
C MET D 165 -3.29 19.69 -13.22
N THR D 166 -3.84 20.89 -13.11
CA THR D 166 -5.23 21.10 -12.73
C THR D 166 -6.14 21.03 -13.95
N MET D 167 -5.51 21.03 -15.11
CA MET D 167 -6.16 20.92 -16.41
C MET D 167 -5.36 19.91 -17.22
N PRO D 168 -5.90 19.45 -18.36
CA PRO D 168 -5.11 18.55 -19.21
C PRO D 168 -3.78 19.19 -19.59
N ASN D 169 -2.70 18.46 -19.32
CA ASN D 169 -1.35 18.95 -19.59
C ASN D 169 -1.05 18.80 -21.07
N LYS D 170 -1.78 19.58 -21.88
CA LYS D 170 -1.67 19.55 -23.32
C LYS D 170 -1.58 20.96 -23.86
N LEU D 171 -0.93 21.10 -25.01
CA LEU D 171 -0.84 22.39 -25.68
C LEU D 171 -0.96 22.18 -27.18
N LEU D 172 -1.72 23.07 -27.82
CA LEU D 172 -1.90 23.07 -29.27
C LEU D 172 -1.56 24.45 -29.83
N ARG D 173 -0.75 24.46 -30.89
CA ARG D 173 -0.42 25.69 -31.60
C ARG D 173 -0.61 25.46 -33.09
N ILE D 174 -1.27 26.40 -33.75
CA ILE D 174 -1.57 26.32 -35.18
C ILE D 174 -0.89 27.49 -35.88
N THR D 175 -0.04 27.20 -36.85
CA THR D 175 0.59 28.21 -37.68
C THR D 175 -0.26 28.46 -38.92
N GLU D 176 -0.11 29.67 -39.49
CA GLU D 176 -0.97 30.10 -40.58
C GLU D 176 -0.82 29.24 -41.83
N ASP D 177 0.30 28.54 -41.97
CA ASP D 177 0.52 27.65 -43.10
C ASP D 177 -0.12 26.29 -42.92
N GLY D 178 -0.85 26.07 -41.84
CA GLY D 178 -1.47 24.79 -41.59
C GLY D 178 -0.65 23.80 -40.79
N THR D 179 0.37 24.28 -40.07
CA THR D 179 1.22 23.40 -39.29
C THR D 179 0.72 23.34 -37.84
N LEU D 180 0.62 22.15 -37.30
CA LEU D 180 0.13 21.92 -35.95
C LEU D 180 1.24 21.40 -35.07
N LEU D 181 1.40 22.00 -33.89
CA LEU D 181 2.26 21.52 -32.83
C LEU D 181 1.40 21.09 -31.65
N TYR D 182 1.58 19.86 -31.21
CA TYR D 182 0.74 19.22 -30.20
C TYR D 182 1.65 18.57 -29.18
N THR D 183 1.57 19.03 -27.93
CA THR D 183 2.48 18.57 -26.90
C THR D 183 1.68 18.11 -25.69
N MET D 184 2.15 17.03 -25.05
CA MET D 184 1.51 16.52 -23.85
C MET D 184 2.55 16.05 -22.84
N ARG D 185 2.15 16.01 -21.59
CA ARG D 185 3.03 15.62 -20.49
C ARG D 185 2.61 14.25 -19.98
N LEU D 186 3.54 13.29 -20.01
CA LEU D 186 3.21 11.89 -19.76
C LEU D 186 4.16 11.30 -18.73
N THR D 187 3.64 10.37 -17.94
CA THR D 187 4.44 9.44 -17.15
C THR D 187 4.25 8.05 -17.71
N VAL D 188 5.33 7.44 -18.20
CA VAL D 188 5.28 6.15 -18.87
C VAL D 188 6.05 5.14 -18.02
N ARG D 189 5.39 4.04 -17.66
CA ARG D 189 6.04 2.88 -17.08
C ARG D 189 6.26 1.86 -18.20
N ALA D 190 7.52 1.51 -18.44
CA ALA D 190 7.88 0.68 -19.59
C ALA D 190 8.65 -0.55 -19.14
N GLU D 191 8.54 -1.61 -19.94
CA GLU D 191 9.21 -2.87 -19.68
C GLU D 191 10.67 -2.81 -20.11
N CYS D 192 11.57 -3.23 -19.23
CA CYS D 192 12.98 -3.36 -19.54
C CYS D 192 13.44 -4.75 -19.15
N PRO D 193 13.48 -5.70 -20.09
CA PRO D 193 14.00 -7.04 -19.79
C PRO D 193 15.49 -6.96 -19.46
N MET D 194 15.88 -7.64 -18.38
CA MET D 194 17.25 -7.58 -17.89
C MET D 194 17.86 -8.97 -17.90
N HIS D 195 19.12 -9.04 -18.36
CA HIS D 195 19.93 -10.24 -18.26
C HIS D 195 20.89 -10.07 -17.09
N LEU D 196 20.63 -10.78 -15.99
CA LEU D 196 21.32 -10.54 -14.73
C LEU D 196 22.45 -11.54 -14.50
N GLU D 197 23.03 -12.08 -15.57
CA GLU D 197 24.12 -13.04 -15.43
C GLU D 197 25.39 -12.37 -14.90
N ASP D 198 25.58 -11.09 -15.17
CA ASP D 198 26.76 -10.36 -14.73
C ASP D 198 26.52 -9.52 -13.48
N PHE D 199 25.39 -9.70 -12.81
CA PHE D 199 25.09 -8.93 -11.62
C PHE D 199 26.16 -9.16 -10.56
N PRO D 200 26.61 -8.12 -9.85
CA PRO D 200 26.20 -6.71 -9.94
C PRO D 200 27.10 -5.87 -10.85
N MET D 201 27.72 -6.46 -11.86
CA MET D 201 28.60 -5.74 -12.77
C MET D 201 28.00 -5.68 -14.17
N ASP D 202 26.69 -5.48 -14.26
CA ASP D 202 25.97 -5.60 -15.51
C ASP D 202 25.55 -4.23 -16.01
N ALA D 203 25.18 -4.20 -17.30
CA ALA D 203 24.72 -2.99 -17.96
C ALA D 203 23.51 -3.34 -18.81
N HIS D 204 22.63 -2.37 -18.99
CA HIS D 204 21.37 -2.65 -19.69
C HIS D 204 21.08 -1.55 -20.69
N ALA D 205 20.25 -1.90 -21.68
CA ALA D 205 19.73 -0.96 -22.67
C ALA D 205 18.21 -1.01 -22.57
N CYS D 206 17.65 -0.10 -21.79
CA CYS D 206 16.21 -0.08 -21.61
C CYS D 206 15.56 0.63 -22.79
N PRO D 207 14.68 -0.03 -23.54
CA PRO D 207 14.08 0.60 -24.72
C PRO D 207 12.78 1.32 -24.41
N LEU D 208 12.50 2.31 -25.26
CA LEU D 208 11.21 3.00 -25.30
C LEU D 208 10.81 3.09 -26.76
N LYS D 209 9.75 2.39 -27.14
CA LYS D 209 9.31 2.32 -28.53
C LYS D 209 7.90 2.87 -28.63
N PHE D 210 7.65 3.66 -29.67
CA PHE D 210 6.31 4.19 -29.88
C PHE D 210 6.00 4.24 -31.38
N GLY D 211 4.71 4.36 -31.67
CA GLY D 211 4.28 4.45 -33.06
C GLY D 211 2.77 4.50 -33.13
N SER D 212 2.27 4.52 -34.37
CA SER D 212 0.83 4.57 -34.60
C SER D 212 0.19 3.22 -34.28
N TYR D 213 -0.99 3.28 -33.67
CA TYR D 213 -1.72 2.04 -33.37
C TYR D 213 -2.49 1.52 -34.57
N ALA D 214 -3.17 2.40 -35.31
CA ALA D 214 -4.11 1.98 -36.33
C ALA D 214 -3.69 2.33 -37.75
N TYR D 215 -2.72 3.21 -37.93
CA TYR D 215 -2.32 3.67 -39.25
C TYR D 215 -1.03 2.96 -39.65
N THR D 216 -1.06 2.30 -40.81
CA THR D 216 0.10 1.59 -41.32
C THR D 216 1.10 2.56 -41.94
N ARG D 217 2.23 2.02 -42.39
CA ARG D 217 3.30 2.85 -42.94
C ARG D 217 2.90 3.53 -44.24
N ALA D 218 1.85 3.04 -44.90
CA ALA D 218 1.35 3.68 -46.11
C ALA D 218 0.48 4.90 -45.82
N GLU D 219 0.17 5.16 -44.56
CA GLU D 219 -0.66 6.31 -44.19
C GLU D 219 0.02 7.28 -43.24
N VAL D 220 0.78 6.80 -42.28
CA VAL D 220 1.45 7.65 -41.31
C VAL D 220 2.89 7.18 -41.15
N VAL D 221 3.84 8.12 -41.21
CA VAL D 221 5.24 7.86 -40.95
C VAL D 221 5.71 8.86 -39.90
N TYR D 222 6.58 8.39 -39.02
CA TYR D 222 7.16 9.23 -37.97
C TYR D 222 8.61 9.56 -38.29
N GLU D 223 8.98 10.81 -38.03
CA GLU D 223 10.35 11.29 -38.19
C GLU D 223 10.75 12.06 -36.95
N TRP D 224 12.05 12.07 -36.66
CA TRP D 224 12.56 12.90 -35.57
C TRP D 224 12.68 14.34 -36.03
N THR D 225 12.33 15.26 -35.13
CA THR D 225 12.24 16.68 -35.51
C THR D 225 13.57 17.20 -36.04
N ARG D 226 14.65 16.94 -35.32
CA ARG D 226 16.01 17.27 -35.71
C ARG D 226 16.82 15.98 -35.80
N GLU D 227 18.14 16.12 -35.89
CA GLU D 227 19.01 14.95 -35.94
C GLU D 227 18.69 14.01 -34.78
N PRO D 228 18.67 12.70 -35.01
CA PRO D 228 18.15 11.78 -33.99
C PRO D 228 18.82 11.89 -32.63
N ALA D 229 20.13 12.17 -32.59
CA ALA D 229 20.80 12.32 -31.31
C ALA D 229 20.28 13.52 -30.54
N ARG D 230 19.92 14.59 -31.25
CA ARG D 230 19.45 15.82 -30.61
C ARG D 230 17.94 15.87 -30.44
N SER D 231 17.21 14.83 -30.87
CA SER D 231 15.75 14.87 -30.78
C SER D 231 15.23 14.41 -29.44
N VAL D 232 15.96 13.56 -28.74
CA VAL D 232 15.64 13.17 -27.37
C VAL D 232 16.58 13.94 -26.44
N VAL D 233 16.01 14.77 -25.57
CA VAL D 233 16.81 15.65 -24.72
C VAL D 233 16.46 15.37 -23.27
N VAL D 234 17.49 15.08 -22.47
CA VAL D 234 17.33 14.76 -21.06
C VAL D 234 17.72 15.96 -20.23
N ALA D 235 16.88 16.32 -19.27
CA ALA D 235 17.14 17.48 -18.42
C ALA D 235 18.36 17.22 -17.55
N GLU D 236 19.03 18.31 -17.17
CA GLU D 236 20.28 18.20 -16.41
C GLU D 236 20.04 17.58 -15.04
N ASP D 237 19.07 18.11 -14.28
CA ASP D 237 18.81 17.64 -12.94
C ASP D 237 17.60 16.72 -12.88
N GLY D 238 17.36 15.94 -13.93
CA GLY D 238 16.19 15.09 -13.98
C GLY D 238 16.52 13.62 -13.81
N SER D 239 17.39 13.30 -12.86
CA SER D 239 17.76 11.93 -12.55
C SER D 239 17.13 11.52 -11.22
N ARG D 240 16.22 10.55 -11.27
CA ARG D 240 15.70 9.92 -10.06
C ARG D 240 16.30 8.52 -9.85
N LEU D 241 17.43 8.23 -10.48
CA LEU D 241 18.09 6.95 -10.32
C LEU D 241 18.85 6.89 -9.01
N ASN D 242 18.74 5.76 -8.33
CA ASN D 242 19.45 5.51 -7.08
C ASN D 242 20.68 4.63 -7.26
N GLN D 243 20.51 3.46 -7.88
CA GLN D 243 21.58 2.49 -8.04
C GLN D 243 22.01 2.32 -9.49
N TYR D 244 21.76 3.31 -10.33
CA TYR D 244 22.13 3.24 -11.73
C TYR D 244 22.71 4.57 -12.18
N ASP D 245 23.49 4.51 -13.25
CA ASP D 245 24.00 5.70 -13.93
C ASP D 245 23.49 5.71 -15.36
N LEU D 246 23.00 6.85 -15.81
CA LEU D 246 22.52 7.00 -17.19
C LEU D 246 23.72 7.43 -18.02
N LEU D 247 24.29 6.47 -18.76
CA LEU D 247 25.49 6.74 -19.54
C LEU D 247 25.19 7.51 -20.81
N GLY D 248 24.02 7.27 -21.40
CA GLY D 248 23.65 7.92 -22.64
C GLY D 248 22.43 7.26 -23.23
N GLN D 249 22.12 7.65 -24.46
CA GLN D 249 21.00 7.05 -25.16
C GLN D 249 21.27 7.06 -26.65
N THR D 250 20.70 6.07 -27.33
CA THR D 250 20.72 5.98 -28.78
C THR D 250 19.30 6.05 -29.32
N VAL D 251 19.17 6.57 -30.53
CA VAL D 251 17.88 6.90 -31.13
C VAL D 251 17.82 6.29 -32.52
N ASP D 252 16.73 5.60 -32.84
CA ASP D 252 16.62 4.91 -34.11
C ASP D 252 15.16 4.81 -34.52
N SER D 253 14.94 4.35 -35.74
CA SER D 253 13.60 4.14 -36.29
C SER D 253 13.62 2.90 -37.16
N GLY D 254 12.44 2.34 -37.37
CA GLY D 254 12.35 1.13 -38.15
C GLY D 254 10.92 0.75 -38.45
N ILE D 255 10.75 -0.47 -38.96
CA ILE D 255 9.46 -1.00 -39.37
C ILE D 255 9.21 -2.28 -38.60
N VAL D 256 7.97 -2.44 -38.12
CA VAL D 256 7.55 -3.65 -37.43
C VAL D 256 6.30 -4.19 -38.12
N GLN D 257 6.29 -5.49 -38.40
CA GLN D 257 5.20 -6.13 -39.12
C GLN D 257 4.41 -6.99 -38.17
N SER D 258 3.09 -6.80 -38.15
CA SER D 258 2.18 -7.60 -37.34
C SER D 258 1.00 -8.01 -38.21
N SER D 259 0.04 -8.70 -37.57
CA SER D 259 -1.05 -9.33 -38.32
C SER D 259 -1.84 -8.32 -39.12
N THR D 260 -1.88 -7.06 -38.69
CA THR D 260 -2.65 -6.04 -39.39
C THR D 260 -1.84 -5.24 -40.40
N GLY D 261 -0.52 -5.42 -40.46
CA GLY D 261 0.26 -4.74 -41.46
C GLY D 261 1.60 -4.28 -40.92
N GLU D 262 2.22 -3.38 -41.67
CA GLU D 262 3.54 -2.84 -41.33
C GLU D 262 3.38 -1.43 -40.76
N TYR D 263 4.11 -1.17 -39.68
CA TYR D 263 3.98 0.08 -38.94
C TYR D 263 5.37 0.67 -38.68
N VAL D 264 5.45 1.99 -38.71
CA VAL D 264 6.67 2.70 -38.34
C VAL D 264 6.79 2.71 -36.82
N VAL D 265 7.99 2.43 -36.32
CA VAL D 265 8.27 2.44 -34.90
C VAL D 265 9.50 3.30 -34.65
N MET D 266 9.43 4.16 -33.64
CA MET D 266 10.57 4.96 -33.20
C MET D 266 11.05 4.42 -31.87
N THR D 267 12.35 4.20 -31.75
CA THR D 267 12.95 3.56 -30.59
C THR D 267 14.03 4.45 -29.99
N THR D 268 14.07 4.50 -28.66
CA THR D 268 15.14 5.15 -27.92
C THR D 268 15.64 4.18 -26.85
N HIS D 269 16.91 3.83 -26.91
CA HIS D 269 17.53 2.97 -25.89
C HIS D 269 18.32 3.83 -24.92
N PHE D 270 18.01 3.70 -23.63
CA PHE D 270 18.78 4.36 -22.58
C PHE D 270 19.73 3.34 -21.99
N HIS D 271 21.01 3.70 -21.92
CA HIS D 271 22.05 2.79 -21.45
C HIS D 271 22.31 3.05 -19.97
N LEU D 272 22.10 2.03 -19.15
CA LEU D 272 22.26 2.14 -17.71
C LEU D 272 23.40 1.23 -17.26
N LYS D 273 24.16 1.70 -16.29
CA LYS D 273 25.21 0.90 -15.66
C LYS D 273 25.07 0.95 -14.15
N ARG D 274 25.00 -0.23 -13.54
CA ARG D 274 24.80 -0.33 -12.10
C ARG D 274 26.09 0.11 -11.40
N LYS D 275 25.95 0.86 -10.31
CA LYS D 275 27.10 1.14 -9.47
C LYS D 275 27.39 -0.01 -8.53
N ILE D 276 28.67 -0.23 -8.26
CA ILE D 276 29.13 -1.42 -7.55
C ILE D 276 29.57 -1.12 -6.13
N GLY D 277 29.73 0.15 -5.76
CA GLY D 277 30.32 0.46 -4.48
C GLY D 277 29.56 -0.16 -3.32
N TYR D 278 28.23 -0.13 -3.40
CA TYR D 278 27.40 -0.70 -2.34
C TYR D 278 27.69 -2.18 -2.17
N PHE D 279 27.74 -2.91 -3.29
CA PHE D 279 28.01 -4.35 -3.20
C PHE D 279 29.47 -4.62 -2.91
N VAL D 280 30.38 -3.71 -3.29
CA VAL D 280 31.78 -3.87 -2.96
C VAL D 280 32.00 -3.83 -1.45
N ILE D 281 31.38 -2.85 -0.77
CA ILE D 281 31.55 -2.75 0.67
C ILE D 281 30.51 -3.52 1.45
N GLN D 282 29.54 -4.13 0.78
CA GLN D 282 28.50 -4.90 1.45
C GLN D 282 28.70 -6.41 1.37
N THR D 283 29.20 -6.91 0.24
CA THR D 283 29.37 -8.35 0.07
C THR D 283 30.81 -8.77 -0.19
N TYR D 284 31.50 -8.12 -1.14
CA TYR D 284 32.80 -8.63 -1.54
C TYR D 284 33.83 -8.47 -0.44
N LEU D 285 33.88 -7.30 0.20
CA LEU D 285 34.83 -7.10 1.29
C LEU D 285 34.57 -8.03 2.48
N PRO D 286 33.33 -8.18 2.98
CA PRO D 286 33.12 -9.15 4.06
C PRO D 286 33.49 -10.57 3.67
N CYS D 287 33.20 -10.98 2.45
CA CYS D 287 33.57 -12.33 2.01
C CYS D 287 35.08 -12.51 1.97
N ILE D 288 35.80 -11.54 1.41
CA ILE D 288 37.26 -11.65 1.35
C ILE D 288 37.85 -11.68 2.74
N MET D 289 37.36 -10.81 3.64
CA MET D 289 37.89 -10.81 5.00
C MET D 289 37.55 -12.10 5.74
N THR D 290 36.37 -12.66 5.49
CA THR D 290 36.02 -13.94 6.10
C THR D 290 36.92 -15.07 5.61
N VAL D 291 37.21 -15.10 4.30
CA VAL D 291 38.10 -16.14 3.78
C VAL D 291 39.51 -16.00 4.35
N ILE D 292 40.03 -14.77 4.39
CA ILE D 292 41.36 -14.56 4.97
C ILE D 292 41.38 -14.93 6.45
N LEU D 293 40.33 -14.57 7.17
CA LEU D 293 40.24 -14.93 8.58
C LEU D 293 40.22 -16.43 8.77
N SER D 294 39.47 -17.14 7.93
CA SER D 294 39.41 -18.60 8.02
C SER D 294 40.77 -19.22 7.70
N GLN D 295 41.49 -18.68 6.72
CA GLN D 295 42.79 -19.25 6.40
C GLN D 295 43.84 -18.90 7.46
N VAL D 296 43.58 -17.85 8.26
CA VAL D 296 44.47 -17.56 9.40
C VAL D 296 44.51 -18.75 10.36
N SER D 297 43.41 -19.52 10.42
CA SER D 297 43.33 -20.62 11.38
C SER D 297 44.43 -21.66 11.19
N PHE D 298 44.92 -21.82 9.95
CA PHE D 298 45.89 -22.87 9.68
C PHE D 298 47.22 -22.64 10.37
N TRP D 299 47.45 -21.43 10.87
CA TRP D 299 48.71 -21.06 11.50
C TRP D 299 48.68 -21.16 13.02
N LEU D 300 47.49 -21.33 13.62
CA LEU D 300 47.41 -21.54 15.05
C LEU D 300 47.88 -22.95 15.41
N ASN D 301 48.47 -23.07 16.59
CA ASN D 301 49.00 -24.36 17.02
C ASN D 301 47.85 -25.32 17.35
N ARG D 302 48.18 -26.62 17.33
CA ARG D 302 47.16 -27.64 17.46
C ARG D 302 46.63 -27.76 18.89
N GLU D 303 47.36 -27.23 19.87
CA GLU D 303 46.86 -27.22 21.24
C GLU D 303 45.65 -26.30 21.39
N SER D 304 45.57 -25.24 20.61
CA SER D 304 44.50 -24.25 20.74
C SER D 304 43.28 -24.72 19.95
N VAL D 305 42.66 -25.78 20.46
CA VAL D 305 41.45 -26.31 19.84
C VAL D 305 40.28 -25.31 19.92
N PRO D 306 39.98 -24.71 21.08
CA PRO D 306 38.87 -23.73 21.09
C PRO D 306 39.08 -22.55 20.15
N ALA D 307 40.32 -22.06 20.01
CA ALA D 307 40.57 -20.92 19.14
C ALA D 307 40.28 -21.26 17.68
N ARG D 308 40.76 -22.42 17.22
CA ARG D 308 40.55 -22.81 15.83
C ARG D 308 39.09 -23.16 15.59
N THR D 309 38.43 -23.74 16.60
CA THR D 309 37.00 -23.98 16.48
C THR D 309 36.22 -22.68 16.35
N VAL D 310 36.59 -21.67 17.13
CA VAL D 310 35.92 -20.37 17.03
C VAL D 310 36.15 -19.78 15.66
N PHE D 311 37.38 -19.86 15.15
CA PHE D 311 37.68 -19.38 13.82
C PHE D 311 36.77 -20.04 12.78
N GLY D 312 36.75 -21.37 12.77
CA GLY D 312 35.95 -22.09 11.78
C GLY D 312 34.47 -21.82 11.91
N VAL D 313 33.95 -21.85 13.14
CA VAL D 313 32.52 -21.69 13.37
C VAL D 313 32.08 -20.30 12.95
N THR D 314 32.82 -19.28 13.37
CA THR D 314 32.43 -17.91 13.08
C THR D 314 32.55 -17.61 11.59
N THR D 315 33.57 -18.15 10.93
CA THR D 315 33.69 -17.92 9.49
C THR D 315 32.56 -18.59 8.72
N VAL D 316 32.21 -19.83 9.11
CA VAL D 316 31.12 -20.52 8.45
C VAL D 316 29.80 -19.80 8.67
N LEU D 317 29.57 -19.34 9.90
CA LEU D 317 28.36 -18.61 10.22
C LEU D 317 28.26 -17.29 9.45
N THR D 318 29.37 -16.55 9.37
CA THR D 318 29.37 -15.30 8.61
C THR D 318 29.09 -15.55 7.14
N MET D 319 29.70 -16.60 6.58
CA MET D 319 29.47 -16.91 5.18
C MET D 319 28.01 -17.29 4.92
N THR D 320 27.44 -18.10 5.82
CA THR D 320 26.03 -18.46 5.69
C THR D 320 25.13 -17.24 5.75
N THR D 321 25.37 -16.33 6.71
CA THR D 321 24.54 -15.14 6.82
C THR D 321 24.65 -14.26 5.58
N LEU D 322 25.87 -14.08 5.07
CA LEU D 322 26.05 -13.29 3.86
C LEU D 322 25.32 -13.93 2.67
N SER D 323 25.45 -15.24 2.53
CA SER D 323 24.80 -15.95 1.43
C SER D 323 23.28 -15.83 1.52
N ILE D 324 22.73 -15.94 2.73
CA ILE D 324 21.28 -15.84 2.90
C ILE D 324 20.81 -14.42 2.60
N SER D 325 21.58 -13.42 3.01
CA SER D 325 21.09 -12.04 2.88
C SER D 325 21.38 -11.45 1.50
N ALA D 326 22.25 -12.09 0.71
CA ALA D 326 22.70 -11.45 -0.53
C ALA D 326 21.66 -11.50 -1.65
N ARG D 327 20.60 -12.29 -1.50
CA ARG D 327 19.66 -12.38 -2.62
C ARG D 327 18.37 -11.60 -2.40
N ASN D 328 18.34 -10.67 -1.44
CA ASN D 328 17.11 -9.97 -1.13
C ASN D 328 16.67 -9.07 -2.29
N SER D 329 17.62 -8.37 -2.89
CA SER D 329 17.31 -7.38 -3.92
C SER D 329 16.79 -8.00 -5.22
N LEU D 330 17.35 -9.13 -5.63
CA LEU D 330 17.09 -9.58 -6.99
C LEU D 330 15.74 -10.26 -7.15
N PRO D 331 15.22 -10.29 -8.38
CA PRO D 331 14.10 -11.19 -8.71
C PRO D 331 14.56 -12.63 -8.75
N LYS D 332 13.59 -13.53 -8.65
CA LYS D 332 13.87 -14.96 -8.51
C LYS D 332 14.16 -15.57 -9.89
N VAL D 333 15.25 -15.08 -10.50
CA VAL D 333 15.69 -15.60 -11.79
C VAL D 333 16.19 -17.02 -11.62
N ALA D 334 16.07 -17.82 -12.66
CA ALA D 334 16.47 -19.23 -12.60
C ALA D 334 17.89 -19.44 -13.12
N TYR D 335 18.84 -18.66 -12.63
CA TYR D 335 20.25 -18.86 -12.96
C TYR D 335 21.10 -18.19 -11.89
N ALA D 336 22.40 -18.41 -11.99
CA ALA D 336 23.36 -17.94 -10.99
C ALA D 336 24.02 -16.67 -11.51
N THR D 337 24.01 -15.62 -10.68
CA THR D 337 24.72 -14.40 -11.00
C THR D 337 26.20 -14.54 -10.66
N ALA D 338 26.98 -13.51 -10.98
CA ALA D 338 28.39 -13.50 -10.60
C ALA D 338 28.56 -13.47 -9.09
N MET D 339 27.72 -12.68 -8.40
CA MET D 339 27.80 -12.63 -6.95
C MET D 339 27.52 -14.01 -6.35
N ASP D 340 26.59 -14.75 -6.94
CA ASP D 340 26.30 -16.10 -6.46
C ASP D 340 27.51 -17.01 -6.60
N TRP D 341 28.21 -16.92 -7.72
CA TRP D 341 29.43 -17.70 -7.90
C TRP D 341 30.50 -17.32 -6.89
N PHE D 342 30.69 -16.02 -6.66
CA PHE D 342 31.68 -15.57 -5.69
C PHE D 342 31.35 -16.09 -4.29
N ILE D 343 30.08 -15.98 -3.89
CA ILE D 343 29.70 -16.43 -2.56
C ILE D 343 29.80 -17.94 -2.44
N ALA D 344 29.46 -18.66 -3.51
CA ALA D 344 29.58 -20.11 -3.48
C ALA D 344 31.04 -20.55 -3.33
N VAL D 345 31.95 -19.90 -4.05
CA VAL D 345 33.36 -20.28 -3.92
C VAL D 345 33.90 -19.90 -2.55
N CYS D 346 33.52 -18.74 -2.02
CA CYS D 346 33.95 -18.39 -0.66
C CYS D 346 33.42 -19.37 0.37
N TYR D 347 32.15 -19.78 0.23
CA TYR D 347 31.57 -20.78 1.12
C TYR D 347 32.32 -22.10 1.02
N ALA D 348 32.65 -22.52 -0.20
CA ALA D 348 33.41 -23.76 -0.39
C ALA D 348 34.77 -23.67 0.29
N PHE D 349 35.44 -22.53 0.17
CA PHE D 349 36.74 -22.36 0.81
C PHE D 349 36.63 -22.44 2.34
N VAL D 350 35.64 -21.75 2.90
CA VAL D 350 35.48 -21.74 4.35
C VAL D 350 35.11 -23.13 4.86
N PHE D 351 34.19 -23.81 4.17
CA PHE D 351 33.83 -25.16 4.56
C PHE D 351 35.01 -26.11 4.45
N SER D 352 35.82 -25.97 3.40
CA SER D 352 36.99 -26.84 3.26
C SER D 352 38.01 -26.56 4.35
N ALA D 353 38.14 -25.31 4.77
CA ALA D 353 39.01 -25.00 5.91
C ALA D 353 38.50 -25.65 7.18
N LEU D 354 37.19 -25.61 7.42
CA LEU D 354 36.63 -26.26 8.60
C LEU D 354 36.84 -27.77 8.55
N ILE D 355 36.64 -28.37 7.37
CA ILE D 355 36.86 -29.80 7.22
C ILE D 355 38.32 -30.14 7.46
N GLU D 356 39.24 -29.29 7.01
CA GLU D 356 40.66 -29.50 7.25
C GLU D 356 40.96 -29.46 8.73
N PHE D 357 40.36 -28.50 9.45
CA PHE D 357 40.54 -28.45 10.90
C PHE D 357 40.01 -29.72 11.56
N ALA D 358 38.85 -30.20 11.11
CA ALA D 358 38.29 -31.43 11.67
C ALA D 358 39.22 -32.61 11.44
N THR D 359 39.78 -32.70 10.23
CA THR D 359 40.74 -33.77 9.92
C THR D 359 41.98 -33.68 10.78
N VAL D 360 42.50 -32.46 10.99
CA VAL D 360 43.69 -32.29 11.80
C VAL D 360 43.40 -32.69 13.24
N ASN D 361 42.22 -32.31 13.75
CA ASN D 361 41.86 -32.69 15.11
C ASN D 361 41.71 -34.19 15.24
N TYR D 362 41.20 -34.85 14.20
CA TYR D 362 41.00 -36.30 14.27
C TYR D 362 42.33 -37.03 14.38
N PHE D 363 43.35 -36.58 13.65
CA PHE D 363 44.65 -37.21 13.63
C PHE D 363 45.62 -36.61 14.65
N THR D 364 45.16 -35.66 15.47
CA THR D 364 46.07 -34.90 16.32
C THR D 364 46.75 -35.81 17.34
N LYS D 365 45.98 -36.63 18.04
CA LYS D 365 46.53 -37.42 19.14
C LYS D 365 47.18 -38.71 18.66
N SER D 366 46.77 -39.23 17.51
CA SER D 366 47.31 -40.49 17.04
C SER D 366 48.50 -40.33 16.09
N GLN D 367 48.45 -39.36 15.18
CA GLN D 367 49.53 -39.11 14.22
C GLN D 367 49.85 -37.63 14.16
N PRO D 368 50.58 -37.09 15.15
CA PRO D 368 50.86 -35.65 15.15
C PRO D 368 51.64 -35.18 13.94
N ALA D 369 52.56 -36.01 13.44
CA ALA D 369 53.36 -35.63 12.28
C ALA D 369 52.48 -35.43 11.05
N ARG D 370 51.49 -36.31 10.88
CA ARG D 370 50.58 -36.18 9.74
C ARG D 370 49.76 -34.90 9.87
N ALA D 371 49.31 -34.59 11.08
CA ALA D 371 48.57 -33.34 11.30
C ALA D 371 49.43 -32.13 10.96
N ALA D 372 50.69 -32.13 11.39
CA ALA D 372 51.58 -31.02 11.07
C ALA D 372 51.78 -30.88 9.56
N LYS D 373 51.98 -32.02 8.88
CA LYS D 373 52.15 -31.98 7.42
C LYS D 373 50.91 -31.43 6.75
N ILE D 374 49.73 -31.86 7.20
CA ILE D 374 48.47 -31.39 6.62
C ILE D 374 48.33 -29.89 6.84
N ASP D 375 48.63 -29.42 8.05
CA ASP D 375 48.55 -27.99 8.32
C ASP D 375 49.48 -27.21 7.41
N ARG D 376 50.72 -27.67 7.23
CA ARG D 376 51.66 -26.94 6.38
C ARG D 376 51.17 -26.89 4.94
N LEU D 377 50.70 -28.05 4.44
CA LEU D 377 50.21 -28.12 3.07
C LEU D 377 49.04 -27.20 2.86
N SER D 378 48.13 -27.10 3.83
CA SER D 378 47.02 -26.18 3.68
C SER D 378 47.49 -24.73 3.76
N ARG D 379 48.43 -24.44 4.67
CA ARG D 379 48.97 -23.10 4.80
C ARG D 379 49.56 -22.61 3.48
N ILE D 380 50.03 -23.53 2.65
CA ILE D 380 50.55 -23.10 1.36
C ILE D 380 49.47 -23.13 0.29
N ALA D 381 48.62 -24.16 0.30
CA ALA D 381 47.66 -24.36 -0.78
C ALA D 381 46.56 -23.30 -0.79
N PHE D 382 45.99 -23.01 0.38
CA PHE D 382 44.81 -22.14 0.44
C PHE D 382 45.04 -20.71 -0.05
N PRO D 383 46.06 -19.98 0.40
CA PRO D 383 46.25 -18.62 -0.15
C PRO D 383 46.49 -18.59 -1.64
N LEU D 384 47.23 -19.55 -2.18
CA LEU D 384 47.52 -19.57 -3.61
C LEU D 384 46.23 -19.78 -4.41
N LEU D 385 45.39 -20.73 -3.97
CA LEU D 385 44.14 -20.98 -4.66
C LEU D 385 43.19 -19.80 -4.55
N PHE D 386 43.14 -19.15 -3.39
CA PHE D 386 42.27 -17.98 -3.26
C PHE D 386 42.75 -16.84 -4.15
N GLY D 387 44.08 -16.64 -4.24
CA GLY D 387 44.59 -15.60 -5.13
C GLY D 387 44.29 -15.89 -6.58
N ILE D 388 44.45 -17.14 -7.01
CA ILE D 388 44.16 -17.50 -8.40
C ILE D 388 42.67 -17.31 -8.69
N PHE D 389 41.80 -17.74 -7.78
CA PHE D 389 40.38 -17.54 -7.98
C PHE D 389 40.02 -16.07 -8.08
N ASN D 390 40.59 -15.24 -7.20
CA ASN D 390 40.29 -13.81 -7.23
C ASN D 390 40.76 -13.20 -8.55
N LEU D 391 41.97 -13.54 -8.97
CA LEU D 391 42.50 -13.01 -10.23
C LEU D 391 41.60 -13.38 -11.40
N VAL D 392 41.23 -14.66 -11.50
CA VAL D 392 40.41 -15.10 -12.62
C VAL D 392 39.04 -14.42 -12.59
N TYR D 393 38.42 -14.37 -11.40
CA TYR D 393 37.08 -13.81 -11.29
C TYR D 393 37.07 -12.33 -11.67
N TRP D 394 38.02 -11.55 -11.13
CA TRP D 394 38.00 -10.12 -11.38
C TRP D 394 38.43 -9.80 -12.80
N ALA D 395 39.39 -10.55 -13.36
CA ALA D 395 39.73 -10.34 -14.77
C ALA D 395 38.54 -10.65 -15.67
N THR D 396 37.82 -11.75 -15.40
CA THR D 396 36.67 -12.09 -16.22
C THR D 396 35.58 -11.02 -16.14
N TYR D 397 35.26 -10.57 -14.93
CA TYR D 397 34.08 -9.72 -14.72
C TYR D 397 34.37 -8.23 -14.73
N LEU D 398 35.63 -7.80 -14.86
CA LEU D 398 35.91 -6.36 -14.93
C LEU D 398 36.14 -5.84 -16.33
N ASN D 399 36.82 -6.59 -17.20
CA ASN D 399 36.99 -6.20 -18.59
C ASN D 399 35.93 -6.78 -19.51
N ARG D 400 34.73 -7.07 -19.00
CA ARG D 400 33.66 -7.66 -19.79
C ARG D 400 33.37 -6.87 -21.06
N ASN E 62 -52.30 8.33 -13.23
CA ASN E 62 -52.09 9.14 -14.43
C ASN E 62 -50.65 9.64 -14.47
N MET E 63 -49.78 8.90 -15.15
CA MET E 63 -48.37 9.25 -15.20
C MET E 63 -48.10 10.44 -16.12
N SER E 64 -48.98 10.70 -17.08
CA SER E 64 -48.77 11.83 -17.99
C SER E 64 -48.85 13.16 -17.26
N PHE E 65 -49.76 13.28 -16.30
CA PHE E 65 -49.85 14.51 -15.51
C PHE E 65 -48.60 14.69 -14.65
N VAL E 66 -48.09 13.61 -14.05
CA VAL E 66 -46.85 13.69 -13.29
C VAL E 66 -45.71 14.13 -14.19
N LYS E 67 -45.63 13.56 -15.39
CA LYS E 67 -44.58 13.94 -16.33
C LYS E 67 -44.68 15.41 -16.71
N GLU E 68 -45.89 15.89 -16.99
CA GLU E 68 -46.06 17.30 -17.34
C GLU E 68 -45.66 18.21 -16.18
N THR E 69 -46.05 17.84 -14.95
CA THR E 69 -45.70 18.65 -13.79
C THR E 69 -44.19 18.70 -13.59
N VAL E 70 -43.51 17.56 -13.73
CA VAL E 70 -42.06 17.54 -13.53
C VAL E 70 -41.35 18.29 -14.64
N ASP E 71 -41.84 18.19 -15.88
CA ASP E 71 -41.29 18.98 -16.97
C ASP E 71 -41.47 20.47 -16.71
N LYS E 72 -42.63 20.86 -16.17
CA LYS E 72 -42.89 22.27 -15.88
C LYS E 72 -41.97 22.78 -14.78
N LEU E 73 -41.73 21.97 -13.75
CA LEU E 73 -40.86 22.39 -12.66
C LEU E 73 -39.44 22.68 -13.16
N LEU E 74 -38.95 21.89 -14.11
CA LEU E 74 -37.61 22.04 -14.65
C LEU E 74 -37.58 22.88 -15.92
N LYS E 75 -38.58 23.72 -16.15
CA LYS E 75 -38.59 24.60 -17.30
C LYS E 75 -38.01 25.96 -16.91
N GLY E 76 -36.95 26.37 -17.60
CA GLY E 76 -36.27 27.59 -17.23
C GLY E 76 -35.52 27.54 -15.92
N TYR E 77 -35.28 26.34 -15.38
CA TYR E 77 -34.62 26.21 -14.08
C TYR E 77 -33.12 26.44 -14.25
N ASP E 78 -32.58 27.36 -13.45
CA ASP E 78 -31.16 27.70 -13.49
C ASP E 78 -30.47 27.06 -12.30
N ILE E 79 -29.65 26.03 -12.55
CA ILE E 79 -28.91 25.37 -11.48
C ILE E 79 -27.72 26.17 -10.99
N ARG E 80 -27.31 27.20 -11.72
CA ARG E 80 -26.21 28.05 -11.28
C ARG E 80 -26.57 28.93 -10.10
N LEU E 81 -27.85 29.08 -9.77
CA LEU E 81 -28.28 29.97 -8.71
C LEU E 81 -28.87 29.18 -7.55
N ARG E 82 -28.50 29.57 -6.33
CA ARG E 82 -29.06 28.96 -5.15
C ARG E 82 -30.51 29.39 -4.95
N PRO E 83 -31.29 28.62 -4.20
CA PRO E 83 -32.64 29.08 -3.82
C PRO E 83 -32.57 30.38 -3.03
N ASP E 84 -33.51 31.28 -3.31
CA ASP E 84 -33.55 32.61 -2.70
C ASP E 84 -32.25 33.37 -2.93
N PHE E 85 -31.68 33.22 -4.12
CA PHE E 85 -30.46 33.93 -4.46
C PHE E 85 -30.69 35.44 -4.34
N GLY E 86 -29.75 36.13 -3.68
CA GLY E 86 -29.91 37.54 -3.42
C GLY E 86 -30.74 37.87 -2.20
N GLY E 87 -31.28 36.88 -1.52
CA GLY E 87 -32.09 37.10 -0.34
C GLY E 87 -31.49 36.47 0.89
N PRO E 88 -32.33 36.06 1.82
CA PRO E 88 -31.84 35.47 3.08
C PRO E 88 -31.18 34.13 2.82
N PRO E 89 -30.28 33.71 3.71
CA PRO E 89 -29.58 32.43 3.50
C PRO E 89 -30.54 31.25 3.50
N VAL E 90 -30.22 30.27 2.67
CA VAL E 90 -30.97 29.01 2.64
C VAL E 90 -30.48 28.12 3.77
N CYS E 91 -31.42 27.58 4.54
CA CYS E 91 -31.09 26.73 5.68
C CYS E 91 -31.07 25.26 5.24
N VAL E 92 -29.96 24.58 5.53
CA VAL E 92 -29.79 23.18 5.19
C VAL E 92 -29.65 22.37 6.49
N GLY E 93 -30.57 21.44 6.69
CA GLY E 93 -30.49 20.51 7.81
C GLY E 93 -29.79 19.24 7.37
N MET E 94 -29.12 18.57 8.31
CA MET E 94 -28.33 17.39 8.00
C MET E 94 -28.64 16.27 8.98
N ASN E 95 -28.59 15.04 8.47
CA ASN E 95 -28.69 13.83 9.27
C ASN E 95 -27.67 12.82 8.79
N ILE E 96 -27.13 12.04 9.73
CA ILE E 96 -26.18 10.99 9.39
C ILE E 96 -26.61 9.70 10.08
N ASP E 97 -26.64 8.61 9.34
CA ASP E 97 -26.74 7.26 9.90
C ASP E 97 -25.40 6.57 9.72
N ILE E 98 -24.70 6.30 10.82
CA ILE E 98 -23.40 5.64 10.74
C ILE E 98 -23.63 4.15 10.53
N ALA E 99 -23.31 3.66 9.34
CA ALA E 99 -23.43 2.22 9.07
C ALA E 99 -22.32 1.45 9.77
N SER E 100 -21.09 1.93 9.67
CA SER E 100 -19.96 1.22 10.26
C SER E 100 -18.78 2.17 10.42
N ILE E 101 -17.85 1.77 11.28
CA ILE E 101 -16.53 2.40 11.42
C ILE E 101 -15.54 1.26 11.30
N ASP E 102 -14.89 1.15 10.13
CA ASP E 102 -14.20 -0.10 9.78
C ASP E 102 -12.86 -0.23 10.48
N MET E 103 -11.94 0.70 10.24
CA MET E 103 -10.57 0.54 10.69
C MET E 103 -10.03 1.85 11.25
N VAL E 104 -9.39 1.77 12.40
CA VAL E 104 -8.74 2.90 13.05
C VAL E 104 -7.25 2.62 13.07
N SER E 105 -6.47 3.52 12.48
CA SER E 105 -5.05 3.29 12.23
C SER E 105 -4.22 4.33 12.97
N GLU E 106 -3.37 3.86 13.88
CA GLU E 106 -2.38 4.72 14.52
C GLU E 106 -1.21 5.03 13.60
N VAL E 107 -0.90 4.14 12.66
CA VAL E 107 0.20 4.37 11.72
C VAL E 107 -0.12 5.52 10.77
N ASN E 108 -1.32 5.53 10.21
CA ASN E 108 -1.74 6.55 9.27
C ASN E 108 -2.46 7.72 9.92
N MET E 109 -2.80 7.61 11.22
CA MET E 109 -3.50 8.66 11.95
C MET E 109 -4.81 9.03 11.26
N ASP E 110 -5.62 8.00 10.97
CA ASP E 110 -6.89 8.21 10.31
C ASP E 110 -7.84 7.06 10.66
N TYR E 111 -9.11 7.26 10.34
CA TYR E 111 -10.13 6.23 10.51
C TYR E 111 -11.07 6.23 9.32
N THR E 112 -11.67 5.08 9.04
CA THR E 112 -12.60 4.94 7.93
C THR E 112 -14.03 4.82 8.48
N LEU E 113 -14.98 5.39 7.75
CA LEU E 113 -16.36 5.48 8.22
C LEU E 113 -17.30 5.42 7.04
N THR E 114 -18.35 4.63 7.15
CA THR E 114 -19.41 4.55 6.15
C THR E 114 -20.71 5.08 6.73
N MET E 115 -21.40 5.91 5.95
CA MET E 115 -22.58 6.58 6.48
C MET E 115 -23.59 6.87 5.38
N TYR E 116 -24.84 6.99 5.80
CA TYR E 116 -25.91 7.57 5.00
C TYR E 116 -26.04 9.04 5.39
N PHE E 117 -25.75 9.93 4.45
CA PHE E 117 -25.70 11.37 4.67
C PHE E 117 -26.90 12.00 3.97
N GLN E 118 -27.78 12.62 4.74
CA GLN E 118 -29.04 13.17 4.25
C GLN E 118 -29.03 14.69 4.46
N GLN E 119 -29.35 15.42 3.40
CA GLN E 119 -29.47 16.87 3.45
C GLN E 119 -30.91 17.26 3.14
N TYR E 120 -31.39 18.29 3.85
CA TYR E 120 -32.77 18.73 3.79
CA TYR E 120 -32.76 18.73 3.81
C TYR E 120 -32.80 20.23 3.56
N TRP E 121 -33.50 20.66 2.52
CA TRP E 121 -33.65 22.10 2.32
C TRP E 121 -34.97 22.39 1.61
N ARG E 122 -35.22 23.66 1.35
CA ARG E 122 -36.45 24.10 0.69
C ARG E 122 -36.11 24.91 -0.55
N ASP E 123 -36.73 24.56 -1.67
CA ASP E 123 -36.53 25.26 -2.94
C ASP E 123 -37.92 25.57 -3.50
N LYS E 124 -38.33 26.83 -3.41
CA LYS E 124 -39.69 27.21 -3.81
C LYS E 124 -39.91 27.10 -5.31
N ARG E 125 -38.84 27.05 -6.11
CA ARG E 125 -39.00 26.77 -7.53
C ARG E 125 -39.48 25.35 -7.81
N LEU E 126 -39.39 24.45 -6.84
CA LEU E 126 -39.77 23.06 -7.02
C LEU E 126 -41.09 22.71 -6.35
N ALA E 127 -41.82 23.70 -5.85
CA ALA E 127 -43.14 23.45 -5.28
C ALA E 127 -44.12 23.07 -6.39
N TYR E 128 -44.97 22.09 -6.10
CA TYR E 128 -45.97 21.62 -7.05
C TYR E 128 -47.29 21.39 -6.32
N SER E 129 -48.37 21.45 -7.08
CA SER E 129 -49.71 21.22 -6.55
C SER E 129 -50.43 20.20 -7.42
N GLY E 130 -51.49 19.63 -6.86
CA GLY E 130 -52.30 18.67 -7.57
C GLY E 130 -51.81 17.25 -7.52
N ILE E 131 -50.76 16.96 -6.75
CA ILE E 131 -50.25 15.60 -6.61
C ILE E 131 -49.98 15.34 -5.13
N PRO E 132 -50.88 14.63 -4.43
CA PRO E 132 -50.72 14.42 -2.97
C PRO E 132 -49.78 13.27 -2.64
N LEU E 133 -48.52 13.40 -3.04
CA LEU E 133 -47.53 12.35 -2.82
C LEU E 133 -46.15 12.97 -2.69
N ASN E 134 -45.30 12.35 -1.88
CA ASN E 134 -43.87 12.54 -2.02
C ASN E 134 -43.44 12.02 -3.39
N LEU E 135 -42.59 12.78 -4.08
CA LEU E 135 -42.08 12.36 -5.39
C LEU E 135 -40.64 11.90 -5.23
N THR E 136 -40.44 10.58 -5.18
CA THR E 136 -39.11 10.00 -5.26
C THR E 136 -38.71 9.93 -6.74
N LEU E 137 -37.63 10.62 -7.11
CA LEU E 137 -37.23 10.65 -8.51
C LEU E 137 -35.94 9.89 -8.73
N ASP E 138 -35.72 9.50 -9.97
CA ASP E 138 -34.47 8.85 -10.37
C ASP E 138 -33.30 9.76 -10.04
N ASN E 139 -32.23 9.17 -9.49
CA ASN E 139 -31.17 9.98 -8.92
C ASN E 139 -30.47 10.85 -9.94
N ARG E 140 -30.60 10.53 -11.24
CA ARG E 140 -29.99 11.38 -12.26
C ARG E 140 -30.61 12.77 -12.32
N VAL E 141 -31.85 12.93 -11.82
CA VAL E 141 -32.43 14.26 -11.69
C VAL E 141 -31.58 15.15 -10.81
N ALA E 142 -30.76 14.56 -9.93
CA ALA E 142 -29.85 15.37 -9.11
C ALA E 142 -28.89 16.18 -9.96
N ASP E 143 -28.58 15.71 -11.17
CA ASP E 143 -27.72 16.48 -12.06
C ASP E 143 -28.42 17.68 -12.70
N GLN E 144 -29.73 17.81 -12.53
CA GLN E 144 -30.49 18.91 -13.10
C GLN E 144 -31.00 19.88 -12.03
N LEU E 145 -30.53 19.74 -10.79
CA LEU E 145 -31.00 20.56 -9.68
C LEU E 145 -29.80 21.23 -9.00
N TRP E 146 -30.11 22.24 -8.19
CA TRP E 146 -29.12 22.80 -7.29
C TRP E 146 -29.00 21.92 -6.04
N VAL E 147 -27.76 21.66 -5.62
CA VAL E 147 -27.50 20.99 -4.36
C VAL E 147 -26.42 21.77 -3.62
N PRO E 148 -26.38 21.65 -2.29
CA PRO E 148 -25.31 22.31 -1.54
C PRO E 148 -23.94 21.73 -1.85
N ASP E 149 -22.93 22.58 -1.73
CA ASP E 149 -21.54 22.19 -2.00
C ASP E 149 -20.84 21.77 -0.71
N THR E 150 -21.39 20.74 -0.09
CA THR E 150 -20.89 20.27 1.19
C THR E 150 -19.66 19.41 1.01
N TYR E 151 -18.67 19.60 1.89
CA TYR E 151 -17.45 18.79 1.87
C TYR E 151 -16.96 18.59 3.30
N PHE E 152 -16.00 17.67 3.43
CA PHE E 152 -15.41 17.32 4.71
C PHE E 152 -13.96 17.81 4.74
N LEU E 153 -13.62 18.63 5.74
CA LEU E 153 -12.29 19.23 5.79
C LEU E 153 -11.22 18.19 6.08
N ASN E 154 -11.45 17.31 7.05
CA ASN E 154 -10.42 16.41 7.53
C ASN E 154 -10.36 15.10 6.77
N ASP E 155 -11.12 14.97 5.68
CA ASP E 155 -11.08 13.74 4.90
C ASP E 155 -9.83 13.68 4.04
N LYS E 156 -9.38 12.45 3.77
CA LYS E 156 -8.23 12.19 2.92
C LYS E 156 -8.59 11.53 1.60
N LYS E 157 -9.63 10.68 1.59
CA LYS E 157 -10.12 10.07 0.36
C LYS E 157 -11.54 9.59 0.61
N SER E 158 -12.49 10.13 -0.15
CA SER E 158 -13.89 9.74 -0.06
C SER E 158 -14.40 9.28 -1.41
N PHE E 159 -15.53 8.58 -1.39
CA PHE E 159 -16.22 8.23 -2.63
C PHE E 159 -17.67 7.91 -2.32
N VAL E 160 -18.53 8.14 -3.31
CA VAL E 160 -19.92 7.67 -3.28
C VAL E 160 -19.98 6.30 -3.92
N HIS E 161 -20.67 5.37 -3.27
CA HIS E 161 -20.85 4.04 -3.83
C HIS E 161 -21.67 4.11 -5.11
N GLY E 162 -21.34 3.25 -6.07
CA GLY E 162 -21.96 3.32 -7.38
C GLY E 162 -22.42 1.99 -7.95
N VAL E 163 -22.65 1.01 -7.09
CA VAL E 163 -23.19 -0.29 -7.50
C VAL E 163 -24.50 -0.50 -6.76
N THR E 164 -25.56 -0.84 -7.49
CA THR E 164 -25.51 -1.07 -8.94
C THR E 164 -25.56 0.24 -9.72
N VAL E 165 -26.16 1.25 -9.11
CA VAL E 165 -26.13 2.60 -9.66
C VAL E 165 -25.56 3.53 -8.59
N LYS E 166 -25.44 4.81 -8.92
CA LYS E 166 -24.97 5.77 -7.93
C LYS E 166 -25.90 5.76 -6.72
N ASN E 167 -25.33 5.57 -5.54
CA ASN E 167 -26.11 5.46 -4.31
C ASN E 167 -26.64 6.83 -3.90
N ARG E 168 -27.59 7.36 -4.67
CA ARG E 168 -28.09 8.70 -4.48
C ARG E 168 -29.62 8.68 -4.50
N MET E 169 -30.22 9.57 -3.71
CA MET E 169 -31.66 9.65 -3.56
C MET E 169 -32.12 11.10 -3.64
N ILE E 170 -33.14 11.35 -4.44
CA ILE E 170 -33.78 12.66 -4.57
C ILE E 170 -35.26 12.50 -4.30
N ARG E 171 -35.78 13.25 -3.31
CA ARG E 171 -37.18 13.18 -2.95
C ARG E 171 -37.72 14.60 -2.81
N LEU E 172 -38.71 14.93 -3.65
CA LEU E 172 -39.39 16.22 -3.62
C LEU E 172 -40.68 16.12 -2.80
N HIS E 173 -41.01 17.22 -2.14
CA HIS E 173 -42.24 17.35 -1.37
C HIS E 173 -43.10 18.47 -1.95
N PRO E 174 -44.42 18.43 -1.72
CA PRO E 174 -45.31 19.39 -2.40
C PRO E 174 -44.96 20.85 -2.14
N ASP E 175 -44.50 21.18 -0.95
CA ASP E 175 -44.18 22.57 -0.61
C ASP E 175 -42.84 23.03 -1.18
N GLY E 176 -42.12 22.18 -1.91
CA GLY E 176 -40.83 22.52 -2.45
C GLY E 176 -39.66 21.99 -1.66
N THR E 177 -39.89 21.20 -0.62
CA THR E 177 -38.81 20.65 0.18
C THR E 177 -38.09 19.54 -0.58
N VAL E 178 -36.76 19.60 -0.56
CA VAL E 178 -35.90 18.62 -1.22
C VAL E 178 -35.15 17.84 -0.15
N LEU E 179 -35.21 16.52 -0.25
CA LEU E 179 -34.39 15.58 0.52
C LEU E 179 -33.38 14.94 -0.43
N TYR E 180 -32.10 15.08 -0.11
CA TYR E 180 -31.01 14.62 -0.96
C TYR E 180 -30.11 13.71 -0.13
N GLY E 181 -30.04 12.43 -0.51
CA GLY E 181 -29.33 11.43 0.28
C GLY E 181 -28.22 10.77 -0.51
N LEU E 182 -27.10 10.52 0.17
CA LEU E 182 -25.95 9.84 -0.41
C LEU E 182 -25.45 8.79 0.56
N ARG E 183 -24.82 7.74 0.03
CA ARG E 183 -24.11 6.78 0.87
C ARG E 183 -22.62 6.93 0.61
N ILE E 184 -21.88 7.29 1.64
CA ILE E 184 -20.49 7.74 1.49
C ILE E 184 -19.60 6.88 2.39
N THR E 185 -18.50 6.39 1.84
CA THR E 185 -17.40 5.85 2.63
C THR E 185 -16.26 6.87 2.58
N THR E 186 -15.80 7.31 3.74
CA THR E 186 -14.78 8.33 3.84
C THR E 186 -13.70 7.92 4.83
N THR E 187 -12.45 8.11 4.45
CA THR E 187 -11.34 8.06 5.38
C THR E 187 -11.04 9.48 5.84
N ALA E 188 -10.93 9.67 7.16
CA ALA E 188 -10.76 10.99 7.74
C ALA E 188 -9.59 10.99 8.70
N ALA E 189 -8.85 12.10 8.70
CA ALA E 189 -7.68 12.23 9.57
C ALA E 189 -8.10 12.35 11.03
N CYS E 190 -7.32 11.72 11.91
CA CYS E 190 -7.55 11.84 13.34
C CYS E 190 -6.18 11.77 14.03
N MET E 191 -5.63 12.93 14.35
CA MET E 191 -4.37 12.97 15.10
C MET E 191 -4.57 12.37 16.49
N MET E 192 -3.61 11.55 16.91
CA MET E 192 -3.72 10.79 18.14
C MET E 192 -2.56 11.11 19.08
N ASP E 193 -2.87 11.20 20.36
CA ASP E 193 -1.87 11.41 21.40
C ASP E 193 -1.53 10.06 22.00
N LEU E 194 -0.33 9.57 21.71
CA LEU E 194 0.08 8.22 22.09
C LEU E 194 1.00 8.20 23.31
N ARG E 195 0.99 9.27 24.12
CA ARG E 195 1.87 9.32 25.27
C ARG E 195 1.48 8.28 26.33
N ARG E 196 0.20 7.91 26.38
CA ARG E 196 -0.27 6.91 27.32
C ARG E 196 -0.66 5.60 26.62
N TYR E 197 -0.23 5.42 25.38
CA TYR E 197 -0.51 4.18 24.66
C TYR E 197 0.08 2.99 25.41
N PRO E 198 -0.64 1.86 25.50
CA PRO E 198 -1.98 1.58 24.97
C PRO E 198 -3.10 1.86 25.96
N LEU E 199 -2.86 2.67 26.97
CA LEU E 199 -3.87 3.07 27.95
C LEU E 199 -4.44 4.45 27.62
N ASP E 200 -4.54 4.77 26.34
CA ASP E 200 -4.86 6.11 25.87
C ASP E 200 -6.33 6.23 25.51
N GLU E 201 -6.77 7.47 25.31
CA GLU E 201 -8.13 7.79 24.92
C GLU E 201 -8.07 8.87 23.85
N GLN E 202 -8.79 8.65 22.75
CA GLN E 202 -8.69 9.54 21.60
C GLN E 202 -10.02 10.23 21.32
N ASN E 203 -9.94 11.32 20.57
CA ASN E 203 -11.09 12.11 20.16
C ASN E 203 -11.00 12.31 18.65
N CYS E 204 -11.84 11.63 17.89
CA CYS E 204 -11.83 11.71 16.44
C CYS E 204 -13.05 12.46 15.94
N THR E 205 -12.84 13.40 15.03
CA THR E 205 -13.91 14.28 14.59
C THR E 205 -14.18 14.13 13.10
N LEU E 206 -15.37 14.58 12.70
CA LEU E 206 -15.74 14.76 11.30
C LEU E 206 -16.25 16.19 11.16
N GLU E 207 -15.60 16.96 10.28
CA GLU E 207 -15.92 18.37 10.07
C GLU E 207 -16.63 18.53 8.73
N ILE E 208 -17.79 19.20 8.76
CA ILE E 208 -18.67 19.31 7.61
C ILE E 208 -18.85 20.79 7.32
N GLU E 209 -18.53 21.22 6.09
CA GLU E 209 -18.53 22.63 5.78
C GLU E 209 -19.02 22.87 4.36
N SER E 210 -19.51 24.08 4.13
CA SER E 210 -19.76 24.57 2.78
C SER E 210 -18.44 25.03 2.18
N TYR E 211 -18.24 24.73 0.88
CA TYR E 211 -17.01 25.12 0.23
C TYR E 211 -17.06 26.54 -0.35
N GLY E 212 -18.08 26.83 -1.15
CA GLY E 212 -18.12 28.11 -1.85
C GLY E 212 -18.98 29.16 -1.19
N TYR E 213 -20.06 28.75 -0.55
CA TYR E 213 -21.04 29.70 -0.02
C TYR E 213 -20.67 30.09 1.40
N THR E 214 -20.70 31.39 1.67
CA THR E 214 -20.45 31.91 3.00
C THR E 214 -21.73 31.88 3.84
N THR E 215 -21.62 32.36 5.08
CA THR E 215 -22.77 32.38 5.97
C THR E 215 -23.86 33.34 5.52
N ASP E 216 -23.55 34.26 4.62
CA ASP E 216 -24.56 35.14 4.04
C ASP E 216 -25.43 34.42 3.02
N ASP E 217 -25.06 33.22 2.59
CA ASP E 217 -25.79 32.48 1.59
C ASP E 217 -26.40 31.18 2.08
N ILE E 218 -25.80 30.53 3.08
CA ILE E 218 -26.21 29.19 3.48
C ILE E 218 -25.96 29.03 4.98
N GLU E 219 -26.83 28.27 5.63
CA GLU E 219 -26.71 27.95 7.04
C GLU E 219 -26.90 26.46 7.25
N PHE E 220 -26.11 25.87 8.14
CA PHE E 220 -26.22 24.48 8.50
C PHE E 220 -26.85 24.35 9.88
N TYR E 221 -27.54 23.23 10.11
CA TYR E 221 -28.04 22.87 11.43
C TYR E 221 -28.30 21.38 11.48
N TRP E 222 -28.09 20.79 12.66
CA TRP E 222 -28.41 19.39 12.89
C TRP E 222 -29.93 19.25 12.97
N ARG E 223 -30.49 18.37 12.13
CA ARG E 223 -31.94 18.22 12.03
C ARG E 223 -32.41 17.22 13.08
N GLY E 224 -33.06 17.73 14.13
CA GLY E 224 -33.41 16.90 15.25
C GLY E 224 -32.52 17.04 16.48
N GLY E 225 -31.59 17.99 16.47
CA GLY E 225 -30.73 18.16 17.63
C GLY E 225 -29.79 16.99 17.81
N ASP E 226 -29.75 16.45 19.03
CA ASP E 226 -28.83 15.36 19.34
C ASP E 226 -29.27 14.03 18.76
N LYS E 227 -30.47 13.95 18.20
CA LYS E 227 -30.94 12.75 17.52
C LYS E 227 -30.56 12.70 16.05
N ALA E 228 -29.80 13.70 15.56
CA ALA E 228 -29.52 13.77 14.13
C ALA E 228 -28.51 12.72 13.69
N VAL E 229 -27.77 12.12 14.62
CA VAL E 229 -26.84 11.05 14.30
C VAL E 229 -27.30 9.78 14.99
N THR E 230 -27.51 8.73 14.20
CA THR E 230 -28.02 7.45 14.69
C THR E 230 -27.03 6.33 14.33
N GLY E 231 -27.23 5.18 14.97
CA GLY E 231 -26.44 4.01 14.69
C GLY E 231 -25.10 3.93 15.37
N VAL E 232 -24.77 4.88 16.25
CA VAL E 232 -23.49 4.84 16.93
C VAL E 232 -23.45 3.70 17.95
N GLU E 233 -24.55 3.47 18.65
CA GLU E 233 -24.59 2.45 19.69
C GLU E 233 -24.44 1.03 19.13
N ARG E 234 -24.71 0.82 17.85
CA ARG E 234 -24.54 -0.50 17.26
C ARG E 234 -23.10 -0.79 16.85
N ILE E 235 -22.24 0.23 16.80
CA ILE E 235 -20.89 0.04 16.28
C ILE E 235 -20.08 -0.82 17.25
N GLU E 236 -19.43 -1.85 16.71
CA GLU E 236 -18.53 -2.70 17.47
C GLU E 236 -17.13 -2.54 16.91
N LEU E 237 -16.19 -2.12 17.75
CA LEU E 237 -14.81 -2.02 17.31
C LEU E 237 -13.94 -3.02 18.05
N PRO E 238 -12.95 -3.61 17.37
CA PRO E 238 -12.11 -4.61 18.04
C PRO E 238 -11.23 -4.00 19.11
N GLN E 239 -10.53 -2.91 18.76
CA GLN E 239 -9.56 -2.31 19.66
C GLN E 239 -10.12 -1.20 20.52
N PHE E 240 -11.30 -0.68 20.18
CA PHE E 240 -11.84 0.51 20.83
C PHE E 240 -13.28 0.27 21.26
N SER E 241 -13.76 1.15 22.13
CA SER E 241 -15.17 1.26 22.46
C SER E 241 -15.55 2.73 22.45
N ILE E 242 -16.74 3.03 21.92
CA ILE E 242 -17.19 4.42 21.76
C ILE E 242 -17.81 4.85 23.09
N VAL E 243 -17.08 5.66 23.85
CA VAL E 243 -17.59 6.14 25.12
C VAL E 243 -18.71 7.15 24.91
N GLU E 244 -18.53 8.09 23.98
CA GLU E 244 -19.45 9.19 23.82
C GLU E 244 -19.33 9.74 22.41
N HIS E 245 -20.40 10.37 21.94
CA HIS E 245 -20.39 11.15 20.71
C HIS E 245 -21.08 12.49 20.94
N ARG E 246 -20.60 13.51 20.25
CA ARG E 246 -21.04 14.88 20.47
C ARG E 246 -21.24 15.58 19.14
N LEU E 247 -22.21 16.50 19.14
CA LEU E 247 -22.58 17.28 17.95
C LEU E 247 -22.40 18.76 18.25
N VAL E 248 -21.71 19.47 17.35
CA VAL E 248 -21.42 20.89 17.54
C VAL E 248 -21.74 21.62 16.25
N SER E 249 -22.20 22.86 16.38
CA SER E 249 -22.44 23.74 15.24
C SER E 249 -21.80 25.09 15.53
N ARG E 250 -21.10 25.64 14.53
CA ARG E 250 -20.41 26.91 14.73
C ARG E 250 -20.08 27.53 13.38
N ASN E 251 -19.28 28.58 13.41
CA ASN E 251 -18.83 29.30 12.23
C ASN E 251 -17.31 29.37 12.22
N VAL E 252 -16.73 29.33 11.03
CA VAL E 252 -15.28 29.35 10.86
C VAL E 252 -14.94 30.45 9.85
N VAL E 253 -13.95 31.26 10.19
CA VAL E 253 -13.58 32.41 9.36
C VAL E 253 -12.26 32.11 8.66
N PHE E 254 -12.28 32.19 7.32
CA PHE E 254 -11.09 32.20 6.50
C PHE E 254 -10.94 33.56 5.84
N ALA E 255 -9.86 33.71 5.06
CA ALA E 255 -9.61 34.98 4.38
C ALA E 255 -10.73 35.34 3.42
N THR E 256 -11.49 34.36 2.93
CA THR E 256 -12.57 34.59 1.99
C THR E 256 -13.92 34.73 2.65
N GLY E 257 -13.99 34.74 4.00
CA GLY E 257 -15.24 34.99 4.66
C GLY E 257 -15.53 33.96 5.73
N ALA E 258 -16.77 33.98 6.23
CA ALA E 258 -17.22 33.09 7.28
C ALA E 258 -18.11 32.00 6.71
N TYR E 259 -17.92 30.77 7.20
CA TYR E 259 -18.58 29.59 6.67
C TYR E 259 -19.19 28.79 7.81
N PRO E 260 -20.34 28.17 7.58
CA PRO E 260 -20.94 27.31 8.61
C PRO E 260 -20.17 26.01 8.75
N ARG E 261 -20.20 25.44 9.95
CA ARG E 261 -19.43 24.26 10.27
C ARG E 261 -20.22 23.37 11.22
N LEU E 262 -20.36 22.10 10.86
CA LEU E 262 -20.90 21.09 11.76
C LEU E 262 -19.80 20.11 12.13
N SER E 263 -19.71 19.77 13.42
CA SER E 263 -18.70 18.84 13.90
C SER E 263 -19.39 17.66 14.57
N LEU E 264 -18.96 16.46 14.24
CA LEU E 264 -19.40 15.24 14.92
C LEU E 264 -18.16 14.56 15.49
N SER E 265 -18.10 14.43 16.81
CA SER E 265 -16.92 13.89 17.46
C SER E 265 -17.25 12.62 18.23
N PHE E 266 -16.32 11.67 18.21
CA PHE E 266 -16.41 10.46 19.01
C PHE E 266 -15.21 10.40 19.96
N ARG E 267 -15.45 9.89 21.15
CA ARG E 267 -14.37 9.61 22.10
C ARG E 267 -14.20 8.11 22.20
N LEU E 268 -13.00 7.63 21.90
CA LEU E 268 -12.70 6.20 21.84
C LEU E 268 -11.74 5.84 22.97
N LYS E 269 -12.08 4.80 23.72
CA LYS E 269 -11.22 4.25 24.75
C LYS E 269 -10.71 2.89 24.29
N ARG E 270 -9.41 2.69 24.39
CA ARG E 270 -8.79 1.48 23.88
C ARG E 270 -8.94 0.32 24.86
N ASN E 271 -9.26 -0.86 24.33
CA ASN E 271 -9.31 -2.06 25.14
C ASN E 271 -7.89 -2.58 25.40
N ILE E 272 -7.67 -3.08 26.62
CA ILE E 272 -6.33 -3.45 27.06
C ILE E 272 -6.04 -4.94 26.87
N GLY E 273 -7.05 -5.77 26.63
CA GLY E 273 -6.84 -7.21 26.68
C GLY E 273 -5.84 -7.71 25.65
N TYR E 274 -5.92 -7.17 24.43
CA TYR E 274 -4.99 -7.59 23.38
C TYR E 274 -3.55 -7.31 23.78
N PHE E 275 -3.31 -6.19 24.45
CA PHE E 275 -1.94 -5.84 24.84
C PHE E 275 -1.48 -6.62 26.05
N ILE E 276 -2.39 -6.97 26.95
CA ILE E 276 -2.04 -7.89 28.03
C ILE E 276 -1.59 -9.21 27.45
N LEU E 277 -2.34 -9.74 26.48
CA LEU E 277 -1.99 -11.01 25.86
C LEU E 277 -0.78 -10.91 24.94
N GLN E 278 -0.49 -9.74 24.39
CA GLN E 278 0.44 -9.60 23.28
C GLN E 278 1.83 -9.09 23.66
N THR E 279 1.93 -8.14 24.60
CA THR E 279 3.24 -7.58 24.93
C THR E 279 3.59 -7.59 26.41
N TYR E 280 2.63 -7.34 27.30
CA TYR E 280 2.95 -7.27 28.72
C TYR E 280 3.29 -8.62 29.31
N MET E 281 2.49 -9.64 28.98
CA MET E 281 2.72 -10.98 29.52
C MET E 281 4.05 -11.57 29.09
N PRO E 282 4.50 -11.50 27.83
CA PRO E 282 5.83 -12.05 27.52
C PRO E 282 6.94 -11.39 28.31
N SER E 283 6.89 -10.07 28.48
CA SER E 283 7.93 -9.37 29.24
C SER E 283 7.90 -9.80 30.70
N ILE E 284 6.71 -9.89 31.30
CA ILE E 284 6.58 -10.33 32.68
C ILE E 284 7.11 -11.75 32.82
N LEU E 285 6.76 -12.63 31.89
CA LEU E 285 7.17 -14.03 32.00
C LEU E 285 8.67 -14.19 31.84
N ILE E 286 9.29 -13.40 30.94
CA ILE E 286 10.74 -13.46 30.81
C ILE E 286 11.42 -12.94 32.08
N THR E 287 10.89 -11.85 32.64
CA THR E 287 11.46 -11.33 33.88
C THR E 287 11.35 -12.36 35.01
N ILE E 288 10.21 -13.04 35.11
CA ILE E 288 10.06 -14.09 36.10
C ILE E 288 11.00 -15.25 35.83
N LEU E 289 11.15 -15.62 34.55
CA LEU E 289 12.06 -16.70 34.19
C LEU E 289 13.48 -16.40 34.62
N SER E 290 13.89 -15.14 34.52
CA SER E 290 15.26 -14.81 34.93
C SER E 290 15.47 -15.08 36.42
N TRP E 291 14.39 -15.09 37.21
CA TRP E 291 14.55 -15.32 38.65
C TRP E 291 14.69 -16.80 38.98
N VAL E 292 14.36 -17.70 38.04
CA VAL E 292 14.56 -19.12 38.27
C VAL E 292 16.04 -19.42 38.48
N SER E 293 16.91 -18.56 37.94
CA SER E 293 18.35 -18.77 38.08
C SER E 293 18.78 -18.71 39.54
N PHE E 294 18.15 -17.85 40.35
CA PHE E 294 18.54 -17.69 41.75
C PHE E 294 18.31 -18.94 42.59
N TRP E 295 17.52 -19.90 42.12
CA TRP E 295 17.26 -21.10 42.89
C TRP E 295 18.07 -22.30 42.41
N ILE E 296 18.90 -22.11 41.39
CA ILE E 296 19.82 -23.13 40.89
C ILE E 296 21.19 -22.90 41.51
N ASN E 297 21.79 -23.97 42.05
CA ASN E 297 23.11 -23.86 42.62
C ASN E 297 24.15 -23.51 41.56
N TYR E 298 25.06 -22.61 41.91
CA TYR E 298 26.08 -22.18 40.97
C TYR E 298 27.20 -23.22 40.86
N ASP E 299 27.94 -23.15 39.75
CA ASP E 299 29.04 -24.06 39.48
C ASP E 299 30.14 -23.32 38.73
N ALA E 300 31.16 -24.07 38.30
CA ALA E 300 32.22 -23.52 37.48
C ALA E 300 31.89 -23.60 35.99
N SER E 301 30.68 -24.03 35.65
CA SER E 301 30.29 -24.28 34.27
C SER E 301 30.14 -22.98 33.48
N ALA E 302 29.53 -21.96 34.10
CA ALA E 302 29.23 -20.66 33.49
C ALA E 302 28.00 -20.75 32.60
N ALA E 303 27.17 -21.75 32.91
CA ALA E 303 25.93 -22.02 32.20
C ALA E 303 24.94 -20.88 32.35
N ARG E 304 24.80 -20.40 33.59
CA ARG E 304 23.80 -19.41 33.95
C ARG E 304 24.08 -18.02 33.37
N VAL E 305 25.34 -17.61 33.26
CA VAL E 305 25.59 -16.33 32.58
C VAL E 305 25.24 -16.41 31.09
N ALA E 306 25.55 -17.54 30.45
CA ALA E 306 25.16 -17.73 29.06
C ALA E 306 23.65 -17.71 28.90
N LEU E 307 22.96 -18.39 29.80
CA LEU E 307 21.49 -18.42 29.78
C LEU E 307 20.91 -17.02 29.96
N GLY E 308 21.42 -16.28 30.95
CA GLY E 308 20.92 -14.94 31.20
C GLY E 308 21.12 -14.04 30.00
N ILE E 309 22.31 -14.12 29.38
CA ILE E 309 22.61 -13.30 28.21
C ILE E 309 21.65 -13.66 27.08
N THR E 310 21.42 -14.96 26.86
CA THR E 310 20.50 -15.39 25.81
C THR E 310 19.10 -14.86 26.05
N THR E 311 18.65 -14.89 27.32
CA THR E 311 17.32 -14.39 27.65
C THR E 311 17.22 -12.90 27.41
N VAL E 312 18.27 -12.14 27.77
CA VAL E 312 18.26 -10.70 27.54
C VAL E 312 18.19 -10.40 26.05
N LEU E 313 18.97 -11.14 25.26
CA LEU E 313 18.95 -10.96 23.81
C LEU E 313 17.56 -11.26 23.25
N THR E 314 16.92 -12.34 23.73
CA THR E 314 15.58 -12.66 23.24
C THR E 314 14.59 -11.56 23.63
N MET E 315 14.78 -10.98 24.81
CA MET E 315 13.96 -9.85 25.24
C MET E 315 14.11 -8.68 24.27
N THR E 316 15.36 -8.38 23.89
CA THR E 316 15.61 -7.30 22.94
C THR E 316 14.96 -7.60 21.59
N THR E 317 15.04 -8.86 21.15
CA THR E 317 14.44 -9.23 19.88
C THR E 317 12.93 -9.04 19.92
N ILE E 318 12.30 -9.46 21.01
CA ILE E 318 10.86 -9.26 21.18
C ILE E 318 10.51 -7.77 21.14
N ASN E 319 11.30 -6.96 21.84
CA ASN E 319 11.05 -5.52 21.90
C ASN E 319 11.17 -4.86 20.53
N THR E 320 12.17 -5.27 19.74
CA THR E 320 12.34 -4.68 18.42
C THR E 320 11.18 -4.99 17.51
N HIS E 321 10.65 -6.22 17.55
CA HIS E 321 9.45 -6.53 16.78
C HIS E 321 8.26 -5.71 17.25
N LEU E 322 8.04 -5.69 18.58
CA LEU E 322 6.98 -4.86 19.13
C LEU E 322 7.04 -3.48 18.50
N ARG E 323 8.22 -2.86 18.47
CA ARG E 323 8.25 -1.50 17.96
C ARG E 323 8.12 -1.54 16.44
N GLU E 324 8.45 -2.70 15.84
CA GLU E 324 8.29 -2.91 14.40
C GLU E 324 6.82 -3.00 14.04
N THR E 325 5.94 -2.77 15.02
CA THR E 325 4.51 -2.93 14.80
C THR E 325 3.76 -1.64 15.13
N LEU E 326 4.48 -0.54 15.29
CA LEU E 326 3.94 0.73 15.76
C LEU E 326 4.43 1.85 14.84
N PRO E 327 3.78 3.00 14.82
CA PRO E 327 4.30 4.13 14.05
C PRO E 327 5.52 4.75 14.72
N LYS E 328 6.26 5.52 13.91
CA LYS E 328 7.50 6.16 14.35
C LYS E 328 7.25 7.50 15.04
N ILE E 329 6.70 7.43 16.25
CA ILE E 329 6.50 8.65 17.03
C ILE E 329 7.81 9.01 17.71
N PRO E 330 8.10 10.28 17.99
CA PRO E 330 9.42 10.65 18.52
C PRO E 330 9.53 10.67 20.05
N TYR E 331 8.45 10.37 20.77
CA TYR E 331 8.43 10.43 22.22
C TYR E 331 8.35 9.02 22.80
N VAL E 332 8.43 8.94 24.13
CA VAL E 332 8.39 7.66 24.83
C VAL E 332 6.95 7.35 25.21
N LYS E 333 6.50 6.13 24.91
CA LYS E 333 5.18 5.68 25.30
C LYS E 333 5.24 4.91 26.62
N ALA E 334 4.05 4.62 27.16
CA ALA E 334 3.95 3.88 28.41
C ALA E 334 4.49 2.46 28.26
N ILE E 335 4.16 1.81 27.14
CA ILE E 335 4.66 0.45 26.92
C ILE E 335 6.17 0.46 26.75
N ASP E 336 6.72 1.51 26.15
CA ASP E 336 8.17 1.65 26.07
C ASP E 336 8.77 1.75 27.46
N MET E 337 8.13 2.52 28.34
CA MET E 337 8.60 2.65 29.72
C MET E 337 8.60 1.30 30.43
N TYR E 338 7.51 0.54 30.26
CA TYR E 338 7.43 -0.77 30.90
C TYR E 338 8.50 -1.70 30.36
N LEU E 339 8.70 -1.70 29.04
CA LEU E 339 9.67 -2.62 28.45
C LEU E 339 11.09 -2.29 28.88
N MET E 340 11.44 -1.00 28.98
CA MET E 340 12.79 -0.70 29.44
C MET E 340 12.94 -0.89 30.94
N GLY E 341 11.86 -0.78 31.71
CA GLY E 341 11.91 -1.23 33.09
C GLY E 341 12.23 -2.72 33.21
N CYS E 342 11.55 -3.52 32.39
CA CYS E 342 11.83 -4.96 32.40
C CYS E 342 13.25 -5.25 31.96
N PHE E 343 13.75 -4.51 30.97
CA PHE E 343 15.13 -4.70 30.53
C PHE E 343 16.11 -4.34 31.64
N VAL E 344 15.85 -3.23 32.36
CA VAL E 344 16.70 -2.88 33.49
C VAL E 344 16.71 -4.01 34.51
N PHE E 345 15.54 -4.60 34.77
CA PHE E 345 15.47 -5.67 35.76
C PHE E 345 16.30 -6.89 35.33
N VAL E 346 16.13 -7.31 34.08
CA VAL E 346 16.86 -8.51 33.62
C VAL E 346 18.36 -8.23 33.54
N PHE E 347 18.74 -7.01 33.12
CA PHE E 347 20.15 -6.66 33.09
C PHE E 347 20.75 -6.67 34.50
N LEU E 348 20.01 -6.17 35.49
CA LEU E 348 20.51 -6.20 36.86
C LEU E 348 20.64 -7.64 37.37
N ALA E 349 19.72 -8.51 36.97
CA ALA E 349 19.83 -9.92 37.35
C ALA E 349 21.07 -10.56 36.72
N LEU E 350 21.32 -10.26 35.44
CA LEU E 350 22.52 -10.77 34.78
C LEU E 350 23.79 -10.25 35.45
N LEU E 351 23.83 -8.97 35.79
CA LEU E 351 25.00 -8.41 36.46
C LEU E 351 25.21 -9.05 37.83
N GLU E 352 24.12 -9.30 38.56
CA GLU E 352 24.24 -9.95 39.85
C GLU E 352 24.81 -11.35 39.72
N TYR E 353 24.32 -12.13 38.76
CA TYR E 353 24.90 -13.45 38.57
C TYR E 353 26.36 -13.36 38.17
N ALA E 354 26.70 -12.39 37.31
CA ALA E 354 28.09 -12.23 36.91
C ALA E 354 28.97 -11.98 38.12
N PHE E 355 28.51 -11.12 39.02
CA PHE E 355 29.27 -10.85 40.25
C PHE E 355 29.42 -12.11 41.09
N VAL E 356 28.31 -12.84 41.28
CA VAL E 356 28.35 -14.04 42.12
C VAL E 356 29.31 -15.07 41.52
N ASN E 357 29.23 -15.29 40.21
CA ASN E 357 30.13 -16.21 39.54
C ASN E 357 31.58 -15.74 39.65
N TYR E 358 31.79 -14.42 39.68
CA TYR E 358 33.14 -13.89 39.77
C TYR E 358 33.75 -14.14 41.15
N ILE E 359 32.96 -13.95 42.22
CA ILE E 359 33.51 -13.97 43.56
C ILE E 359 33.31 -15.30 44.27
N PHE E 360 32.67 -16.28 43.64
CA PHE E 360 32.28 -17.48 44.38
C PHE E 360 33.42 -18.47 44.56
N PHE E 361 34.49 -18.35 43.77
CA PHE E 361 35.60 -19.28 43.90
C PHE E 361 36.28 -19.16 45.26
N SER E 362 36.49 -17.93 45.73
CA SER E 362 37.19 -17.71 46.98
C SER E 362 36.27 -17.40 48.16
N GLN E 363 35.04 -16.95 47.91
CA GLN E 363 34.10 -16.59 48.97
C GLN E 363 32.75 -17.24 48.72
N PRO E 364 32.65 -18.57 48.85
CA PRO E 364 31.36 -19.24 48.59
C PRO E 364 30.23 -18.77 49.49
N ALA E 365 30.52 -18.45 50.75
CA ALA E 365 29.47 -18.05 51.67
C ALA E 365 28.86 -16.70 51.27
N ARG E 366 29.71 -15.76 50.88
CA ARG E 366 29.21 -14.45 50.45
C ARG E 366 28.40 -14.58 49.18
N ALA E 367 28.81 -15.45 48.27
CA ALA E 367 28.05 -15.68 47.04
C ALA E 367 26.68 -16.29 47.35
N ALA E 368 26.63 -17.27 48.26
CA ALA E 368 25.35 -17.85 48.65
C ALA E 368 24.44 -16.81 49.29
N ALA E 369 25.00 -15.95 50.15
CA ALA E 369 24.19 -14.90 50.78
C ALA E 369 23.66 -13.93 49.75
N ILE E 370 24.51 -13.56 48.78
CA ILE E 370 24.10 -12.63 47.73
C ILE E 370 22.98 -13.23 46.89
N ASP E 371 23.13 -14.51 46.52
CA ASP E 371 22.08 -15.17 45.75
C ASP E 371 20.77 -15.22 46.53
N ARG E 372 20.82 -15.58 47.81
CA ARG E 372 19.59 -15.66 48.61
C ARG E 372 18.92 -14.29 48.73
N TRP E 373 19.73 -13.25 48.94
CA TRP E 373 19.13 -11.94 49.06
C TRP E 373 18.56 -11.47 47.73
N SER E 374 19.20 -11.84 46.61
CA SER E 374 18.58 -11.47 45.34
C SER E 374 17.30 -12.27 45.12
N ARG E 375 17.25 -13.50 45.68
CA ARG E 375 16.05 -14.34 45.67
C ARG E 375 14.89 -13.61 46.29
N ILE E 376 15.18 -12.73 47.23
CA ILE E 376 14.08 -12.06 47.92
C ILE E 376 13.87 -10.67 47.33
N VAL E 377 14.97 -9.96 47.05
CA VAL E 377 14.91 -8.56 46.68
C VAL E 377 14.25 -8.37 45.31
N PHE E 378 14.63 -9.20 44.32
CA PHE E 378 14.09 -9.01 42.97
C PHE E 378 12.58 -9.12 42.86
N PRO E 379 11.91 -10.15 43.42
CA PRO E 379 10.44 -10.14 43.35
C PRO E 379 9.81 -8.94 44.02
N PHE E 380 10.35 -8.51 45.15
CA PHE E 380 9.78 -7.37 45.88
C PHE E 380 9.90 -6.09 45.07
N THR E 381 11.07 -5.82 44.52
CA THR E 381 11.25 -4.59 43.73
C THR E 381 10.46 -4.64 42.43
N PHE E 382 10.35 -5.80 41.80
CA PHE E 382 9.53 -5.90 40.60
C PHE E 382 8.05 -5.65 40.92
N SER E 383 7.57 -6.19 42.04
CA SER E 383 6.20 -5.92 42.46
C SER E 383 5.98 -4.44 42.75
N LEU E 384 6.95 -3.79 43.39
CA LEU E 384 6.82 -2.36 43.66
C LEU E 384 6.79 -1.56 42.36
N PHE E 385 7.66 -1.91 41.41
CA PHE E 385 7.66 -1.20 40.12
C PHE E 385 6.35 -1.39 39.38
N ASN E 386 5.80 -2.62 39.40
CA ASN E 386 4.50 -2.87 38.78
C ASN E 386 3.39 -2.06 39.45
N LEU E 387 3.43 -1.99 40.79
CA LEU E 387 2.43 -1.22 41.51
C LEU E 387 2.48 0.25 41.11
N VAL E 388 3.68 0.83 41.11
CA VAL E 388 3.83 2.23 40.75
C VAL E 388 3.39 2.48 39.31
N TYR E 389 3.81 1.60 38.39
CA TYR E 389 3.45 1.78 36.99
C TYR E 389 1.95 1.72 36.78
N TRP E 390 1.29 0.72 37.36
CA TRP E 390 -0.14 0.55 37.14
C TRP E 390 -0.99 1.51 37.96
N LEU E 391 -0.41 2.19 38.95
CA LEU E 391 -1.13 3.27 39.63
C LEU E 391 -0.93 4.62 38.96
N TYR E 392 0.21 4.85 38.31
CA TYR E 392 0.42 6.11 37.61
C TYR E 392 -0.35 6.22 36.30
N TYR E 393 -0.71 5.10 35.68
CA TYR E 393 -1.37 5.11 34.38
C TYR E 393 -2.84 4.70 34.44
N VAL E 394 -3.33 4.28 35.60
CA VAL E 394 -4.74 3.94 35.74
C VAL E 394 -5.33 4.65 36.94
N GLN F 1 -11.40 20.55 27.81
CA GLN F 1 -11.42 21.91 28.35
C GLN F 1 -10.01 22.36 28.69
N VAL F 2 -9.70 23.62 28.37
CA VAL F 2 -8.38 24.19 28.62
C VAL F 2 -8.54 25.41 29.52
N GLN F 3 -7.74 25.45 30.57
CA GLN F 3 -7.70 26.59 31.50
C GLN F 3 -6.44 27.40 31.23
N LEU F 4 -6.62 28.69 30.97
CA LEU F 4 -5.52 29.61 30.68
C LEU F 4 -5.32 30.55 31.85
N VAL F 5 -4.07 30.71 32.28
CA VAL F 5 -3.71 31.57 33.39
C VAL F 5 -2.71 32.60 32.88
N GLU F 6 -3.01 33.87 33.13
CA GLU F 6 -2.22 35.00 32.63
C GLU F 6 -1.39 35.59 33.76
N SER F 7 -0.12 35.87 33.46
CA SER F 7 0.76 36.50 34.44
C SER F 7 1.67 37.49 33.74
N GLY F 8 2.22 38.41 34.51
CA GLY F 8 3.15 39.41 33.99
C GLY F 8 2.59 40.81 34.03
N LEU F 405 9.37 43.95 29.89
CA LEU F 405 8.04 43.36 30.06
C LEU F 405 7.98 41.94 29.49
N ARG F 406 7.13 41.11 30.07
CA ARG F 406 6.95 39.75 29.60
C ARG F 406 5.61 39.23 30.09
N LEU F 407 4.82 38.66 29.19
CA LEU F 407 3.52 38.09 29.52
C LEU F 407 3.61 36.56 29.42
N SER F 408 3.11 35.87 30.43
CA SER F 408 3.11 34.41 30.44
C SER F 408 1.68 33.90 30.40
N CYS F 409 1.45 32.91 29.54
CA CYS F 409 0.17 32.21 29.41
C CYS F 409 0.42 30.74 29.71
N ALA F 410 -0.13 30.26 30.82
CA ALA F 410 0.04 28.87 31.23
C ALA F 410 -1.29 28.13 31.05
N ALA F 411 -1.26 27.06 30.27
CA ALA F 411 -2.47 26.34 29.89
C ALA F 411 -2.46 24.96 30.52
N SER F 412 -3.64 24.51 30.95
CA SER F 412 -3.78 23.19 31.55
C SER F 412 -5.02 22.50 30.97
N GLY F 413 -5.00 21.18 30.99
CA GLY F 413 -6.11 20.39 30.50
C GLY F 413 -5.86 19.70 29.17
N HIS F 414 -6.72 19.96 28.18
CA HIS F 414 -6.64 19.29 26.89
C HIS F 414 -5.91 20.18 25.88
N THR F 415 -4.61 20.36 26.12
CA THR F 415 -3.78 21.13 25.20
C THR F 415 -3.46 20.38 23.92
N PHE F 416 -3.79 19.09 23.83
CA PHE F 416 -3.57 18.35 22.59
C PHE F 416 -4.62 18.68 21.55
N ASN F 417 -5.87 18.88 21.99
CA ASN F 417 -6.94 19.23 21.07
C ASN F 417 -6.86 20.68 20.59
N TYR F 418 -6.08 21.52 21.27
CA TYR F 418 -5.93 22.93 20.92
C TYR F 418 -4.44 23.22 20.77
N PRO F 419 -3.83 22.81 19.66
CA PRO F 419 -2.37 22.84 19.53
C PRO F 419 -1.78 24.20 19.23
N ILE F 420 -2.58 25.26 19.22
CA ILE F 420 -2.11 26.59 18.83
C ILE F 420 -2.56 27.59 19.88
N MET F 421 -1.64 28.42 20.34
CA MET F 421 -1.93 29.52 21.23
C MET F 421 -1.69 30.84 20.50
N GLY F 422 -2.61 31.79 20.69
CA GLY F 422 -2.50 33.09 20.04
C GLY F 422 -2.64 34.21 21.03
N TRP F 423 -2.06 35.35 20.66
CA TRP F 423 -2.11 36.57 21.46
C TRP F 423 -2.92 37.63 20.76
N PHE F 424 -3.73 38.36 21.54
CA PHE F 424 -4.55 39.45 21.00
C PHE F 424 -4.47 40.62 21.95
N ARG F 425 -4.74 41.81 21.42
CA ARG F 425 -4.82 43.00 22.26
C ARG F 425 -6.03 43.83 21.84
N GLN F 426 -6.74 44.38 22.82
CA GLN F 426 -7.92 45.17 22.58
C GLN F 426 -7.64 46.62 22.99
N ALA F 427 -7.80 47.54 22.06
CA ALA F 427 -7.68 48.96 22.33
C ALA F 427 -8.98 49.49 22.93
N PRO F 428 -8.92 50.63 23.62
CA PRO F 428 -10.16 51.16 24.23
C PRO F 428 -11.24 51.47 23.21
N GLY F 429 -10.88 51.89 22.00
CA GLY F 429 -11.87 52.23 21.01
C GLY F 429 -11.92 51.28 19.83
N LYS F 430 -10.93 50.40 19.70
CA LYS F 430 -10.83 49.49 18.58
C LYS F 430 -11.20 48.07 18.99
N GLU F 431 -11.36 47.21 17.99
CA GLU F 431 -11.67 45.81 18.20
C GLU F 431 -10.39 45.05 18.57
N ARG F 432 -10.54 43.77 18.86
CA ARG F 432 -9.39 42.92 19.16
C ARG F 432 -8.48 42.77 17.95
N GLU F 433 -7.17 42.80 18.19
CA GLU F 433 -6.16 42.79 17.15
C GLU F 433 -5.19 41.64 17.39
N PHE F 434 -4.95 40.86 16.35
CA PHE F 434 -4.02 39.73 16.44
C PHE F 434 -2.59 40.22 16.57
N VAL F 435 -1.82 39.56 17.44
CA VAL F 435 -0.42 39.90 17.67
C VAL F 435 0.51 38.79 17.17
N GLY F 436 0.31 37.56 17.65
CA GLY F 436 1.15 36.46 17.23
C GLY F 436 0.57 35.14 17.67
N ALA F 437 1.10 34.07 17.08
CA ALA F 437 0.63 32.72 17.34
C ALA F 437 1.80 31.76 17.38
N ILE F 438 1.68 30.74 18.22
CA ILE F 438 2.74 29.77 18.46
C ILE F 438 2.14 28.37 18.50
N SER F 439 2.81 27.41 17.87
CA SER F 439 2.42 26.01 17.93
C SER F 439 3.07 25.33 19.12
N TRP F 440 2.29 24.52 19.83
CA TRP F 440 2.79 23.86 21.04
C TRP F 440 3.97 22.94 20.75
N SER F 441 3.89 22.18 19.66
CA SER F 441 4.91 21.20 19.33
C SER F 441 5.87 21.68 18.24
N GLY F 442 5.34 22.20 17.13
CA GLY F 442 6.18 22.58 16.02
C GLY F 442 7.04 23.80 16.27
N GLY F 443 6.69 24.61 17.26
CA GLY F 443 7.45 25.82 17.55
C GLY F 443 7.55 26.78 16.40
N SER F 444 6.55 26.77 15.50
CA SER F 444 6.54 27.63 14.32
C SER F 444 5.72 28.87 14.66
N THR F 445 6.41 29.99 14.87
CA THR F 445 5.76 31.23 15.28
C THR F 445 5.29 32.02 14.07
N SER F 446 4.26 32.83 14.28
CA SER F 446 3.78 33.77 13.28
C SER F 446 3.45 35.08 13.95
N TYR F 447 3.76 36.19 13.28
CA TYR F 447 3.67 37.52 13.86
C TYR F 447 2.92 38.45 12.94
N ALA F 448 2.26 39.44 13.53
CA ALA F 448 1.67 40.52 12.77
C ALA F 448 2.73 41.52 12.35
N ASP F 449 2.40 42.33 11.33
CA ASP F 449 3.38 43.26 10.78
C ASP F 449 3.81 44.29 11.81
N SER F 450 2.87 44.81 12.60
CA SER F 450 3.15 45.90 13.52
C SER F 450 4.08 45.49 14.66
N VAL F 451 4.31 44.20 14.87
CA VAL F 451 5.16 43.75 15.96
C VAL F 451 6.22 42.78 15.46
N LYS F 452 6.50 42.79 14.16
CA LYS F 452 7.61 42.02 13.63
C LYS F 452 8.93 42.61 14.08
N ASP F 453 9.88 41.74 14.42
CA ASP F 453 11.24 42.08 14.84
C ASP F 453 11.29 42.72 16.22
N ARG F 454 10.14 42.98 16.85
CA ARG F 454 10.08 43.61 18.16
C ARG F 454 9.55 42.68 19.24
N PHE F 455 8.37 42.10 19.04
CA PHE F 455 7.82 41.12 19.96
C PHE F 455 8.31 39.73 19.60
N THR F 456 8.48 38.91 20.62
CA THR F 456 8.93 37.52 20.44
C THR F 456 8.04 36.59 21.26
N ILE F 457 7.81 35.40 20.71
CA ILE F 457 6.96 34.40 21.35
C ILE F 457 7.76 33.10 21.49
N SER F 458 7.73 32.52 22.68
CA SER F 458 8.42 31.27 22.96
C SER F 458 7.48 30.32 23.69
N ARG F 459 7.73 29.02 23.54
CA ARG F 459 6.90 28.00 24.16
C ARG F 459 7.78 27.00 24.90
N ASP F 460 7.33 26.56 26.08
CA ASP F 460 7.97 25.47 26.80
C ASP F 460 6.89 24.52 27.30
N ASN F 461 7.01 23.25 26.90
CA ASN F 461 6.06 22.21 27.30
C ASN F 461 6.36 21.60 28.66
N ALA F 462 7.47 21.98 29.30
CA ALA F 462 7.79 21.44 30.61
C ALA F 462 6.67 21.72 31.60
N LYS F 463 6.22 22.97 31.67
CA LYS F 463 5.09 23.36 32.50
C LYS F 463 3.96 23.97 31.69
N ASN F 464 3.98 23.79 30.36
CA ASN F 464 2.93 24.26 29.46
C ASN F 464 2.75 25.77 29.58
N THR F 465 3.77 26.49 29.14
CA THR F 465 3.78 27.95 29.19
C THR F 465 4.17 28.52 27.83
N VAL F 466 3.61 29.68 27.50
CA VAL F 466 4.02 30.45 26.34
C VAL F 466 4.29 31.89 26.78
N TYR F 467 5.44 32.42 26.38
CA TYR F 467 5.91 33.74 26.78
C TYR F 467 5.87 34.68 25.59
N LEU F 468 5.29 35.86 25.81
CA LEU F 468 5.38 36.99 24.89
C LEU F 468 6.29 38.04 25.50
N GLU F 469 7.47 38.20 24.91
CA GLU F 469 8.40 39.26 25.28
C GLU F 469 8.17 40.47 24.38
N MET F 470 7.89 41.61 24.99
CA MET F 470 7.64 42.86 24.29
C MET F 470 8.84 43.78 24.49
N ASN F 471 9.44 44.22 23.38
CA ASN F 471 10.60 45.10 23.41
C ASN F 471 10.35 46.27 22.46
N ASN F 472 11.04 47.38 22.73
CA ASN F 472 10.90 48.61 21.98
C ASN F 472 9.44 49.05 21.92
N LEU F 473 8.88 49.30 23.09
CA LEU F 473 7.48 49.67 23.22
C LEU F 473 7.22 51.03 22.57
N LYS F 474 5.94 51.33 22.37
CA LYS F 474 5.48 52.59 21.83
C LYS F 474 4.18 52.98 22.52
N PRO F 475 3.85 54.28 22.53
CA PRO F 475 2.58 54.69 23.16
C PRO F 475 1.35 54.11 22.49
N GLU F 476 1.47 53.60 21.26
CA GLU F 476 0.40 52.88 20.59
C GLU F 476 0.37 51.41 20.95
N ASP F 477 0.95 51.03 22.09
CA ASP F 477 0.91 49.67 22.60
C ASP F 477 0.29 49.63 23.99
N THR F 478 -0.79 50.39 24.18
CA THR F 478 -1.50 50.46 25.46
C THR F 478 -2.87 49.85 25.25
N ALA F 479 -2.94 48.54 25.38
CA ALA F 479 -4.17 47.78 25.13
C ALA F 479 -4.25 46.63 26.12
N VAL F 480 -5.47 46.16 26.36
CA VAL F 480 -5.67 45.03 27.26
C VAL F 480 -5.38 43.74 26.50
N TYR F 481 -4.46 42.94 27.03
CA TYR F 481 -3.94 41.79 26.31
C TYR F 481 -4.67 40.52 26.73
N TYR F 482 -4.90 39.62 25.77
CA TYR F 482 -5.55 38.36 25.98
C TYR F 482 -4.77 37.24 25.30
N CYS F 483 -4.87 36.05 25.87
CA CYS F 483 -4.29 34.84 25.32
C CYS F 483 -5.41 33.86 25.04
N ALA F 484 -5.29 33.11 23.94
CA ALA F 484 -6.40 32.24 23.53
C ALA F 484 -5.86 30.97 22.90
N ALA F 485 -6.72 29.95 22.88
CA ALA F 485 -6.40 28.66 22.30
C ALA F 485 -7.24 28.41 21.05
N LYS F 486 -6.62 27.79 20.04
CA LYS F 486 -7.24 27.58 18.74
C LYS F 486 -7.29 26.09 18.43
N GLY F 487 -8.45 25.64 17.93
CA GLY F 487 -8.62 24.25 17.59
C GLY F 487 -7.82 23.83 16.37
N ARG F 488 -7.78 22.51 16.15
CA ARG F 488 -6.97 21.98 15.05
C ARG F 488 -7.56 22.34 13.69
N TYR F 489 -8.87 22.38 13.59
CA TYR F 489 -9.57 22.72 12.35
C TYR F 489 -10.43 23.96 12.52
N SER F 490 -9.87 25.00 13.16
CA SER F 490 -10.65 26.17 13.53
C SER F 490 -10.56 27.30 12.51
N GLY F 491 -9.79 27.14 11.44
CA GLY F 491 -9.78 28.14 10.39
C GLY F 491 -8.60 29.09 10.40
N GLY F 492 -8.87 30.37 10.11
CA GLY F 492 -7.79 31.32 9.96
C GLY F 492 -7.15 31.68 11.29
N LEU F 493 -5.87 32.02 11.20
CA LEU F 493 -5.03 32.29 12.37
C LEU F 493 -5.16 33.71 12.91
N TYR F 494 -5.83 34.61 12.18
CA TYR F 494 -5.82 36.03 12.53
C TYR F 494 -7.17 36.53 13.02
N TYR F 495 -8.14 35.64 13.24
CA TYR F 495 -9.51 36.05 13.54
C TYR F 495 -9.92 35.58 14.92
N PRO F 496 -10.29 36.50 15.83
CA PRO F 496 -10.61 36.08 17.20
C PRO F 496 -11.77 35.12 17.30
N THR F 497 -12.68 35.13 16.32
CA THR F 497 -13.83 34.24 16.36
C THR F 497 -13.43 32.78 16.37
N ASN F 498 -12.27 32.46 15.81
CA ASN F 498 -11.83 31.08 15.66
C ASN F 498 -11.17 30.53 16.92
N TYR F 499 -11.01 31.33 17.96
CA TYR F 499 -10.38 30.90 19.20
C TYR F 499 -11.44 30.64 20.26
N ASP F 500 -11.36 29.48 20.90
CA ASP F 500 -12.42 29.04 21.81
C ASP F 500 -12.16 29.48 23.25
N TYR F 501 -11.05 29.05 23.83
CA TYR F 501 -10.75 29.33 25.23
C TYR F 501 -9.91 30.60 25.33
N TRP F 502 -10.46 31.61 26.01
CA TRP F 502 -9.82 32.91 26.20
C TRP F 502 -9.38 33.06 27.66
N GLY F 503 -8.19 33.62 27.85
CA GLY F 503 -7.68 33.86 29.17
C GLY F 503 -8.23 35.14 29.79
N GLN F 504 -7.71 35.47 30.97
CA GLN F 504 -8.08 36.69 31.65
C GLN F 504 -7.39 37.89 31.01
N GLY F 505 -8.07 39.03 31.06
CA GLY F 505 -7.50 40.24 30.47
C GLY F 505 -6.37 40.78 31.32
N THR F 506 -5.32 41.24 30.64
CA THR F 506 -4.13 41.81 31.27
C THR F 506 -3.90 43.20 30.70
N GLN F 507 -3.69 44.18 31.57
CA GLN F 507 -3.54 45.56 31.16
C GLN F 507 -2.06 45.91 31.03
N VAL F 508 -1.74 46.72 30.01
CA VAL F 508 -0.39 47.20 29.79
C VAL F 508 -0.45 48.67 29.41
N THR F 509 0.43 49.47 30.00
CA THR F 509 0.49 50.89 29.71
C THR F 509 1.84 51.28 29.13
C1 NAG G . -17.67 1.85 -19.96
C2 NAG G . -17.53 3.28 -19.47
C3 NAG G . -18.45 4.21 -20.26
C4 NAG G . -18.20 4.06 -21.75
C5 NAG G . -18.30 2.58 -22.15
C6 NAG G . -17.92 2.34 -23.60
C7 NAG G . -16.85 3.60 -17.13
C8 NAG G . -17.31 3.66 -15.70
N2 NAG G . -17.80 3.37 -18.05
O3 NAG G . -18.22 5.56 -19.86
O4 NAG G . -19.18 4.78 -22.47
O5 NAG G . -17.39 1.79 -21.36
O6 NAG G . -17.66 0.97 -23.84
O7 NAG G . -15.67 3.75 -17.43
C1 NAG G . -18.61 5.88 -23.20
C2 NAG G . -19.62 6.29 -24.28
C3 NAG G . -19.11 7.51 -25.04
C4 NAG G . -18.79 8.63 -24.07
C5 NAG G . -17.78 8.13 -23.05
C6 NAG G . -17.43 9.15 -22.00
C7 NAG G . -20.92 4.34 -25.01
C8 NAG G . -21.05 3.26 -26.06
N2 NAG G . -19.89 5.18 -25.18
O3 NAG G . -20.11 7.93 -25.96
O4 NAG G . -18.26 9.76 -24.76
O5 NAG G . -18.33 7.00 -22.35
O6 NAG G . -16.33 8.74 -21.20
O7 NAG G . -21.69 4.44 -24.08
C1 BMA G . -19.22 10.83 -24.68
C2 BMA G . -18.48 12.15 -24.75
C3 BMA G . -19.47 13.32 -24.70
C4 BMA G . -20.54 13.16 -25.77
C5 BMA G . -21.20 11.78 -25.64
C6 BMA G . -22.20 11.50 -26.74
O2 BMA G . -17.73 12.21 -25.96
O3 BMA G . -18.78 14.56 -24.89
O4 BMA G . -21.54 14.16 -25.61
O5 BMA G . -20.19 10.77 -25.74
O6 BMA G . -21.64 11.67 -28.03
C1 MAN G . -18.35 15.03 -23.59
C2 MAN G . -18.73 16.50 -23.47
C3 MAN G . -17.98 17.32 -24.50
C4 MAN G . -16.48 17.09 -24.36
C5 MAN G . -16.18 15.59 -24.44
C6 MAN G . -14.72 15.26 -24.18
O2 MAN G . -18.43 16.96 -22.16
O3 MAN G . -18.27 18.71 -24.33
O4 MAN G . -15.78 17.74 -25.42
O5 MAN G . -16.94 14.89 -23.44
O6 MAN G . -14.50 13.86 -24.18
C1 MAN G . -22.67 12.19 -28.90
C2 MAN G . -22.58 11.48 -30.25
C3 MAN G . -21.29 11.84 -30.95
C4 MAN G . -21.14 13.34 -31.06
C5 MAN G . -21.26 13.98 -29.67
C6 MAN G . -21.23 15.48 -29.71
O2 MAN G . -23.69 11.83 -31.06
O3 MAN G . -21.26 11.25 -32.25
O4 MAN G . -19.87 13.67 -31.61
O5 MAN G . -22.52 13.60 -29.09
O6 MAN G . -22.27 16.01 -30.52
C1 NAG H . -6.45 -26.55 -18.82
C2 NAG H . -6.04 -27.23 -20.11
C3 NAG H . -7.17 -27.16 -21.14
C4 NAG H . -8.49 -27.62 -20.56
C5 NAG H . -8.78 -26.91 -19.23
C6 NAG H . -10.00 -27.45 -18.53
C7 NAG H . -3.74 -27.36 -20.96
C8 NAG H . -2.57 -26.60 -21.52
N2 NAG H . -4.82 -26.64 -20.65
O3 NAG H . -6.82 -27.94 -22.27
O4 NAG H . -9.56 -27.31 -21.45
O5 NAG H . -7.67 -27.11 -18.34
O6 NAG H . -10.37 -26.63 -17.44
O7 NAG H . -3.70 -28.58 -20.80
C1 NAG H . -10.08 -28.50 -22.06
C2 NAG H . -11.56 -28.28 -22.31
C3 NAG H . -12.18 -29.47 -23.04
C4 NAG H . -11.38 -29.79 -24.29
C5 NAG H . -9.90 -29.97 -23.95
C6 NAG H . -9.03 -30.18 -25.17
C7 NAG H . -12.89 -26.89 -20.79
C8 NAG H . -13.58 -26.80 -19.46
N2 NAG H . -12.27 -28.03 -21.06
O3 NAG H . -13.52 -29.19 -23.38
O4 NAG H . -11.88 -30.98 -24.90
O5 NAG H . -9.42 -28.79 -23.29
O6 NAG H . -7.65 -30.15 -24.82
O7 NAG H . -12.91 -25.95 -21.58
C1 BMA H . -12.39 -30.64 -26.22
C2 BMA H . -12.39 -31.91 -27.06
C3 BMA H . -12.93 -31.60 -28.45
C4 BMA H . -14.31 -30.98 -28.34
C5 BMA H . -14.24 -29.74 -27.45
C6 BMA H . -15.58 -29.10 -27.21
O2 BMA H . -13.20 -32.91 -26.43
O3 BMA H . -13.01 -32.80 -29.23
O4 BMA H . -14.77 -30.58 -29.63
O5 BMA H . -13.72 -30.11 -26.16
O6 BMA H . -16.49 -30.01 -26.59
C1 MAN H . -11.68 -33.15 -29.67
C2 MAN H . -11.74 -33.51 -31.16
C3 MAN H . -12.57 -34.77 -31.35
C4 MAN H . -12.03 -35.90 -30.48
C5 MAN H . -11.96 -35.44 -29.02
C6 MAN H . -11.33 -36.47 -28.11
O2 MAN H . -10.42 -33.72 -31.65
O3 MAN H . -12.55 -35.17 -32.72
O4 MAN H . -12.89 -37.03 -30.56
O5 MAN H . -11.16 -34.25 -28.94
O6 MAN H . -11.32 -36.02 -26.76
C1 MAN H . -17.77 -29.36 -26.46
C2 MAN H . -18.54 -30.07 -25.35
C3 MAN H . -18.83 -31.50 -25.74
C4 MAN H . -19.56 -31.55 -27.07
C5 MAN H . -18.76 -30.79 -28.12
C6 MAN H . -19.48 -30.69 -29.45
O2 MAN H . -19.77 -29.37 -25.10
O3 MAN H . -19.61 -32.14 -24.73
O4 MAN H . -19.72 -32.90 -27.49
O5 MAN H . -18.53 -29.45 -27.67
O6 MAN H . -18.76 -29.89 -30.38
C1 NAG I . -8.15 -4.32 -47.74
C2 NAG I . -6.94 -4.46 -48.65
C3 NAG I . -7.04 -5.76 -49.46
C4 NAG I . -7.23 -6.94 -48.51
C5 NAG I . -8.43 -6.69 -47.61
C6 NAG I . -8.62 -7.78 -46.57
C7 NAG I . -5.81 -2.45 -49.48
C8 NAG I . -5.84 -1.33 -50.47
N2 NAG I . -6.83 -3.31 -49.54
O3 NAG I . -5.85 -5.93 -50.23
O4 NAG I . -7.42 -8.13 -49.26
O5 NAG I . -8.26 -5.47 -46.89
O6 NAG I . -7.46 -7.94 -45.77
O7 NAG I . -4.91 -2.56 -48.65
C1 NAG I . -6.36 -9.05 -49.00
C2 NAG I . -6.88 -10.47 -49.23
C3 NAG I . -5.75 -11.49 -49.03
C4 NAG I . -4.57 -11.13 -49.91
C5 NAG I . -4.13 -9.70 -49.62
C6 NAG I . -3.00 -9.22 -50.51
C7 NAG I . -9.27 -10.52 -48.70
C8 NAG I . -10.31 -10.88 -47.67
N2 NAG I . -8.00 -10.77 -48.36
O3 NAG I . -6.23 -12.79 -49.36
O4 NAG I . -3.47 -12.01 -49.65
O5 NAG I . -5.24 -8.81 -49.85
O6 NAG I . -1.84 -10.04 -50.35
O7 NAG I . -9.57 -10.02 -49.77
C1 NAG J . 15.40 24.51 -1.84
C2 NAG J . 15.38 25.86 -1.14
C3 NAG J . 14.97 26.96 -2.12
C4 NAG J . 15.81 26.91 -3.38
C5 NAG J . 15.83 25.51 -3.97
C6 NAG J . 16.78 25.36 -5.14
C7 NAG J . 14.89 26.16 1.25
C8 NAG J . 13.84 26.10 2.32
N2 NAG J . 14.50 25.84 0.01
O3 NAG J . 15.09 28.22 -1.49
O4 NAG J . 15.27 27.80 -4.35
O5 NAG J . 16.27 24.57 -2.97
O6 NAG J . 16.68 24.08 -5.73
O7 NAG J . 16.04 26.49 1.49
C1 NAG J . 16.16 28.90 -4.63
C2 NAG J . 15.97 29.29 -6.10
C3 NAG J . 16.83 30.50 -6.43
C4 NAG J . 16.55 31.64 -5.47
C5 NAG J . 16.73 31.16 -4.03
C6 NAG J . 16.35 32.19 -3.00
C7 NAG J . 15.37 27.60 -7.78
C8 NAG J . 15.87 26.47 -8.62
N2 NAG J . 16.28 28.18 -6.98
O3 NAG J . 16.57 30.92 -7.77
O4 NAG J . 17.43 32.73 -5.72
O5 NAG J . 15.88 30.02 -3.80
O6 NAG J . 16.63 31.74 -1.68
O7 NAG J . 14.21 27.99 -7.82
C1 BMA J . 16.66 33.90 -6.07
C2 BMA J . 17.53 35.14 -5.82
C3 BMA J . 16.75 36.40 -6.17
C4 BMA J . 16.21 36.32 -7.59
C5 BMA J . 15.44 35.01 -7.81
C6 BMA J . 15.03 34.81 -9.25
O2 BMA J . 18.71 35.05 -6.61
O3 BMA J . 17.59 37.53 -6.04
O4 BMA J . 15.34 37.42 -7.85
O5 BMA J . 16.25 33.89 -7.45
O6 BMA J . 16.17 34.75 -10.09
C1 MAN J . 17.36 38.18 -4.78
C2 MAN J . 17.34 39.68 -5.01
C3 MAN J . 18.71 40.17 -5.45
C4 MAN J . 19.79 39.71 -4.46
C5 MAN J . 19.69 38.20 -4.27
C6 MAN J . 20.66 37.69 -3.22
O2 MAN J . 16.95 40.35 -3.81
O3 MAN J . 18.72 41.59 -5.55
O4 MAN J . 21.07 40.04 -4.97
O5 MAN J . 18.38 37.85 -3.84
O6 MAN J . 20.52 36.28 -3.03
C1 MAN J . 15.76 34.49 -11.45
C2 MAN J . 17.00 34.10 -12.25
C3 MAN J . 17.96 35.27 -12.34
C4 MAN J . 17.26 36.50 -12.89
C5 MAN J . 16.01 36.79 -12.08
C6 MAN J . 15.18 37.93 -12.65
O2 MAN J . 16.61 33.68 -13.56
O3 MAN J . 19.08 34.93 -13.15
O4 MAN J . 18.13 37.62 -12.84
O5 MAN J . 15.16 35.63 -12.06
O6 MAN J . 13.96 38.10 -11.94
C1 NAG K . -16.95 42.16 -3.43
C2 NAG K . -17.25 42.82 -2.09
C3 NAG K . -16.47 44.13 -1.95
C4 NAG K . -14.99 43.89 -2.19
C5 NAG K . -14.79 43.20 -3.54
C6 NAG K . -13.35 42.83 -3.81
C7 NAG K . -19.27 43.20 -0.74
C8 NAG K . -20.75 43.40 -0.77
N2 NAG K . -18.67 43.05 -1.93
O3 NAG K . -16.67 44.68 -0.65
O4 NAG K . -14.29 45.13 -2.20
O5 NAG K . -15.53 41.97 -3.56
O6 NAG K . -12.84 41.94 -2.82
O7 NAG K . -18.64 43.15 0.31
C1 NAG K . -13.38 45.19 -1.08
C2 NAG K . -12.75 46.59 -1.06
C3 NAG K . -11.80 46.71 0.12
C4 NAG K . -12.53 46.37 1.41
C5 NAG K . -13.17 44.99 1.30
C6 NAG K . -14.01 44.63 2.51
C7 NAG K . -12.66 47.53 -3.32
C8 NAG K . -11.81 47.75 -4.54
N2 NAG K . -12.07 46.87 -2.31
O3 NAG K . -11.28 48.04 0.18
O4 NAG K . -11.63 46.39 2.51
O5 NAG K . -14.04 44.94 0.16
O6 NAG K . -13.28 44.80 3.71
O7 NAG K . -13.82 47.92 -3.26
C1 NAG L . -8.81 14.14 -15.81
C2 NAG L . -10.10 14.86 -15.40
C3 NAG L . -10.98 13.94 -14.54
C4 NAG L . -11.25 12.65 -15.28
C5 NAG L . -9.91 11.98 -15.56
C6 NAG L . -10.04 10.68 -16.32
C7 NAG L . -9.91 17.30 -15.25
C8 NAG L . -9.57 18.47 -14.37
N2 NAG L . -9.80 16.09 -14.69
O3 NAG L . -12.20 14.61 -14.25
O4 NAG L . -12.10 11.80 -14.52
O5 NAG L . -9.13 12.86 -16.38
O6 NAG L . -8.76 10.12 -16.60
O7 NAG L . -10.28 17.44 -16.41
C1 NAG L . -13.32 11.61 -15.30
C2 NAG L . -14.23 10.61 -14.60
C3 NAG L . -15.53 10.44 -15.38
C4 NAG L . -16.18 11.79 -15.68
C5 NAG L . -15.16 12.75 -16.30
C6 NAG L . -15.71 14.15 -16.47
C7 NAG L . -12.89 9.01 -13.31
C8 NAG L . -12.25 7.65 -13.30
N2 NAG L . -13.56 9.34 -14.42
O3 NAG L . -16.42 9.61 -14.65
O4 NAG L . -17.26 11.61 -16.59
O5 NAG L . -14.00 12.85 -15.45
O6 NAG L . -16.08 14.72 -15.22
O7 NAG L . -12.80 9.77 -12.35
C1 BMA L . -18.50 11.97 -15.97
C2 BMA L . -19.57 12.09 -17.06
C3 BMA L . -20.92 12.40 -16.46
C4 BMA L . -21.28 11.40 -15.36
C5 BMA L . -20.15 11.33 -14.34
C6 BMA L . -20.37 10.28 -13.28
O2 BMA L . -19.62 10.88 -17.79
O3 BMA L . -21.93 12.37 -17.47
O4 BMA L . -22.48 11.79 -14.71
O5 BMA L . -18.91 11.00 -15.01
O6 BMA L . -19.25 10.17 -12.41
C1 MAN L . -21.74 13.49 -18.37
C2 MAN L . -22.94 14.42 -18.25
C3 MAN L . -24.21 13.70 -18.71
C4 MAN L . -24.01 13.17 -20.12
C5 MAN L . -22.76 12.30 -20.19
C6 MAN L . -22.43 11.86 -21.61
O2 MAN L . -22.72 15.59 -19.03
O3 MAN L . -25.31 14.59 -18.66
O4 MAN L . -25.14 12.40 -20.51
O5 MAN L . -21.62 13.04 -19.72
O6 MAN L . -23.50 11.10 -22.17
C1 MAN L . -19.59 9.30 -11.31
C2 MAN L . -18.52 9.47 -10.24
C3 MAN L . -17.18 8.98 -10.75
C4 MAN L . -17.30 7.54 -11.25
C5 MAN L . -18.42 7.43 -12.27
C6 MAN L . -18.69 6.02 -12.71
O2 MAN L . -18.89 8.73 -9.07
O3 MAN L . -16.19 9.07 -9.73
O4 MAN L . -16.07 7.12 -11.83
O5 MAN L . -19.64 7.93 -11.72
O6 MAN L . -19.79 5.94 -13.60
C1 NAG M . -13.20 16.61 20.62
C2 NAG M . -14.41 16.65 21.54
C3 NAG M . -15.36 17.77 21.13
C4 NAG M . -14.63 19.09 20.99
C5 NAG M . -13.41 18.93 20.08
C6 NAG M . -12.56 20.17 20.01
C7 NAG M . -15.48 14.76 22.69
C8 NAG M . -16.19 13.45 22.53
N2 NAG M . -15.10 15.36 21.57
O3 NAG M . -16.40 17.88 22.10
O4 NAG M . -15.49 20.05 20.39
O5 NAG M . -12.57 17.89 20.60
O6 NAG M . -11.39 19.95 19.23
O7 NAG M . -15.27 15.25 23.80
C1 NAG M . -15.87 21.09 21.30
C2 NAG M . -16.03 22.38 20.49
C3 NAG M . -16.51 23.52 21.37
C4 NAG M . -17.79 23.11 22.08
C5 NAG M . -17.56 21.81 22.86
C6 NAG M . -18.81 21.29 23.53
C7 NAG M . -14.60 22.74 18.52
C8 NAG M . -13.24 23.12 18.03
N2 NAG M . -14.77 22.74 19.85
O3 NAG M . -16.74 24.67 20.58
O4 NAG M . -18.22 24.14 22.97
O5 NAG M . -17.10 20.79 21.95
O6 NAG M . -18.51 20.17 24.36
O7 NAG M . -15.51 22.43 17.75
C1 BMA M . -19.49 24.65 22.50
C2 BMA M . -20.23 25.27 23.68
C3 BMA M . -21.56 25.85 23.24
C4 BMA M . -21.33 26.84 22.10
C5 BMA M . -20.54 26.17 20.97
C6 BMA M . -20.19 27.12 19.86
O2 BMA M . -19.42 26.27 24.29
O3 BMA M . -22.19 26.52 24.32
O4 BMA M . -22.59 27.29 21.59
O5 BMA M . -19.31 25.65 21.49
O6 BMA M . -19.52 28.28 20.36
C1 MAN M . -22.63 25.55 25.30
C2 MAN M . -24.09 25.82 25.64
C3 MAN M . -24.22 27.17 26.33
C4 MAN M . -23.30 27.23 27.54
C5 MAN M . -21.87 26.91 27.12
C6 MAN M . -20.90 26.85 28.29
O2 MAN M . -24.58 24.79 26.48
O3 MAN M . -25.57 27.38 26.75
O4 MAN M . -23.33 28.53 28.12
O5 MAN M . -21.83 25.62 26.48
O6 MAN M . -19.62 26.41 27.87
C1 MAN M . -19.32 29.22 19.29
C2 MAN M . -18.24 30.21 19.73
C3 MAN M . -18.73 31.06 20.90
C4 MAN M . -20.07 31.70 20.57
C5 MAN M . -21.07 30.64 20.10
C6 MAN M . -22.38 31.23 19.65
O2 MAN M . -17.89 31.05 18.64
O3 MAN M . -17.77 32.05 21.22
O4 MAN M . -20.58 32.36 21.72
O5 MAN M . -20.53 29.93 18.98
O6 MAN M . -23.29 30.22 19.23
C1 NAG N . -44.71 13.69 1.97
C2 NAG N . -45.73 12.74 2.59
C3 NAG N . -46.25 13.31 3.91
C4 NAG N . -45.08 13.65 4.84
C5 NAG N . -44.05 14.53 4.12
C6 NAG N . -42.80 14.76 4.93
C7 NAG N . -47.31 11.25 1.45
C8 NAG N . -48.47 11.16 0.50
N2 NAG N . -46.84 12.48 1.69
O3 NAG N . -47.11 12.37 4.54
O4 NAG N . -45.55 14.33 6.00
O5 NAG N . -43.64 13.90 2.89
O6 NAG N . -42.18 13.54 5.30
O7 NAG N . -46.83 10.26 1.99
C1 NAG N . -45.28 13.50 7.16
C2 NAG N . -45.40 14.36 8.41
C3 NAG N . -45.17 13.52 9.66
C4 NAG N . -46.09 12.32 9.66
C5 NAG N . -45.93 11.53 8.36
C6 NAG N . -46.89 10.38 8.23
C7 NAG N . -44.77 16.64 7.76
C8 NAG N . -43.70 17.70 7.81
N2 NAG N . -44.48 15.49 8.38
O3 NAG N . -45.38 14.31 10.82
O4 NAG N . -45.79 11.46 10.75
O5 NAG N . -46.19 12.40 7.23
O6 NAG N . -46.72 9.44 9.29
O7 NAG N . -45.85 16.84 7.21
N ABU O . -23.13 -14.66 -20.62
CD ABU O . -23.60 -14.08 -19.34
CB ABU O . -25.07 -14.35 -19.12
CG ABU O . -25.54 -13.84 -17.76
C ABU O . -26.80 -14.52 -17.25
O ABU O . -27.15 -15.59 -17.77
OXT ABU O . -27.40 -13.95 -16.31
N ABU P . 5.91 23.94 -19.00
CD ABU P . 5.26 23.48 -20.26
CB ABU P . 6.29 23.05 -21.28
CG ABU P . 5.62 22.56 -22.56
C ABU P . 6.57 21.92 -23.56
O ABU P . 6.68 20.67 -23.51
OXT ABU P . 7.19 22.66 -24.34
#